data_8RH8
#
_entry.id   8RH8
#
_cell.length_a   1.00
_cell.length_b   1.00
_cell.length_c   1.00
_cell.angle_alpha   90.00
_cell.angle_beta   90.00
_cell.angle_gamma   90.00
#
_symmetry.space_group_name_H-M   'P 1'
#
loop_
_entity.id
_entity.type
_entity.pdbx_description
1 polymer 'Gamma-aminobutyric acid receptor subunit rho-1'
2 non-polymer 'GAMMA-AMINO-BUTANOIC ACID'
3 non-polymer 2-acetamido-2-deoxy-beta-D-glucopyranose
4 non-polymer HEXANE
5 non-polymer N-OCTANE
6 non-polymer 'CHLORIDE ION'
7 water water
#
_entity_poly.entity_id   1
_entity_poly.type   'polypeptide(L)'
_entity_poly.pdbx_seq_one_letter_code
;MLAVPNMRFGIFLLWWGWVLATESRMHWPGREVHEMSKKGRPQRQRREVHEDAHKQVSPILRRSPDITKSPLTKSEQLLR
IDDHDFSMRPGFGGPAIPVGVDVQVESLDSISEVDMDFTMTLYLRHYWKDERLSFPSTNNLSMTFDGRLVKKIWVPDMFF
VHSKRSFIHDTTTDNVMLRVQPDGKVLYSLRVTVTAMCNMDFSRFPLDTQTCSLEIESYAYTEDDLMLYWKKGNDSLKTD
ERISLSQFLIQEFHTTTKLAFYSSTGWYNRLYINFTLRRHIFFFLLQTYFPATLMVMLSWVSFWIDRRAVPARVPLGITT
VLTMSTIITGVNASMPRVSYIKAVDIYLWVSFVFVFLSVLEYAAVNYLTTVQERKEQKLREKLPCTSGLPPPRTAMLDGN
YSDGEVNDLDNYMPENGEKPDRMMVQLTLASERSSPQRKSQRSSYVSMRIDTHAIDKYSRIIFPAAYILFNLIYWSIFS
;
_entity_poly.pdbx_strand_id   A,E,B,C,D
#
# COMPACT_ATOMS: atom_id res chain seq x y z
N LEU A 78 4.05 48.16 17.85
CA LEU A 78 5.01 48.78 16.93
C LEU A 78 4.40 48.96 15.54
N LEU A 79 4.00 47.86 14.89
CA LEU A 79 3.33 47.96 13.60
C LEU A 79 1.87 48.34 13.80
N ARG A 80 1.41 49.34 13.05
CA ARG A 80 0.03 49.81 13.18
C ARG A 80 -0.88 48.91 12.38
N ILE A 81 -1.19 47.75 12.94
CA ILE A 81 -2.01 46.77 12.22
C ILE A 81 -3.50 47.13 12.25
N ASP A 82 -3.96 47.80 13.31
CA ASP A 82 -5.39 48.10 13.48
C ASP A 82 -5.89 49.24 12.60
N ASP A 83 -4.99 49.98 11.93
CA ASP A 83 -5.38 51.22 11.26
C ASP A 83 -5.91 51.01 9.83
N HIS A 84 -5.69 49.84 9.21
CA HIS A 84 -5.77 49.70 7.76
C HIS A 84 -6.66 48.52 7.34
N ASP A 85 -7.09 48.53 6.06
CA ASP A 85 -7.90 47.44 5.51
C ASP A 85 -7.01 46.59 4.62
N PHE A 86 -6.50 45.49 5.17
CA PHE A 86 -5.60 44.60 4.45
C PHE A 86 -6.34 43.56 3.61
N SER A 87 -7.62 43.76 3.32
CA SER A 87 -8.24 43.04 2.21
C SER A 87 -7.86 43.61 0.84
N MET A 88 -7.20 44.76 0.79
CA MET A 88 -6.82 45.40 -0.46
C MET A 88 -5.30 45.48 -0.58
N ARG A 89 -4.80 45.25 -1.80
CA ARG A 89 -3.38 45.21 -2.09
C ARG A 89 -2.77 46.61 -2.01
N PRO A 90 -1.45 46.70 -1.86
CA PRO A 90 -0.80 48.01 -1.99
C PRO A 90 -0.97 48.55 -3.40
N GLY A 91 -1.39 49.80 -3.51
CA GLY A 91 -1.58 50.34 -4.83
C GLY A 91 -2.92 50.05 -5.48
N PHE A 92 -3.90 49.63 -4.68
CA PHE A 92 -5.20 49.18 -5.17
C PHE A 92 -5.88 50.29 -5.95
N GLY A 93 -6.33 49.98 -7.16
CA GLY A 93 -6.92 50.96 -8.04
C GLY A 93 -5.95 51.81 -8.84
N GLY A 94 -4.66 51.43 -8.84
CA GLY A 94 -3.63 52.11 -9.60
C GLY A 94 -2.71 51.06 -10.17
N PRO A 95 -1.46 51.42 -10.49
CA PRO A 95 -0.60 50.48 -11.22
C PRO A 95 -0.26 49.19 -10.45
N ALA A 96 0.40 48.26 -11.15
CA ALA A 96 0.66 46.93 -10.62
C ALA A 96 1.77 46.97 -9.57
N ILE A 97 1.70 46.04 -8.63
CA ILE A 97 2.73 45.95 -7.58
C ILE A 97 3.80 44.95 -8.04
N PRO A 98 5.08 45.32 -7.97
CA PRO A 98 6.14 44.36 -8.31
C PRO A 98 6.46 43.45 -7.14
N VAL A 99 6.55 42.14 -7.42
CA VAL A 99 6.92 41.14 -6.42
C VAL A 99 8.09 40.31 -6.97
N GLY A 100 9.20 40.29 -6.24
CA GLY A 100 10.35 39.49 -6.63
C GLY A 100 10.50 38.21 -5.83
N VAL A 101 11.10 37.19 -6.46
CA VAL A 101 11.17 35.83 -5.93
C VAL A 101 12.59 35.27 -6.03
N ASP A 102 13.03 34.54 -4.99
CA ASP A 102 14.16 33.61 -5.14
C ASP A 102 13.94 32.35 -4.30
N VAL A 103 14.75 31.31 -4.58
CA VAL A 103 14.45 29.92 -4.19
C VAL A 103 15.75 29.19 -3.84
N GLN A 104 15.68 28.30 -2.83
CA GLN A 104 16.69 27.26 -2.61
C GLN A 104 16.04 25.88 -2.51
N VAL A 105 16.55 24.95 -3.33
CA VAL A 105 16.11 23.55 -3.31
C VAL A 105 16.83 22.79 -2.20
N GLU A 106 16.06 22.12 -1.35
CA GLU A 106 16.66 21.31 -0.28
C GLU A 106 16.79 19.84 -0.66
N SER A 107 15.80 19.27 -1.36
CA SER A 107 15.93 17.88 -1.79
C SER A 107 14.99 17.58 -2.95
N LEU A 108 15.42 16.65 -3.80
CA LEU A 108 14.57 15.99 -4.80
C LEU A 108 14.30 14.60 -4.27
N ASP A 109 13.05 14.33 -3.89
CA ASP A 109 12.70 13.26 -2.96
C ASP A 109 12.39 11.91 -3.62
N SER A 110 11.69 11.86 -4.75
CA SER A 110 11.35 10.58 -5.39
C SER A 110 10.79 10.83 -6.79
N ILE A 111 10.73 9.76 -7.59
CA ILE A 111 10.28 9.80 -8.98
C ILE A 111 9.52 8.50 -9.29
N SER A 112 8.47 8.61 -10.11
CA SER A 112 7.65 7.46 -10.49
C SER A 112 7.39 7.46 -11.98
N GLU A 113 7.74 6.34 -12.64
CA GLU A 113 7.38 6.15 -14.05
C GLU A 113 5.91 5.78 -14.20
N VAL A 114 5.37 5.04 -13.23
CA VAL A 114 4.01 4.55 -13.31
C VAL A 114 3.01 5.69 -13.13
N ASP A 115 3.33 6.64 -12.27
CA ASP A 115 2.48 7.80 -12.06
C ASP A 115 2.91 9.02 -12.88
N MET A 116 4.14 8.99 -13.40
CA MET A 116 4.74 10.09 -14.17
C MET A 116 4.75 11.40 -13.37
N ASP A 117 5.51 11.37 -12.27
CA ASP A 117 5.60 12.56 -11.42
C ASP A 117 6.88 12.51 -10.58
N PHE A 118 7.17 13.63 -9.90
CA PHE A 118 8.33 13.76 -9.02
C PHE A 118 7.96 14.63 -7.82
N THR A 119 8.72 14.51 -6.73
CA THR A 119 8.47 15.24 -5.49
C THR A 119 9.70 16.07 -5.09
N MET A 120 9.48 17.32 -4.66
CA MET A 120 10.57 18.25 -4.34
C MET A 120 10.27 19.01 -3.06
N THR A 121 11.31 19.29 -2.26
CA THR A 121 11.19 20.11 -1.04
C THR A 121 12.09 21.34 -1.16
N LEU A 122 11.56 22.53 -0.84
CA LEU A 122 12.28 23.76 -1.13
C LEU A 122 11.95 24.88 -0.15
N TYR A 123 12.81 25.92 -0.14
CA TYR A 123 12.55 27.18 0.55
C TYR A 123 12.22 28.26 -0.47
N LEU A 124 11.13 29.00 -0.23
CA LEU A 124 10.59 29.98 -1.19
C LEU A 124 10.41 31.35 -0.54
N ARG A 125 10.85 32.41 -1.25
CA ARG A 125 11.02 33.74 -0.66
C ARG A 125 10.41 34.84 -1.52
N HIS A 126 9.81 35.86 -0.88
CA HIS A 126 9.09 36.95 -1.55
C HIS A 126 9.59 38.32 -1.06
N TYR A 127 9.61 39.29 -1.98
CA TYR A 127 10.07 40.64 -1.67
C TYR A 127 9.16 41.73 -2.24
N TRP A 128 8.69 42.66 -1.40
CA TRP A 128 7.85 43.79 -1.83
C TRP A 128 7.90 44.91 -0.79
N LYS A 129 7.27 46.04 -1.14
CA LYS A 129 7.15 47.22 -0.28
C LYS A 129 5.68 47.60 -0.01
N ASP A 130 5.37 47.89 1.26
CA ASP A 130 4.05 48.37 1.67
C ASP A 130 4.25 49.41 2.78
N GLU A 131 3.90 50.67 2.48
CA GLU A 131 4.12 51.77 3.40
C GLU A 131 3.18 51.72 4.60
N ARG A 132 2.18 50.84 4.58
CA ARG A 132 1.28 50.73 5.72
C ARG A 132 2.00 50.02 6.87
N LEU A 133 3.14 49.39 6.58
CA LEU A 133 3.96 48.70 7.56
C LEU A 133 5.21 49.48 8.00
N SER A 134 5.28 50.77 7.71
CA SER A 134 6.42 51.60 8.12
C SER A 134 6.40 51.84 9.63
N PHE A 135 7.60 51.98 10.21
CA PHE A 135 7.75 52.27 11.64
C PHE A 135 9.01 53.08 11.91
N PRO A 136 9.07 53.80 13.05
CA PRO A 136 10.22 54.69 13.26
C PRO A 136 11.35 54.01 14.02
N SER A 137 12.59 54.38 13.66
CA SER A 137 13.78 53.87 14.34
C SER A 137 14.97 54.72 13.96
N THR A 138 16.02 54.64 14.78
CA THR A 138 17.26 55.38 14.48
C THR A 138 18.32 54.54 13.77
N ASN A 139 18.19 53.21 13.78
CA ASN A 139 19.25 52.34 13.29
C ASN A 139 19.15 52.02 11.80
N ASN A 140 17.97 52.17 11.19
CA ASN A 140 17.71 51.87 9.77
C ASN A 140 17.91 50.39 9.42
N LEU A 141 17.77 49.49 10.41
CA LEU A 141 17.99 48.06 10.22
C LEU A 141 16.68 47.27 10.15
N SER A 142 16.79 46.03 9.67
CA SER A 142 15.63 45.15 9.52
C SER A 142 15.34 44.40 10.81
N MET A 143 14.05 44.13 11.07
CA MET A 143 13.59 43.51 12.32
C MET A 143 12.75 42.26 12.02
N THR A 144 12.93 41.21 12.83
CA THR A 144 12.11 39.99 12.75
C THR A 144 10.93 39.98 13.72
N PHE A 145 9.79 39.43 13.26
CA PHE A 145 8.54 39.39 14.00
C PHE A 145 8.03 37.95 14.14
N ASP A 146 7.09 37.74 15.08
CA ASP A 146 6.80 36.39 15.61
C ASP A 146 6.35 35.39 14.55
N GLY A 147 5.51 35.82 13.62
CA GLY A 147 4.94 34.92 12.64
C GLY A 147 3.43 34.82 12.68
N ARG A 148 2.81 35.18 13.81
CA ARG A 148 1.35 35.18 13.88
C ARG A 148 0.74 36.40 13.20
N LEU A 149 1.57 37.38 12.83
CA LEU A 149 1.08 38.58 12.15
C LEU A 149 0.78 38.33 10.68
N VAL A 150 1.28 37.23 10.12
CA VAL A 150 1.18 37.00 8.68
C VAL A 150 -0.28 36.91 8.23
N LYS A 151 -1.15 36.54 9.15
CA LYS A 151 -2.56 36.33 8.95
C LYS A 151 -3.37 37.61 9.11
N LYS A 152 -2.71 38.71 9.48
CA LYS A 152 -3.37 39.99 9.68
C LYS A 152 -3.12 40.95 8.53
N ILE A 153 -1.88 41.03 8.05
CA ILE A 153 -1.43 41.83 6.90
C ILE A 153 -1.77 41.18 5.57
N TRP A 154 -1.53 41.93 4.48
CA TRP A 154 -1.65 41.43 3.11
C TRP A 154 -0.39 40.68 2.69
N VAL A 155 -0.58 39.62 1.90
CA VAL A 155 0.52 38.77 1.44
C VAL A 155 0.25 38.26 0.02
N PRO A 156 1.27 38.10 -0.84
CA PRO A 156 1.02 37.60 -2.21
C PRO A 156 0.53 36.14 -2.24
N ASP A 157 -0.06 35.75 -3.37
CA ASP A 157 -0.87 34.51 -3.45
C ASP A 157 -0.36 33.47 -4.44
N MET A 158 0.89 33.01 -4.30
CA MET A 158 1.48 32.11 -5.29
C MET A 158 0.96 30.68 -5.16
N PHE A 159 0.89 29.97 -6.30
CA PHE A 159 0.51 28.56 -6.33
C PHE A 159 1.36 27.83 -7.37
N PHE A 160 1.46 26.51 -7.19
CA PHE A 160 2.26 25.66 -8.06
C PHE A 160 1.38 25.06 -9.17
N VAL A 161 1.60 25.48 -10.41
CA VAL A 161 0.77 25.03 -11.53
C VAL A 161 1.10 23.60 -11.92
N HIS A 162 0.06 22.88 -12.35
CA HIS A 162 0.06 21.47 -12.74
C HIS A 162 0.53 20.53 -11.63
N SER A 163 0.33 20.90 -10.36
CA SER A 163 0.77 20.07 -9.25
C SER A 163 -0.33 19.13 -8.78
N LYS A 164 0.08 17.99 -8.21
CA LYS A 164 -0.85 16.97 -7.75
C LYS A 164 -1.25 17.21 -6.29
N ARG A 165 -0.26 17.49 -5.42
CA ARG A 165 -0.50 17.78 -4.01
C ARG A 165 0.70 18.54 -3.44
N SER A 166 0.49 19.26 -2.33
CA SER A 166 1.57 19.96 -1.62
C SER A 166 1.15 20.29 -0.19
N PHE A 167 2.14 20.59 0.67
CA PHE A 167 1.85 21.16 1.99
C PHE A 167 2.97 22.06 2.53
N ILE A 168 2.62 22.85 3.55
CA ILE A 168 3.57 23.66 4.33
C ILE A 168 3.84 22.97 5.66
N HIS A 169 5.12 22.91 6.07
CA HIS A 169 5.50 22.20 7.30
C HIS A 169 5.12 23.00 8.56
N ASP A 170 4.77 22.27 9.64
CA ASP A 170 4.21 22.93 10.83
C ASP A 170 4.61 22.31 12.17
N THR A 171 5.81 21.74 12.31
CA THR A 171 6.35 21.31 13.60
C THR A 171 7.73 21.95 13.75
N THR A 172 7.98 22.64 14.87
CA THR A 172 7.15 22.71 16.08
C THR A 172 6.06 23.78 16.00
N THR A 173 6.20 24.66 15.01
CA THR A 173 5.19 25.66 14.63
C THR A 173 5.24 25.79 13.12
N ASP A 174 4.51 26.77 12.58
CA ASP A 174 4.50 26.97 11.14
C ASP A 174 5.90 27.41 10.72
N ASN A 175 6.43 26.79 9.68
CA ASN A 175 7.79 27.12 9.23
C ASN A 175 7.74 28.34 8.30
N VAL A 176 7.60 29.51 8.93
CA VAL A 176 7.32 30.78 8.26
C VAL A 176 8.16 31.89 8.89
N MET A 177 8.58 32.87 8.08
CA MET A 177 9.44 33.96 8.54
C MET A 177 8.99 35.30 7.95
N LEU A 178 9.00 36.35 8.78
CA LEU A 178 8.59 37.69 8.34
C LEU A 178 9.58 38.71 8.88
N ARG A 179 10.18 39.48 7.97
CA ARG A 179 11.14 40.55 8.33
C ARG A 179 10.73 41.87 7.67
N VAL A 180 10.81 42.99 8.39
CA VAL A 180 10.36 44.30 7.90
C VAL A 180 11.38 45.38 8.24
N GLN A 181 11.58 46.31 7.29
CA GLN A 181 12.43 47.50 7.42
C GLN A 181 11.59 48.74 7.70
N PRO A 182 12.18 49.72 8.38
CA PRO A 182 11.44 50.95 8.76
C PRO A 182 10.69 51.67 7.63
N ASP A 183 11.19 51.68 6.39
CA ASP A 183 10.44 52.24 5.26
C ASP A 183 9.34 51.35 4.68
N GLY A 184 9.05 50.20 5.28
CA GLY A 184 8.02 49.30 4.79
C GLY A 184 8.42 48.24 3.78
N LYS A 185 9.71 48.01 3.53
CA LYS A 185 10.12 46.86 2.72
C LYS A 185 9.95 45.56 3.51
N VAL A 186 9.45 44.53 2.81
CA VAL A 186 9.07 43.27 3.47
C VAL A 186 9.83 42.10 2.85
N LEU A 187 10.29 41.16 3.69
CA LEU A 187 10.80 39.86 3.25
C LEU A 187 9.99 38.77 3.93
N TYR A 188 9.54 37.78 3.16
CA TYR A 188 8.63 36.73 3.61
C TYR A 188 9.13 35.39 3.08
N SER A 189 9.18 34.37 3.95
CA SER A 189 9.75 33.07 3.56
C SER A 189 9.01 31.90 4.19
N LEU A 190 8.91 30.79 3.45
CA LEU A 190 8.30 29.56 3.97
C LEU A 190 8.88 28.32 3.27
N ARG A 191 8.80 27.18 3.97
CA ARG A 191 9.27 25.85 3.56
C ARG A 191 8.11 24.93 3.12
N VAL A 192 8.23 24.30 1.94
CA VAL A 192 7.15 23.52 1.33
C VAL A 192 7.65 22.27 0.61
N THR A 193 6.78 21.27 0.49
CA THR A 193 6.98 20.06 -0.31
C THR A 193 5.90 19.96 -1.39
N VAL A 194 6.30 19.62 -2.62
CA VAL A 194 5.42 19.62 -3.78
C VAL A 194 5.57 18.33 -4.58
N THR A 195 4.47 17.80 -5.10
CA THR A 195 4.49 16.70 -6.07
C THR A 195 3.89 17.19 -7.38
N ALA A 196 4.62 16.99 -8.49
CA ALA A 196 4.31 17.65 -9.76
C ALA A 196 4.37 16.71 -10.95
N MET A 197 3.59 17.06 -11.98
CA MET A 197 3.43 16.26 -13.19
C MET A 197 4.65 16.35 -14.10
N CYS A 198 5.00 15.22 -14.73
CA CYS A 198 6.13 15.19 -15.68
C CYS A 198 5.92 14.09 -16.71
N ASN A 199 5.75 14.49 -17.97
CA ASN A 199 5.52 13.57 -19.08
C ASN A 199 6.84 12.93 -19.54
N MET A 200 6.83 11.61 -19.67
CA MET A 200 8.03 10.81 -19.86
C MET A 200 7.96 9.97 -21.14
N ASP A 201 9.09 9.82 -21.83
CA ASP A 201 9.21 9.06 -23.07
C ASP A 201 10.15 7.88 -22.80
N PHE A 202 9.67 6.67 -23.07
CA PHE A 202 10.41 5.45 -22.73
C PHE A 202 10.87 4.66 -23.95
N SER A 203 10.90 5.28 -25.14
CA SER A 203 11.27 4.54 -26.34
C SER A 203 12.71 4.04 -26.29
N ARG A 204 13.58 4.72 -25.54
CA ARG A 204 14.97 4.32 -25.41
C ARG A 204 15.29 3.70 -24.05
N PHE A 205 14.27 3.40 -23.25
CA PHE A 205 14.46 2.85 -21.91
C PHE A 205 15.17 1.50 -21.98
N PRO A 206 16.15 1.22 -21.09
CA PRO A 206 16.64 2.00 -19.93
C PRO A 206 17.76 2.99 -20.22
N LEU A 207 18.05 3.29 -21.49
CA LEU A 207 19.13 4.23 -21.82
C LEU A 207 18.60 5.64 -22.10
N ASP A 208 17.62 6.09 -21.33
CA ASP A 208 16.84 7.28 -21.62
C ASP A 208 17.34 8.50 -20.82
N THR A 209 16.99 9.69 -21.31
CA THR A 209 17.20 10.97 -20.62
C THR A 209 15.86 11.70 -20.54
N GLN A 210 15.56 12.31 -19.39
CA GLN A 210 14.28 13.01 -19.20
C GLN A 210 14.50 14.45 -18.75
N THR A 211 13.56 15.34 -19.06
CA THR A 211 13.70 16.72 -18.61
C THR A 211 12.43 17.16 -17.90
N CYS A 212 12.56 18.02 -16.88
CA CYS A 212 11.48 18.30 -15.93
C CYS A 212 11.45 19.78 -15.58
N SER A 213 10.31 20.24 -15.07
CA SER A 213 10.15 21.62 -14.61
C SER A 213 9.05 21.78 -13.55
N LEU A 214 9.23 22.80 -12.71
CA LEU A 214 8.29 23.24 -11.68
C LEU A 214 7.81 24.66 -12.01
N GLU A 215 6.49 24.88 -11.97
CA GLU A 215 5.86 26.11 -12.47
C GLU A 215 5.23 26.91 -11.33
N ILE A 216 5.38 28.25 -11.36
CA ILE A 216 4.94 29.12 -10.27
C ILE A 216 4.18 30.33 -10.84
N GLU A 217 3.06 30.70 -10.19
CA GLU A 217 2.09 31.64 -10.74
C GLU A 217 1.24 32.23 -9.61
N SER A 218 0.69 33.43 -9.84
CA SER A 218 -0.28 34.02 -8.92
C SER A 218 -1.70 33.56 -9.27
N TYR A 219 -2.52 33.31 -8.25
CA TYR A 219 -3.83 32.75 -8.54
C TYR A 219 -4.83 33.84 -8.96
N ALA A 220 -4.90 34.94 -8.21
CA ALA A 220 -6.03 35.85 -8.39
C ALA A 220 -5.74 37.09 -9.22
N TYR A 221 -4.48 37.48 -9.39
CA TYR A 221 -4.15 38.81 -9.89
C TYR A 221 -3.47 38.71 -11.26
N THR A 222 -3.98 39.46 -12.23
CA THR A 222 -3.40 39.46 -13.57
C THR A 222 -2.22 40.44 -13.65
N GLU A 223 -1.50 40.38 -14.78
CA GLU A 223 -0.36 41.26 -15.00
C GLU A 223 -0.71 42.74 -14.93
N ASP A 224 -2.00 43.10 -14.95
CA ASP A 224 -2.39 44.49 -14.73
C ASP A 224 -2.38 44.89 -13.27
N ASP A 225 -2.36 43.93 -12.34
CA ASP A 225 -2.35 44.24 -10.92
C ASP A 225 -1.12 43.74 -10.18
N LEU A 226 -0.48 42.65 -10.65
CA LEU A 226 0.73 42.16 -10.00
C LEU A 226 1.77 41.79 -11.03
N MET A 227 3.03 42.17 -10.78
CA MET A 227 4.15 41.90 -11.67
C MET A 227 5.15 40.99 -10.96
N LEU A 228 5.40 39.81 -11.53
CA LEU A 228 6.17 38.75 -10.89
C LEU A 228 7.46 38.47 -11.66
N TYR A 229 8.60 38.46 -10.96
CA TYR A 229 9.91 38.32 -11.61
C TYR A 229 10.93 37.69 -10.67
N TRP A 230 11.97 37.10 -11.27
CA TRP A 230 13.11 36.57 -10.52
C TRP A 230 13.96 37.72 -9.95
N LYS A 231 14.23 37.65 -8.63
CA LYS A 231 14.76 38.80 -7.90
C LYS A 231 16.16 39.21 -8.34
N LYS A 232 17.00 38.25 -8.72
CA LYS A 232 18.39 38.52 -9.04
C LYS A 232 18.79 37.90 -10.37
N GLY A 233 17.84 37.77 -11.30
CA GLY A 233 18.14 37.12 -12.56
C GLY A 233 18.50 35.66 -12.38
N ASN A 234 19.53 35.22 -13.12
CA ASN A 234 19.92 33.81 -13.08
C ASN A 234 20.50 33.39 -11.73
N ASP A 235 20.89 34.33 -10.87
CA ASP A 235 21.45 34.00 -9.57
C ASP A 235 20.36 33.70 -8.54
N SER A 236 19.10 33.62 -8.96
CA SER A 236 17.98 33.48 -8.02
C SER A 236 17.70 32.04 -7.60
N LEU A 237 18.45 31.06 -8.10
CA LEU A 237 18.27 29.66 -7.73
C LEU A 237 19.55 29.08 -7.15
N LYS A 238 19.43 28.53 -5.94
CA LYS A 238 20.48 27.82 -5.21
C LYS A 238 20.04 26.38 -4.94
N THR A 239 21.03 25.49 -4.77
CA THR A 239 20.78 24.06 -4.60
C THR A 239 21.66 23.48 -3.51
N ASP A 240 21.08 22.60 -2.68
CA ASP A 240 21.77 21.96 -1.57
C ASP A 240 22.81 20.95 -2.06
N GLU A 241 23.99 20.95 -1.44
CA GLU A 241 25.06 20.08 -1.89
C GLU A 241 24.79 18.61 -1.59
N ARG A 242 23.79 18.30 -0.76
CA ARG A 242 23.46 16.92 -0.40
C ARG A 242 22.52 16.24 -1.38
N ILE A 243 22.07 16.91 -2.45
CA ILE A 243 20.99 16.38 -3.28
C ILE A 243 21.50 15.21 -4.12
N SER A 244 20.74 14.11 -4.12
CA SER A 244 21.16 12.87 -4.75
C SER A 244 19.96 11.94 -4.98
N LEU A 245 20.07 11.10 -6.02
CA LEU A 245 19.13 10.02 -6.30
C LEU A 245 19.92 8.76 -6.61
N SER A 246 19.45 7.60 -6.12
CA SER A 246 20.24 6.39 -6.31
C SER A 246 20.26 5.91 -7.76
N GLN A 247 19.29 6.30 -8.57
CA GLN A 247 19.12 5.76 -9.92
C GLN A 247 19.45 6.75 -11.03
N PHE A 248 19.56 8.05 -10.73
CA PHE A 248 19.73 9.08 -11.75
C PHE A 248 20.91 9.98 -11.41
N LEU A 249 21.59 10.43 -12.46
CA LEU A 249 22.45 11.61 -12.41
C LEU A 249 21.61 12.86 -12.68
N ILE A 250 21.74 13.88 -11.82
CA ILE A 250 20.97 15.13 -11.94
C ILE A 250 21.89 16.22 -12.50
N GLN A 251 21.39 17.00 -13.47
CA GLN A 251 22.18 18.04 -14.12
C GLN A 251 21.30 19.17 -14.66
N GLU A 252 21.96 20.31 -14.94
CA GLU A 252 21.43 21.39 -15.80
C GLU A 252 20.27 22.16 -15.16
N PHE A 253 20.42 22.53 -13.89
CA PHE A 253 19.43 23.38 -13.21
C PHE A 253 19.47 24.82 -13.77
N HIS A 254 18.32 25.35 -14.22
CA HIS A 254 18.24 26.74 -14.67
C HIS A 254 16.79 27.24 -14.66
N THR A 255 16.60 28.57 -14.77
CA THR A 255 15.30 29.23 -14.62
C THR A 255 14.90 30.03 -15.86
N THR A 256 13.58 30.11 -16.14
CA THR A 256 13.03 30.86 -17.28
C THR A 256 11.68 31.50 -16.91
N THR A 257 11.12 32.30 -17.85
CA THR A 257 9.86 33.02 -17.68
C THR A 257 9.01 32.98 -18.95
N LYS A 258 7.68 33.01 -18.80
CA LYS A 258 6.75 33.05 -19.93
C LYS A 258 5.40 33.61 -19.48
N LEU A 259 4.66 34.18 -20.43
CA LEU A 259 3.30 34.67 -20.18
C LEU A 259 2.26 33.60 -20.52
N ALA A 260 1.19 33.55 -19.73
CA ALA A 260 0.13 32.56 -19.87
C ALA A 260 -1.25 33.22 -19.94
N PHE A 261 -2.19 32.56 -20.63
CA PHE A 261 -3.51 33.12 -20.92
C PHE A 261 -4.61 32.14 -20.54
N TYR A 262 -5.63 32.63 -19.84
CA TYR A 262 -6.85 31.87 -19.55
C TYR A 262 -8.02 32.63 -20.15
N SER A 263 -8.87 31.92 -20.91
CA SER A 263 -9.89 32.56 -21.72
C SER A 263 -10.87 33.38 -20.88
N SER A 264 -11.25 32.87 -19.71
CA SER A 264 -12.27 33.53 -18.92
C SER A 264 -11.72 34.64 -18.04
N THR A 265 -10.41 34.67 -17.78
CA THR A 265 -9.88 35.51 -16.69
C THR A 265 -8.67 36.38 -17.05
N GLY A 266 -7.89 36.09 -18.08
CA GLY A 266 -6.84 37.02 -18.48
C GLY A 266 -5.40 36.53 -18.58
N TRP A 267 -4.44 37.45 -18.53
CA TRP A 267 -3.02 37.19 -18.76
C TRP A 267 -2.22 37.19 -17.45
N TYR A 268 -1.24 36.28 -17.34
CA TYR A 268 -0.49 36.08 -16.10
C TYR A 268 0.99 35.79 -16.37
N ASN A 269 1.87 36.19 -15.44
CA ASN A 269 3.28 35.87 -15.53
C ASN A 269 3.54 34.53 -14.86
N ARG A 270 4.37 33.67 -15.49
CA ARG A 270 4.71 32.36 -14.95
C ARG A 270 6.21 32.16 -14.93
N LEU A 271 6.74 31.69 -13.79
CA LEU A 271 8.16 31.38 -13.63
C LEU A 271 8.41 29.87 -13.68
N TYR A 272 9.59 29.49 -14.16
CA TYR A 272 9.95 28.09 -14.40
C TYR A 272 11.29 27.72 -13.75
N ILE A 273 11.34 26.53 -13.14
CA ILE A 273 12.58 25.90 -12.69
C ILE A 273 12.77 24.63 -13.51
N ASN A 274 13.93 24.49 -14.18
CA ASN A 274 14.13 23.38 -15.14
C ASN A 274 15.34 22.52 -14.76
N PHE A 275 15.27 21.21 -15.07
CA PHE A 275 16.39 20.31 -14.80
C PHE A 275 16.33 19.03 -15.64
N THR A 276 17.47 18.31 -15.71
CA THR A 276 17.67 17.12 -16.56
C THR A 276 18.10 15.92 -15.70
N LEU A 277 17.62 14.71 -16.07
CA LEU A 277 17.97 13.44 -15.43
C LEU A 277 18.51 12.41 -16.42
N ARG A 278 19.49 11.61 -15.98
CA ARG A 278 20.08 10.54 -16.79
C ARG A 278 20.19 9.26 -15.94
N ARG A 279 19.67 8.15 -16.47
CA ARG A 279 19.55 6.90 -15.71
C ARG A 279 20.87 6.12 -15.72
N HIS A 280 21.20 5.48 -14.60
CA HIS A 280 22.35 4.55 -14.55
C HIS A 280 21.93 3.19 -15.10
N ILE A 281 22.76 2.61 -15.97
CA ILE A 281 22.35 1.36 -16.64
C ILE A 281 22.85 0.09 -15.94
N PHE A 282 23.77 0.19 -14.98
CA PHE A 282 24.43 -0.99 -14.40
C PHE A 282 23.44 -2.07 -13.96
N PHE A 283 22.41 -1.67 -13.21
CA PHE A 283 21.42 -2.59 -12.68
C PHE A 283 20.80 -3.43 -13.78
N PHE A 284 20.44 -2.78 -14.90
CA PHE A 284 19.76 -3.52 -15.97
C PHE A 284 20.71 -4.45 -16.69
N LEU A 285 21.96 -4.05 -16.96
CA LEU A 285 22.91 -5.02 -17.52
C LEU A 285 22.87 -6.30 -16.70
N LEU A 286 23.14 -6.17 -15.39
CA LEU A 286 23.30 -7.34 -14.53
C LEU A 286 22.00 -8.12 -14.37
N GLN A 287 20.87 -7.42 -14.33
CA GLN A 287 19.58 -7.99 -13.99
C GLN A 287 18.79 -8.48 -15.20
N THR A 288 19.14 -8.06 -16.42
CA THR A 288 18.34 -8.39 -17.60
C THR A 288 19.17 -8.78 -18.81
N TYR A 289 20.22 -8.02 -19.18
CA TYR A 289 20.84 -8.35 -20.47
C TYR A 289 21.72 -9.58 -20.32
N PHE A 290 22.43 -9.71 -19.19
CA PHE A 290 23.33 -10.86 -19.06
C PHE A 290 22.58 -12.20 -19.01
N PRO A 291 21.53 -12.38 -18.21
CA PRO A 291 20.87 -13.70 -18.16
C PRO A 291 20.20 -14.11 -19.48
N ALA A 292 19.64 -13.15 -20.23
CA ALA A 292 19.17 -13.47 -21.58
C ALA A 292 20.30 -14.03 -22.43
N THR A 293 21.45 -13.33 -22.42
CA THR A 293 22.59 -13.78 -23.20
C THR A 293 22.99 -15.19 -22.82
N LEU A 294 22.95 -15.50 -21.52
CA LEU A 294 23.38 -16.81 -21.06
C LEU A 294 22.42 -17.92 -21.51
N MET A 295 21.11 -17.63 -21.53
CA MET A 295 20.18 -18.61 -22.09
C MET A 295 20.48 -18.89 -23.55
N VAL A 296 20.79 -17.84 -24.32
CA VAL A 296 21.07 -18.05 -25.74
C VAL A 296 22.30 -18.95 -25.90
N MET A 297 23.34 -18.71 -25.09
CA MET A 297 24.55 -19.52 -25.16
C MET A 297 24.30 -20.97 -24.70
N LEU A 298 23.39 -21.19 -23.76
CA LEU A 298 23.06 -22.56 -23.41
C LEU A 298 22.44 -23.29 -24.60
N SER A 299 21.57 -22.61 -25.35
CA SER A 299 20.90 -23.33 -26.46
C SER A 299 21.89 -23.84 -27.49
N TRP A 300 23.08 -23.24 -27.56
CA TRP A 300 24.08 -23.65 -28.54
C TRP A 300 24.76 -24.97 -28.19
N VAL A 301 24.82 -25.32 -26.90
CA VAL A 301 25.41 -26.60 -26.49
C VAL A 301 24.80 -27.79 -27.22
N SER A 302 23.53 -27.71 -27.59
CA SER A 302 22.84 -28.83 -28.23
C SER A 302 23.56 -29.29 -29.49
N PHE A 303 24.15 -28.36 -30.25
CA PHE A 303 24.79 -28.68 -31.52
C PHE A 303 26.02 -29.58 -31.36
N TRP A 304 26.52 -29.77 -30.14
CA TRP A 304 27.72 -30.56 -29.87
C TRP A 304 27.40 -31.92 -29.27
N ILE A 305 26.15 -32.36 -29.34
CA ILE A 305 25.68 -33.54 -28.62
C ILE A 305 25.18 -34.54 -29.66
N ASP A 306 25.47 -35.82 -29.44
CA ASP A 306 25.16 -36.90 -30.38
C ASP A 306 23.68 -36.88 -30.76
N ARG A 307 23.41 -36.91 -32.07
CA ARG A 307 22.04 -36.75 -32.58
C ARG A 307 21.13 -37.89 -32.13
N ARG A 308 21.71 -39.01 -31.68
CA ARG A 308 20.92 -40.14 -31.22
C ARG A 308 20.42 -39.99 -29.80
N ALA A 309 20.91 -39.01 -29.03
CA ALA A 309 20.45 -38.82 -27.66
C ALA A 309 19.19 -37.98 -27.63
N VAL A 310 18.09 -38.55 -28.13
CA VAL A 310 16.86 -37.78 -28.30
C VAL A 310 16.34 -37.16 -26.99
N PRO A 311 16.23 -37.92 -25.88
CA PRO A 311 15.64 -37.36 -24.66
C PRO A 311 16.58 -36.45 -23.90
N ALA A 312 17.79 -36.22 -24.39
CA ALA A 312 18.67 -35.17 -23.91
C ALA A 312 18.54 -33.89 -24.72
N ARG A 313 18.63 -33.99 -26.05
CA ARG A 313 18.64 -32.79 -26.88
C ARG A 313 17.28 -32.09 -26.87
N VAL A 314 16.19 -32.81 -26.66
CA VAL A 314 14.88 -32.16 -26.76
C VAL A 314 14.60 -31.27 -25.54
N PRO A 315 14.70 -31.79 -24.31
CA PRO A 315 14.44 -30.92 -23.15
C PRO A 315 15.46 -29.81 -22.96
N LEU A 316 16.69 -29.99 -23.47
CA LEU A 316 17.69 -28.93 -23.40
C LEU A 316 17.22 -27.69 -24.15
N GLY A 317 16.59 -27.87 -25.30
CA GLY A 317 16.01 -26.73 -26.00
C GLY A 317 14.79 -26.18 -25.30
N ILE A 318 13.89 -27.08 -24.89
CA ILE A 318 12.59 -26.61 -24.42
C ILE A 318 12.76 -25.76 -23.16
N THR A 319 13.61 -26.21 -22.23
CA THR A 319 13.74 -25.52 -20.95
C THR A 319 14.27 -24.09 -21.14
N THR A 320 15.13 -23.87 -22.15
CA THR A 320 15.59 -22.50 -22.39
C THR A 320 14.48 -21.63 -22.97
N VAL A 321 13.63 -22.19 -23.85
CA VAL A 321 12.47 -21.42 -24.30
C VAL A 321 11.65 -20.96 -23.08
N LEU A 322 11.37 -21.89 -22.18
CA LEU A 322 10.44 -21.58 -21.11
C LEU A 322 11.08 -20.65 -20.07
N THR A 323 12.41 -20.69 -19.89
CA THR A 323 13.05 -19.69 -19.05
C THR A 323 13.01 -18.29 -19.65
N MET A 324 13.22 -18.19 -20.97
CA MET A 324 13.27 -16.87 -21.61
C MET A 324 11.92 -16.16 -21.44
N SER A 325 10.83 -16.93 -21.48
CA SER A 325 9.52 -16.31 -21.26
C SER A 325 9.39 -15.67 -19.88
N THR A 326 9.95 -16.30 -18.84
CA THR A 326 9.93 -15.74 -17.50
C THR A 326 10.72 -14.43 -17.43
N ILE A 327 11.85 -14.40 -18.14
CA ILE A 327 12.64 -13.16 -18.16
C ILE A 327 11.83 -12.01 -18.77
N ILE A 328 11.18 -12.31 -19.90
CA ILE A 328 10.40 -11.29 -20.60
C ILE A 328 9.26 -10.78 -19.73
N THR A 329 8.62 -11.68 -18.99
CA THR A 329 7.51 -11.26 -18.12
C THR A 329 8.00 -10.39 -16.98
N GLY A 330 9.09 -10.81 -16.32
CA GLY A 330 9.54 -10.09 -15.14
C GLY A 330 10.00 -8.68 -15.42
N VAL A 331 10.52 -8.43 -16.62
CA VAL A 331 10.85 -7.04 -16.98
C VAL A 331 9.59 -6.19 -17.10
N ASN A 332 8.64 -6.61 -17.95
CA ASN A 332 7.54 -5.72 -18.31
C ASN A 332 6.51 -5.55 -17.20
N ALA A 333 6.55 -6.39 -16.17
CA ALA A 333 5.63 -6.25 -15.04
C ALA A 333 5.87 -4.97 -14.25
N SER A 334 6.99 -4.28 -14.48
CA SER A 334 7.37 -3.18 -13.59
C SER A 334 6.97 -1.80 -14.10
N MET A 335 6.73 -1.63 -15.39
CA MET A 335 6.62 -0.39 -16.15
C MET A 335 5.17 -0.05 -16.51
N PRO A 336 4.88 1.20 -16.88
CA PRO A 336 3.55 1.51 -17.40
C PRO A 336 3.28 0.87 -18.75
N ARG A 337 2.00 0.63 -19.02
CA ARG A 337 1.53 -0.06 -20.23
C ARG A 337 1.42 0.86 -21.45
N VAL A 338 2.58 1.34 -21.91
CA VAL A 338 2.62 2.27 -23.04
C VAL A 338 2.35 1.54 -24.36
N SER A 339 1.95 2.30 -25.38
CA SER A 339 1.47 1.76 -26.65
C SER A 339 2.56 1.62 -27.70
N TYR A 340 3.83 1.51 -27.29
CA TYR A 340 4.96 1.48 -28.22
C TYR A 340 6.07 0.64 -27.61
N ILE A 341 7.01 0.22 -28.46
CA ILE A 341 8.05 -0.71 -28.04
C ILE A 341 9.23 0.05 -27.44
N LYS A 342 9.80 -0.53 -26.37
CA LYS A 342 10.95 0.02 -25.67
C LYS A 342 12.21 -0.74 -26.09
N ALA A 343 13.36 -0.08 -25.89
CA ALA A 343 14.62 -0.64 -26.37
C ALA A 343 14.95 -1.98 -25.72
N VAL A 344 14.47 -2.21 -24.50
CA VAL A 344 14.76 -3.48 -23.83
C VAL A 344 13.91 -4.61 -24.43
N ASP A 345 12.71 -4.27 -24.91
CA ASP A 345 11.82 -5.26 -25.50
C ASP A 345 12.42 -5.88 -26.75
N ILE A 346 13.08 -5.05 -27.55
CA ILE A 346 13.69 -5.50 -28.80
C ILE A 346 14.71 -6.59 -28.53
N TYR A 347 15.60 -6.35 -27.57
CA TYR A 347 16.65 -7.30 -27.24
C TYR A 347 16.06 -8.62 -26.75
N LEU A 348 15.06 -8.55 -25.86
CA LEU A 348 14.55 -9.81 -25.33
C LEU A 348 13.78 -10.62 -26.37
N TRP A 349 13.00 -9.98 -27.25
CA TRP A 349 12.24 -10.78 -28.20
C TRP A 349 13.14 -11.34 -29.32
N VAL A 350 14.19 -10.62 -29.69
CA VAL A 350 15.17 -11.19 -30.62
C VAL A 350 15.87 -12.40 -30.01
N SER A 351 16.25 -12.30 -28.73
CA SER A 351 16.84 -13.44 -28.03
C SER A 351 15.90 -14.63 -28.00
N PHE A 352 14.59 -14.36 -27.85
CA PHE A 352 13.61 -15.43 -27.85
C PHE A 352 13.56 -16.17 -29.17
N VAL A 353 13.52 -15.45 -30.31
CA VAL A 353 13.47 -16.19 -31.59
C VAL A 353 14.76 -16.97 -31.81
N PHE A 354 15.92 -16.42 -31.39
CA PHE A 354 17.15 -17.21 -31.50
C PHE A 354 17.02 -18.54 -30.75
N VAL A 355 16.42 -18.53 -29.57
CA VAL A 355 16.30 -19.78 -28.82
C VAL A 355 15.25 -20.70 -29.44
N PHE A 356 14.14 -20.12 -29.92
CA PHE A 356 13.05 -20.90 -30.51
C PHE A 356 13.51 -21.66 -31.75
N LEU A 357 14.36 -21.03 -32.58
CA LEU A 357 14.82 -21.66 -33.81
C LEU A 357 15.69 -22.90 -33.55
N SER A 358 16.36 -22.95 -32.39
CA SER A 358 17.24 -24.09 -32.13
C SER A 358 16.44 -25.37 -31.91
N VAL A 359 15.14 -25.25 -31.64
CA VAL A 359 14.29 -26.39 -31.37
C VAL A 359 13.80 -26.96 -32.70
N LEU A 360 13.49 -26.06 -33.65
CA LEU A 360 13.09 -26.48 -34.98
C LEU A 360 14.23 -27.14 -35.72
N GLU A 361 15.47 -26.70 -35.46
CA GLU A 361 16.63 -27.30 -36.11
C GLU A 361 16.78 -28.79 -35.78
N TYR A 362 16.70 -29.13 -34.50
CA TYR A 362 16.82 -30.54 -34.11
C TYR A 362 15.62 -31.35 -34.57
N ALA A 363 14.42 -30.75 -34.59
CA ALA A 363 13.30 -31.48 -35.18
C ALA A 363 13.58 -31.85 -36.64
N ALA A 364 14.20 -30.94 -37.39
CA ALA A 364 14.54 -31.25 -38.77
C ALA A 364 15.52 -32.41 -38.87
N VAL A 365 16.54 -32.41 -37.99
CA VAL A 365 17.57 -33.45 -38.09
C VAL A 365 17.00 -34.82 -37.72
N ASN A 366 16.10 -34.86 -36.74
CA ASN A 366 15.43 -36.12 -36.38
C ASN A 366 14.57 -36.64 -37.54
N TYR A 367 13.81 -35.75 -38.18
CA TYR A 367 12.98 -36.17 -39.30
C TYR A 367 13.82 -36.73 -40.46
N LEU A 368 14.88 -36.01 -40.84
CA LEU A 368 15.67 -36.45 -41.98
C LEU A 368 16.43 -37.74 -41.68
N THR A 369 16.93 -37.90 -40.44
CA THR A 369 17.46 -39.19 -40.02
C THR A 369 16.44 -40.31 -40.19
N THR A 370 15.18 -40.06 -39.81
CA THR A 370 14.20 -41.13 -39.93
C THR A 370 13.92 -41.47 -41.39
N VAL A 371 13.95 -40.47 -42.26
CA VAL A 371 13.80 -40.74 -43.70
C VAL A 371 14.96 -41.59 -44.21
N GLN A 372 16.17 -41.33 -43.71
CA GLN A 372 17.32 -42.13 -44.10
C GLN A 372 17.18 -43.58 -43.63
N GLU A 373 16.67 -43.78 -42.40
CA GLU A 373 16.38 -45.12 -41.91
C GLU A 373 15.39 -45.84 -42.82
N ARG A 374 14.31 -45.14 -43.20
CA ARG A 374 13.32 -45.75 -44.08
C ARG A 374 13.88 -46.09 -45.46
N LYS A 375 14.87 -45.33 -45.94
CA LYS A 375 15.49 -45.67 -47.21
C LYS A 375 16.46 -46.85 -47.06
N GLU A 376 17.16 -46.93 -45.93
CA GLU A 376 18.13 -48.01 -45.78
C GLU A 376 17.45 -49.34 -45.52
N GLN A 377 16.29 -49.30 -44.90
CA GLN A 377 15.51 -50.49 -44.54
C GLN A 377 14.79 -51.26 -45.63
N ASP A 451 28.41 -40.33 -37.23
CA ASP A 451 28.71 -39.14 -38.04
C ASP A 451 27.86 -37.94 -37.60
N THR A 452 28.21 -36.77 -38.12
CA THR A 452 27.53 -35.52 -37.80
C THR A 452 26.75 -35.03 -39.02
N HIS A 453 25.52 -34.59 -38.80
CA HIS A 453 24.67 -34.20 -39.91
C HIS A 453 25.09 -32.81 -40.38
N ALA A 454 24.89 -32.55 -41.68
CA ALA A 454 25.32 -31.27 -42.23
C ALA A 454 24.64 -30.10 -41.54
N ILE A 455 23.43 -30.32 -41.01
CA ILE A 455 22.71 -29.24 -40.33
C ILE A 455 23.41 -28.89 -39.03
N ASP A 456 23.83 -29.92 -38.28
CA ASP A 456 24.61 -29.67 -37.06
C ASP A 456 25.92 -28.95 -37.37
N LYS A 457 26.62 -29.43 -38.42
CA LYS A 457 27.91 -28.90 -38.82
C LYS A 457 27.85 -27.40 -39.11
N TYR A 458 26.80 -26.98 -39.82
CA TYR A 458 26.65 -25.57 -40.18
C TYR A 458 26.14 -24.74 -39.01
N SER A 459 25.27 -25.31 -38.18
CA SER A 459 24.68 -24.54 -37.09
C SER A 459 25.73 -24.09 -36.09
N ARG A 460 26.72 -24.96 -35.82
CA ARG A 460 27.84 -24.62 -34.95
C ARG A 460 28.55 -23.33 -35.34
N ILE A 461 28.43 -22.92 -36.61
CA ILE A 461 29.08 -21.72 -37.11
C ILE A 461 28.09 -20.57 -37.20
N ILE A 462 26.88 -20.87 -37.65
CA ILE A 462 25.99 -19.79 -38.10
C ILE A 462 25.29 -19.14 -36.92
N PHE A 463 24.84 -19.92 -35.95
CA PHE A 463 24.10 -19.27 -34.85
C PHE A 463 24.96 -18.26 -34.09
N PRO A 464 26.20 -18.57 -33.69
CA PRO A 464 26.97 -17.59 -32.90
C PRO A 464 27.35 -16.34 -33.71
N ALA A 465 27.74 -16.52 -34.98
CA ALA A 465 28.04 -15.36 -35.82
C ALA A 465 26.85 -14.42 -35.88
N ALA A 466 25.65 -14.97 -36.06
CA ALA A 466 24.47 -14.13 -36.26
C ALA A 466 24.16 -13.33 -35.00
N TYR A 467 24.29 -13.96 -33.83
CA TYR A 467 24.03 -13.18 -32.61
C TYR A 467 25.09 -12.10 -32.39
N ILE A 468 26.36 -12.37 -32.75
CA ILE A 468 27.38 -11.35 -32.60
C ILE A 468 27.09 -10.15 -33.52
N LEU A 469 26.64 -10.44 -34.75
CA LEU A 469 26.26 -9.36 -35.65
C LEU A 469 25.11 -8.53 -35.08
N PHE A 470 24.12 -9.20 -34.48
CA PHE A 470 22.99 -8.49 -33.89
C PHE A 470 23.47 -7.55 -32.79
N ASN A 471 24.34 -8.05 -31.90
CA ASN A 471 24.80 -7.21 -30.80
C ASN A 471 25.58 -6.00 -31.30
N LEU A 472 26.43 -6.20 -32.32
CA LEU A 472 27.16 -5.07 -32.87
C LEU A 472 26.20 -3.98 -33.35
N ILE A 473 25.14 -4.37 -34.06
CA ILE A 473 24.19 -3.38 -34.58
C ILE A 473 23.46 -2.68 -33.43
N TYR A 474 22.98 -3.46 -32.46
CA TYR A 474 22.14 -2.91 -31.39
C TYR A 474 22.92 -1.89 -30.58
N TRP A 475 24.14 -2.23 -30.15
CA TRP A 475 24.88 -1.26 -29.37
C TRP A 475 25.49 -0.16 -30.24
N SER A 476 25.48 -0.30 -31.57
CA SER A 476 25.72 0.88 -32.41
C SER A 476 24.52 1.84 -32.45
N ILE A 477 23.30 1.32 -32.32
CA ILE A 477 22.13 2.20 -32.38
C ILE A 477 21.87 2.88 -31.05
N PHE A 478 21.97 2.14 -29.95
CA PHE A 478 21.62 2.69 -28.65
C PHE A 478 22.84 3.09 -27.82
N SER A 479 24.05 2.87 -28.32
CA SER A 479 25.30 3.43 -27.79
C SER A 479 25.56 3.21 -26.30
N LEU B 78 -3.60 35.51 37.12
CA LEU B 78 -2.27 35.50 37.73
C LEU B 78 -1.21 36.05 36.80
N LEU B 79 -1.03 35.44 35.62
CA LEU B 79 -0.09 35.98 34.65
C LEU B 79 -0.73 37.15 33.90
N ARG B 80 -0.01 38.25 33.79
CA ARG B 80 -0.53 39.44 33.12
C ARG B 80 -0.36 39.29 31.63
N ILE B 81 -1.25 38.51 31.02
CA ILE B 81 -1.13 38.25 29.58
C ILE B 81 -1.63 39.42 28.74
N ASP B 82 -2.61 40.19 29.23
CA ASP B 82 -3.23 41.25 28.45
C ASP B 82 -2.36 42.51 28.34
N ASP B 83 -1.27 42.61 29.09
CA ASP B 83 -0.51 43.87 29.20
C ASP B 83 0.52 44.08 28.10
N HIS B 84 0.89 43.04 27.33
CA HIS B 84 2.13 43.04 26.56
C HIS B 84 1.91 42.63 25.11
N ASP B 85 2.90 42.95 24.25
CA ASP B 85 2.85 42.59 22.83
C ASP B 85 3.79 41.42 22.61
N PHE B 86 3.22 40.20 22.60
CA PHE B 86 4.01 38.99 22.44
C PHE B 86 4.27 38.62 20.98
N SER B 87 4.10 39.56 20.04
CA SER B 87 4.68 39.40 18.72
C SER B 87 6.19 39.68 18.72
N MET B 88 6.74 40.23 19.79
CA MET B 88 8.15 40.58 19.87
C MET B 88 8.85 39.75 20.95
N ARG B 89 10.08 39.32 20.63
CA ARG B 89 10.87 38.46 21.50
C ARG B 89 11.33 39.21 22.75
N PRO B 90 11.73 38.50 23.81
CA PRO B 90 12.38 39.17 24.93
C PRO B 90 13.71 39.77 24.48
N GLY B 91 13.93 41.03 24.83
CA GLY B 91 15.17 41.64 24.42
C GLY B 91 15.18 42.22 23.03
N PHE B 92 14.00 42.44 22.45
CA PHE B 92 13.85 42.86 21.05
C PHE B 92 14.54 44.20 20.84
N GLY B 93 15.40 44.26 19.82
CA GLY B 93 16.19 45.45 19.56
C GLY B 93 17.47 45.58 20.37
N GLY B 94 17.87 44.53 21.07
CA GLY B 94 19.09 44.49 21.85
C GLY B 94 19.71 43.13 21.68
N PRO B 95 20.54 42.69 22.63
CA PRO B 95 21.30 41.45 22.41
C PRO B 95 20.46 40.18 22.27
N ALA B 96 21.12 39.08 21.93
CA ALA B 96 20.45 37.82 21.61
C ALA B 96 19.93 37.15 22.88
N ILE B 97 18.84 36.40 22.73
CA ILE B 97 18.27 35.67 23.87
C ILE B 97 18.85 34.26 23.88
N PRO B 98 19.36 33.79 25.02
CA PRO B 98 19.85 32.41 25.11
C PRO B 98 18.70 31.43 25.35
N VAL B 99 18.69 30.34 24.58
CA VAL B 99 17.71 29.27 24.72
C VAL B 99 18.45 27.94 24.85
N GLY B 100 18.21 27.22 25.96
CA GLY B 100 18.81 25.92 26.17
C GLY B 100 17.85 24.76 25.92
N VAL B 101 18.41 23.62 25.51
CA VAL B 101 17.66 22.46 25.03
C VAL B 101 18.15 21.17 25.70
N ASP B 102 17.22 20.28 26.07
CA ASP B 102 17.57 18.87 26.29
C ASP B 102 16.45 17.94 25.80
N VAL B 103 16.76 16.64 25.69
CA VAL B 103 16.00 15.68 24.89
C VAL B 103 15.98 14.30 25.56
N GLN B 104 14.86 13.60 25.47
CA GLN B 104 14.80 12.14 25.71
C GLN B 104 14.16 11.42 24.53
N VAL B 105 14.87 10.41 24.02
CA VAL B 105 14.38 9.54 22.94
C VAL B 105 13.48 8.45 23.53
N GLU B 106 12.27 8.32 22.98
CA GLU B 106 11.36 7.28 23.43
C GLU B 106 11.42 6.03 22.54
N SER B 107 11.54 6.19 21.23
CA SER B 107 11.65 5.02 20.36
C SER B 107 12.27 5.39 19.02
N LEU B 108 13.00 4.42 18.45
CA LEU B 108 13.43 4.44 17.05
C LEU B 108 12.54 3.45 16.31
N ASP B 109 11.67 3.97 15.45
CA ASP B 109 10.46 3.28 15.01
C ASP B 109 10.63 2.39 13.76
N SER B 110 11.37 2.83 12.74
CA SER B 110 11.54 2.04 11.52
C SER B 110 12.63 2.63 10.64
N ILE B 111 13.09 1.84 9.67
CA ILE B 111 14.18 2.20 8.76
C ILE B 111 13.88 1.63 7.38
N SER B 112 14.25 2.37 6.33
CA SER B 112 14.01 1.95 4.94
C SER B 112 15.26 2.16 4.11
N GLU B 113 15.73 1.09 3.46
CA GLU B 113 16.81 1.21 2.48
C GLU B 113 16.31 1.80 1.16
N VAL B 114 15.08 1.48 0.79
CA VAL B 114 14.53 1.89 -0.49
C VAL B 114 14.24 3.39 -0.48
N ASP B 115 13.81 3.93 0.65
CA ASP B 115 13.56 5.36 0.77
C ASP B 115 14.74 6.11 1.38
N MET B 116 15.67 5.38 2.01
CA MET B 116 16.83 5.95 2.71
C MET B 116 16.40 6.95 3.79
N ASP B 117 15.69 6.44 4.80
CA ASP B 117 15.23 7.30 5.89
C ASP B 117 14.94 6.47 7.14
N PHE B 118 14.70 7.16 8.26
CA PHE B 118 14.38 6.54 9.53
C PHE B 118 13.36 7.40 10.28
N THR B 119 12.63 6.81 11.22
CA THR B 119 11.60 7.49 11.99
C THR B 119 11.88 7.41 13.49
N MET B 120 11.70 8.52 14.22
CA MET B 120 12.03 8.61 15.64
C MET B 120 10.93 9.34 16.41
N THR B 121 10.67 8.92 17.65
CA THR B 121 9.72 9.59 18.55
C THR B 121 10.45 10.06 19.80
N LEU B 122 10.21 11.30 20.22
CA LEU B 122 11.04 11.88 21.29
C LEU B 122 10.27 12.93 22.10
N TYR B 123 10.83 13.26 23.28
CA TYR B 123 10.40 14.40 24.09
C TYR B 123 11.43 15.51 24.00
N LEU B 124 10.98 16.74 23.75
CA LEU B 124 11.85 17.89 23.47
C LEU B 124 11.52 19.07 24.39
N ARG B 125 12.56 19.68 24.97
CA ARG B 125 12.39 20.62 26.08
C ARG B 125 13.19 21.91 25.87
N HIS B 126 12.62 23.07 26.30
CA HIS B 126 13.19 24.40 26.09
C HIS B 126 13.25 25.18 27.40
N TYR B 127 14.30 25.99 27.55
CA TYR B 127 14.51 26.79 28.76
C TYR B 127 14.92 28.23 28.46
N TRP B 128 14.21 29.22 29.01
CA TRP B 128 14.53 30.64 28.84
C TRP B 128 13.87 31.46 29.95
N LYS B 129 14.20 32.77 29.97
CA LYS B 129 13.65 33.75 30.90
C LYS B 129 12.94 34.90 30.18
N ASP B 130 11.75 35.27 30.68
CA ASP B 130 10.99 36.42 30.18
C ASP B 130 10.31 37.09 31.37
N GLU B 131 10.73 38.31 31.69
CA GLU B 131 10.23 39.03 32.85
C GLU B 131 8.79 39.51 32.68
N ARG B 132 8.23 39.38 31.47
CA ARG B 132 6.84 39.77 31.27
C ARG B 132 5.93 38.73 31.88
N LEU B 133 6.47 37.55 32.23
CA LEU B 133 5.74 36.46 32.87
C LEU B 133 6.00 36.34 34.37
N SER B 134 6.57 37.36 35.01
CA SER B 134 6.82 37.32 36.45
C SER B 134 5.51 37.45 37.24
N PHE B 135 5.47 36.83 38.41
CA PHE B 135 4.31 36.92 39.30
C PHE B 135 4.72 36.81 40.76
N PRO B 136 3.89 37.30 41.70
CA PRO B 136 4.32 37.33 43.10
C PRO B 136 3.91 36.08 43.87
N SER B 137 4.78 35.64 44.79
CA SER B 137 4.50 34.50 45.65
C SER B 137 5.49 34.50 46.81
N THR B 138 5.13 33.76 47.88
CA THR B 138 6.02 33.65 49.02
C THR B 138 6.86 32.37 49.01
N ASN B 139 6.51 31.38 48.19
CA ASN B 139 7.15 30.07 48.25
C ASN B 139 8.38 29.94 47.36
N ASN B 140 8.53 30.79 46.33
CA ASN B 140 9.64 30.77 45.38
C ASN B 140 9.68 29.48 44.53
N LEU B 141 8.54 28.79 44.37
CA LEU B 141 8.48 27.51 43.67
C LEU B 141 7.87 27.67 42.27
N SER B 142 8.06 26.63 41.46
CA SER B 142 7.56 26.60 40.08
C SER B 142 6.12 26.12 40.02
N MET B 143 5.34 26.65 39.07
CA MET B 143 3.91 26.37 38.94
C MET B 143 3.56 25.89 37.53
N THR B 144 2.68 24.89 37.43
CA THR B 144 2.17 24.40 36.14
C THR B 144 0.85 25.05 35.71
N PHE B 145 0.71 25.30 34.40
CA PHE B 145 -0.44 25.98 33.81
C PHE B 145 -1.08 25.11 32.72
N ASP B 146 -2.32 25.46 32.34
CA ASP B 146 -3.21 24.53 31.63
C ASP B 146 -2.66 24.04 30.30
N GLY B 147 -2.04 24.92 29.53
CA GLY B 147 -1.58 24.58 28.20
C GLY B 147 -2.20 25.40 27.09
N ARG B 148 -3.37 26.00 27.32
CA ARG B 148 -3.98 26.86 26.32
C ARG B 148 -3.31 28.23 26.27
N LEU B 149 -2.46 28.54 27.23
CA LEU B 149 -1.77 29.83 27.24
C LEU B 149 -0.61 29.88 26.26
N VAL B 150 -0.16 28.72 25.76
CA VAL B 150 1.05 28.65 24.93
C VAL B 150 0.88 29.47 23.66
N LYS B 151 -0.36 29.66 23.24
CA LYS B 151 -0.76 30.33 22.02
C LYS B 151 -0.92 31.83 22.22
N LYS B 152 -0.75 32.31 23.46
CA LYS B 152 -0.90 33.72 23.78
C LYS B 152 0.47 34.40 23.98
N ILE B 153 1.37 33.74 24.70
CA ILE B 153 2.75 34.17 24.96
C ILE B 153 3.68 33.91 23.77
N TRP B 154 4.92 34.42 23.88
CA TRP B 154 5.99 34.15 22.93
C TRP B 154 6.66 32.82 23.22
N VAL B 155 7.07 32.12 22.17
CA VAL B 155 7.71 30.81 22.29
C VAL B 155 8.76 30.62 21.19
N PRO B 156 9.88 29.93 21.46
CA PRO B 156 10.90 29.74 20.40
C PRO B 156 10.42 28.86 19.25
N ASP B 157 11.12 28.94 18.11
CA ASP B 157 10.62 28.43 16.83
C ASP B 157 11.47 27.33 16.17
N MET B 158 11.70 26.21 16.87
CA MET B 158 12.61 25.19 16.37
C MET B 158 11.98 24.33 15.27
N PHE B 159 12.81 23.86 14.34
CA PHE B 159 12.37 22.95 13.28
C PHE B 159 13.46 21.91 13.03
N PHE B 160 13.04 20.79 12.45
CA PHE B 160 13.93 19.66 12.17
C PHE B 160 14.46 19.74 10.73
N VAL B 161 15.75 20.01 10.58
CA VAL B 161 16.35 20.19 9.26
C VAL B 161 16.49 18.87 8.53
N HIS B 162 16.32 18.92 7.21
CA HIS B 162 16.36 17.81 6.26
C HIS B 162 15.33 16.73 6.56
N SER B 163 14.20 17.08 7.18
CA SER B 163 13.18 16.11 7.52
C SER B 163 12.13 15.98 6.43
N LYS B 164 11.52 14.79 6.34
CA LYS B 164 10.51 14.51 5.32
C LYS B 164 9.11 14.87 5.80
N ARG B 165 8.76 14.48 7.03
CA ARG B 165 7.46 14.79 7.64
C ARG B 165 7.59 14.65 9.16
N SER B 166 6.67 15.30 9.89
CA SER B 166 6.59 15.20 11.35
C SER B 166 5.23 15.65 11.86
N PHE B 167 4.90 15.27 13.11
CA PHE B 167 3.72 15.84 13.79
C PHE B 167 3.87 15.86 15.30
N ILE B 168 2.99 16.66 15.95
CA ILE B 168 2.83 16.72 17.41
C ILE B 168 1.58 15.94 17.80
N HIS B 169 1.68 15.12 18.85
CA HIS B 169 0.55 14.26 19.27
C HIS B 169 -0.54 15.08 19.99
N ASP B 170 -1.81 14.65 19.81
CA ASP B 170 -2.94 15.46 20.29
C ASP B 170 -4.14 14.66 20.83
N THR B 171 -3.94 13.48 21.43
CA THR B 171 -4.99 12.75 22.14
C THR B 171 -4.46 12.45 23.54
N THR B 172 -5.22 12.81 24.59
CA THR B 172 -6.61 13.29 24.56
C THR B 172 -6.70 14.80 24.33
N THR B 173 -5.55 15.48 24.48
CA THR B 173 -5.37 16.89 24.15
C THR B 173 -3.96 17.04 23.59
N ASP B 174 -3.53 18.28 23.38
CA ASP B 174 -2.19 18.52 22.86
C ASP B 174 -1.19 18.07 23.91
N ASN B 175 -0.18 17.29 23.50
CA ASN B 175 0.80 16.77 24.45
C ASN B 175 1.88 17.84 24.67
N VAL B 176 1.53 18.82 25.50
CA VAL B 176 2.32 20.04 25.70
C VAL B 176 2.32 20.40 27.19
N MET B 177 3.42 20.98 27.67
CA MET B 177 3.59 21.33 29.09
C MET B 177 4.25 22.70 29.24
N LEU B 178 3.75 23.50 30.19
CA LEU B 178 4.29 24.85 30.44
C LEU B 178 4.40 25.06 31.95
N ARG B 179 5.63 25.35 32.40
CA ARG B 179 5.90 25.62 33.82
C ARG B 179 6.63 26.96 33.98
N VAL B 180 6.28 27.79 34.97
CA VAL B 180 6.84 29.13 35.15
C VAL B 180 7.16 29.38 36.61
N GLN B 181 8.30 30.05 36.87
CA GLN B 181 8.77 30.49 38.17
C GLN B 181 8.48 31.98 38.38
N PRO B 182 8.31 32.38 39.64
CA PRO B 182 7.98 33.79 39.95
C PRO B 182 8.88 34.87 39.33
N ASP B 183 10.18 34.63 39.15
CA ASP B 183 11.05 35.58 38.43
C ASP B 183 10.94 35.54 36.90
N GLY B 184 10.04 34.76 36.32
CA GLY B 184 9.89 34.67 34.88
C GLY B 184 10.71 33.63 34.13
N LYS B 185 11.37 32.69 34.82
CA LYS B 185 11.99 31.56 34.13
C LYS B 185 10.92 30.58 33.63
N VAL B 186 11.12 30.07 32.41
CA VAL B 186 10.11 29.26 31.74
C VAL B 186 10.69 27.90 31.36
N LEU B 187 9.89 26.84 31.53
CA LEU B 187 10.18 25.51 31.00
C LEU B 187 9.01 25.07 30.12
N TYR B 188 9.31 24.59 28.91
CA TYR B 188 8.33 24.26 27.89
C TYR B 188 8.70 22.91 27.27
N SER B 189 7.71 22.01 27.12
CA SER B 189 7.97 20.66 26.65
C SER B 189 6.86 20.13 25.76
N LEU B 190 7.24 19.33 24.75
CA LEU B 190 6.27 18.67 23.87
C LEU B 190 6.83 17.36 23.29
N ARG B 191 5.90 16.46 22.91
CA ARG B 191 6.16 15.13 22.33
C ARG B 191 5.91 15.10 20.82
N VAL B 192 6.87 14.58 20.04
CA VAL B 192 6.83 14.62 18.57
C VAL B 192 7.39 13.34 17.93
N THR B 193 6.94 13.07 16.70
CA THR B 193 7.47 12.01 15.84
C THR B 193 8.01 12.63 14.54
N VAL B 194 9.18 12.16 14.10
CA VAL B 194 9.90 12.74 12.97
C VAL B 194 10.39 11.64 12.02
N THR B 195 10.32 11.91 10.71
CA THR B 195 10.95 11.05 9.71
C THR B 195 12.01 11.85 8.96
N ALA B 196 13.24 11.31 8.90
CA ALA B 196 14.41 12.08 8.50
C ALA B 196 15.29 11.34 7.49
N MET B 197 16.01 12.14 6.69
CA MET B 197 16.85 11.64 5.61
C MET B 197 18.15 11.03 6.12
N CYS B 198 18.60 9.94 5.48
CA CYS B 198 19.86 9.30 5.85
C CYS B 198 20.46 8.59 4.64
N ASN B 199 21.62 9.06 4.20
CA ASN B 199 22.33 8.50 3.05
C ASN B 199 23.08 7.24 3.43
N MET B 200 22.89 6.18 2.64
CA MET B 200 23.34 4.83 2.97
C MET B 200 24.28 4.27 1.90
N ASP B 201 25.28 3.51 2.33
CA ASP B 201 26.26 2.87 1.44
C ASP B 201 26.11 1.36 1.59
N PHE B 202 25.91 0.67 0.47
CA PHE B 202 25.59 -0.76 0.47
C PHE B 202 26.69 -1.60 -0.18
N SER B 203 27.91 -1.08 -0.32
CA SER B 203 28.96 -1.83 -0.99
C SER B 203 29.34 -3.09 -0.22
N ARG B 204 29.15 -3.10 1.10
CA ARG B 204 29.47 -4.25 1.93
C ARG B 204 28.22 -5.00 2.40
N PHE B 205 27.06 -4.67 1.87
CA PHE B 205 25.79 -5.29 2.28
C PHE B 205 25.81 -6.79 2.01
N PRO B 206 25.33 -7.64 2.95
CA PRO B 206 24.65 -7.35 4.23
C PRO B 206 25.55 -7.21 5.44
N LEU B 207 26.86 -7.08 5.28
CA LEU B 207 27.77 -6.95 6.40
C LEU B 207 28.16 -5.49 6.68
N ASP B 208 27.20 -4.58 6.56
CA ASP B 208 27.43 -3.15 6.55
C ASP B 208 27.18 -2.50 7.92
N THR B 209 27.76 -1.31 8.11
CA THR B 209 27.50 -0.44 9.26
C THR B 209 27.09 0.94 8.74
N GLN B 210 26.07 1.56 9.36
CA GLN B 210 25.59 2.87 8.92
C GLN B 210 25.60 3.87 10.06
N THR B 211 25.73 5.17 9.75
CA THR B 211 25.69 6.17 10.81
C THR B 211 24.67 7.24 10.45
N CYS B 212 23.99 7.81 11.46
CA CYS B 212 22.80 8.63 11.26
C CYS B 212 22.81 9.82 12.21
N SER B 213 22.02 10.85 11.86
CA SER B 213 21.86 12.03 12.72
C SER B 213 20.54 12.76 12.49
N LEU B 214 20.07 13.44 13.54
CA LEU B 214 18.90 14.31 13.55
C LEU B 214 19.34 15.75 13.85
N GLU B 215 18.86 16.71 13.06
CA GLU B 215 19.35 18.09 13.06
C GLU B 215 18.26 19.06 13.55
N ILE B 216 18.64 20.04 14.38
CA ILE B 216 17.70 20.96 15.02
C ILE B 216 18.20 22.40 14.89
N GLU B 217 17.28 23.33 14.59
CA GLU B 217 17.63 24.70 14.17
C GLU B 217 16.43 25.62 14.38
N SER B 218 16.69 26.92 14.55
CA SER B 218 15.64 27.93 14.59
C SER B 218 15.32 28.41 13.18
N TYR B 219 14.03 28.65 12.90
CA TYR B 219 13.68 29.00 11.52
C TYR B 219 13.92 30.47 11.23
N ALA B 220 13.48 31.37 12.10
CA ALA B 220 13.42 32.78 11.73
C ALA B 220 14.56 33.64 12.25
N TYR B 221 15.27 33.22 13.29
CA TYR B 221 16.14 34.12 14.05
C TYR B 221 17.60 33.69 13.87
N THR B 222 18.46 34.64 13.50
CA THR B 222 19.88 34.36 13.32
C THR B 222 20.62 34.45 14.66
N GLU B 223 21.88 34.03 14.66
CA GLU B 223 22.71 34.07 15.86
C GLU B 223 22.86 35.46 16.46
N ASP B 224 22.47 36.51 15.73
CA ASP B 224 22.45 37.86 16.30
C ASP B 224 21.22 38.11 17.17
N ASP B 225 20.18 37.28 17.06
CA ASP B 225 18.97 37.46 17.86
C ASP B 225 18.65 36.29 18.78
N LEU B 226 19.07 35.07 18.44
CA LEU B 226 18.83 33.92 19.30
C LEU B 226 20.07 33.06 19.40
N MET B 227 20.39 32.60 20.62
CA MET B 227 21.56 31.75 20.88
C MET B 227 21.09 30.40 21.40
N LEU B 228 21.43 29.33 20.68
CA LEU B 228 20.90 27.99 20.93
C LEU B 228 22.01 27.04 21.35
N TYR B 229 21.81 26.32 22.47
CA TYR B 229 22.86 25.46 23.04
C TYR B 229 22.24 24.31 23.83
N TRP B 230 23.05 23.25 23.99
CA TRP B 230 22.68 22.11 24.83
C TRP B 230 22.74 22.51 26.31
N LYS B 231 21.65 22.23 27.04
CA LYS B 231 21.45 22.81 28.37
C LYS B 231 22.46 22.33 29.40
N LYS B 232 22.91 21.08 29.30
CA LYS B 232 23.78 20.49 30.31
C LYS B 232 24.98 19.80 29.67
N GLY B 233 25.43 20.30 28.52
CA GLY B 233 26.53 19.66 27.82
C GLY B 233 26.18 18.27 27.35
N ASN B 234 27.12 17.33 27.53
CA ASN B 234 26.92 15.97 27.05
C ASN B 234 25.83 15.23 27.81
N ASP B 235 25.42 15.72 28.98
CA ASP B 235 24.38 15.06 29.77
C ASP B 235 22.97 15.42 29.29
N SER B 236 22.86 16.12 28.15
CA SER B 236 21.57 16.63 27.69
C SER B 236 20.76 15.62 26.88
N LEU B 237 21.27 14.40 26.66
CA LEU B 237 20.55 13.37 25.92
C LEU B 237 20.37 12.13 26.77
N LYS B 238 19.12 11.69 26.90
CA LYS B 238 18.69 10.47 27.58
C LYS B 238 17.96 9.56 26.59
N THR B 239 17.98 8.25 26.87
CA THR B 239 17.41 7.24 25.99
C THR B 239 16.62 6.19 26.78
N ASP B 240 15.46 5.81 26.24
CA ASP B 240 14.58 4.83 26.87
C ASP B 240 15.19 3.43 26.84
N GLU B 241 15.07 2.69 27.95
CA GLU B 241 15.68 1.37 28.03
C GLU B 241 14.97 0.34 27.17
N ARG B 242 13.78 0.64 26.65
CA ARG B 242 13.03 -0.28 25.81
C ARG B 242 13.40 -0.23 24.33
N ILE B 243 14.34 0.62 23.92
CA ILE B 243 14.56 0.87 22.49
C ILE B 243 15.25 -0.32 21.85
N SER B 244 14.72 -0.76 20.70
CA SER B 244 15.16 -1.98 20.05
C SER B 244 14.71 -2.00 18.59
N LEU B 245 15.49 -2.68 17.74
CA LEU B 245 15.14 -2.99 16.35
C LEU B 245 15.42 -4.47 16.09
N SER B 246 14.55 -5.13 15.33
CA SER B 246 14.75 -6.56 15.15
C SER B 246 15.95 -6.90 14.27
N GLN B 247 16.40 -5.97 13.43
CA GLN B 247 17.42 -6.25 12.44
C GLN B 247 18.77 -5.59 12.72
N PHE B 248 18.84 -4.64 13.65
CA PHE B 248 20.05 -3.86 13.89
C PHE B 248 20.39 -3.86 15.38
N LEU B 249 21.70 -3.84 15.65
CA LEU B 249 22.24 -3.41 16.93
C LEU B 249 22.45 -1.89 16.91
N ILE B 250 21.96 -1.18 17.94
CA ILE B 250 22.06 0.28 18.02
C ILE B 250 23.14 0.63 19.03
N GLN B 251 24.01 1.60 18.69
CA GLN B 251 25.13 2.00 19.53
C GLN B 251 25.54 3.45 19.30
N GLU B 252 26.30 3.98 20.26
CA GLU B 252 27.11 5.21 20.11
C GLU B 252 26.27 6.49 19.98
N PHE B 253 25.27 6.65 20.85
CA PHE B 253 24.49 7.89 20.91
C PHE B 253 25.33 9.04 21.48
N HIS B 254 25.43 10.17 20.76
CA HIS B 254 26.11 11.35 21.27
C HIS B 254 25.67 12.62 20.51
N THR B 255 26.00 13.80 21.06
CA THR B 255 25.52 15.10 20.56
C THR B 255 26.68 16.03 20.19
N THR B 256 26.44 16.89 19.17
CA THR B 256 27.43 17.87 18.69
C THR B 256 26.75 19.17 18.24
N THR B 257 27.56 20.18 17.86
CA THR B 257 27.09 21.51 17.44
C THR B 257 27.91 22.03 16.25
N LYS B 258 27.27 22.84 15.40
CA LYS B 258 27.95 23.48 14.26
C LYS B 258 27.17 24.72 13.80
N LEU B 259 27.88 25.66 13.16
CA LEU B 259 27.25 26.83 12.57
C LEU B 259 26.93 26.61 11.10
N ALA B 260 25.80 27.17 10.66
CA ALA B 260 25.31 27.01 9.29
C ALA B 260 25.01 28.36 8.65
N PHE B 261 25.11 28.42 7.33
CA PHE B 261 25.02 29.66 6.56
C PHE B 261 24.04 29.51 5.40
N TYR B 262 23.14 30.48 5.24
CA TYR B 262 22.24 30.57 4.09
C TYR B 262 22.50 31.91 3.41
N SER B 263 22.71 31.87 2.08
CA SER B 263 23.20 33.04 1.35
C SER B 263 22.27 34.23 1.48
N SER B 264 20.97 33.99 1.43
CA SER B 264 20.02 35.10 1.42
C SER B 264 19.69 35.62 2.80
N THR B 265 19.95 34.85 3.87
CA THR B 265 19.36 35.17 5.18
C THR B 265 20.32 35.17 6.37
N GLY B 266 21.49 34.52 6.30
CA GLY B 266 22.44 34.67 7.39
C GLY B 266 22.95 33.42 8.10
N TRP B 267 23.48 33.59 9.33
CA TRP B 267 24.17 32.54 10.08
C TRP B 267 23.30 32.02 11.23
N TYR B 268 23.36 30.70 11.47
CA TYR B 268 22.48 30.04 12.44
C TYR B 268 23.22 28.93 13.21
N ASN B 269 22.80 28.69 14.47
CA ASN B 269 23.34 27.60 15.26
C ASN B 269 22.53 26.33 15.00
N ARG B 270 23.21 25.19 14.85
CA ARG B 270 22.55 23.91 14.60
C ARG B 270 23.06 22.85 15.57
N LEU B 271 22.13 22.11 16.18
CA LEU B 271 22.44 21.02 17.09
C LEU B 271 22.24 19.66 16.41
N TYR B 272 23.03 18.66 16.85
CA TYR B 272 23.06 17.34 16.22
C TYR B 272 22.90 16.22 17.25
N ILE B 273 22.10 15.21 16.91
CA ILE B 273 22.01 13.94 17.64
C ILE B 273 22.54 12.85 16.72
N ASN B 274 23.54 12.08 17.17
CA ASN B 274 24.23 11.11 16.30
C ASN B 274 24.15 9.69 16.84
N PHE B 275 24.11 8.68 15.94
CA PHE B 275 24.07 7.28 16.36
C PHE B 275 24.52 6.33 15.24
N THR B 276 24.86 5.08 15.63
CA THR B 276 25.42 4.04 14.76
C THR B 276 24.54 2.79 14.77
N LEU B 277 24.42 2.12 13.61
CA LEU B 277 23.69 0.86 13.43
C LEU B 277 24.55 -0.25 12.82
N ARG B 278 24.33 -1.49 13.28
CA ARG B 278 25.03 -2.67 12.75
C ARG B 278 24.03 -3.80 12.49
N ARG B 279 24.06 -4.35 11.28
CA ARG B 279 23.06 -5.32 10.84
C ARG B 279 23.38 -6.73 11.34
N HIS B 280 22.34 -7.50 11.73
CA HIS B 280 22.52 -8.92 12.05
C HIS B 280 22.55 -9.75 10.76
N ILE B 281 23.52 -10.67 10.65
CA ILE B 281 23.68 -11.40 9.38
C ILE B 281 22.96 -12.75 9.34
N PHE B 282 22.45 -13.26 10.47
CA PHE B 282 21.92 -14.62 10.55
C PHE B 282 20.91 -14.92 9.43
N PHE B 283 19.94 -14.02 9.26
CA PHE B 283 18.88 -14.22 8.27
C PHE B 283 19.45 -14.46 6.90
N PHE B 284 20.46 -13.69 6.50
CA PHE B 284 21.00 -13.81 5.15
C PHE B 284 21.80 -15.10 4.99
N LEU B 285 22.60 -15.50 5.99
CA LEU B 285 23.24 -16.82 5.89
C LEU B 285 22.20 -17.86 5.52
N LEU B 286 21.15 -17.97 6.35
CA LEU B 286 20.17 -19.05 6.20
C LEU B 286 19.36 -18.91 4.91
N GLN B 287 19.06 -17.69 4.51
CA GLN B 287 18.14 -17.39 3.42
C GLN B 287 18.83 -17.26 2.07
N THR B 288 20.16 -17.08 2.01
CA THR B 288 20.82 -16.81 0.74
C THR B 288 22.14 -17.57 0.60
N TYR B 289 23.05 -17.56 1.59
CA TYR B 289 24.36 -18.14 1.30
C TYR B 289 24.28 -19.66 1.32
N PHE B 290 23.50 -20.23 2.24
CA PHE B 290 23.46 -21.69 2.31
C PHE B 290 22.83 -22.33 1.06
N PRO B 291 21.67 -21.88 0.56
CA PRO B 291 21.09 -22.56 -0.62
C PRO B 291 21.93 -22.43 -1.89
N ALA B 292 22.61 -21.30 -2.09
CA ALA B 292 23.57 -21.21 -3.18
C ALA B 292 24.63 -22.29 -3.06
N THR B 293 25.22 -22.41 -1.86
CA THR B 293 26.25 -23.42 -1.63
C THR B 293 25.73 -24.81 -1.96
N LEU B 294 24.49 -25.09 -1.59
CA LEU B 294 23.92 -26.42 -1.81
C LEU B 294 23.72 -26.72 -3.29
N MET B 295 23.32 -25.71 -4.07
CA MET B 295 23.24 -25.92 -5.52
C MET B 295 24.62 -26.26 -6.10
N VAL B 296 25.65 -25.57 -5.64
CA VAL B 296 26.99 -25.84 -6.17
C VAL B 296 27.39 -27.28 -5.86
N MET B 297 27.11 -27.74 -4.63
CA MET B 297 27.44 -29.11 -4.26
C MET B 297 26.62 -30.14 -5.02
N LEU B 298 25.37 -29.82 -5.37
CA LEU B 298 24.61 -30.74 -6.22
C LEU B 298 25.29 -30.91 -7.58
N SER B 299 25.80 -29.82 -8.15
CA SER B 299 26.37 -29.94 -9.51
C SER B 299 27.56 -30.90 -9.54
N TRP B 300 28.20 -31.12 -8.39
CA TRP B 300 29.37 -31.99 -8.33
C TRP B 300 29.01 -33.48 -8.42
N VAL B 301 27.80 -33.85 -8.00
CA VAL B 301 27.36 -35.25 -8.10
C VAL B 301 27.51 -35.82 -9.51
N SER B 302 27.38 -34.98 -10.54
CA SER B 302 27.45 -35.44 -11.93
C SER B 302 28.76 -36.19 -12.21
N PHE B 303 29.86 -35.74 -11.61
CA PHE B 303 31.17 -36.33 -11.89
C PHE B 303 31.29 -37.78 -11.43
N TRP B 304 30.33 -38.30 -10.65
CA TRP B 304 30.37 -39.64 -10.11
C TRP B 304 29.41 -40.58 -10.82
N ILE B 305 28.89 -40.19 -11.99
CA ILE B 305 27.80 -40.89 -12.66
C ILE B 305 28.33 -41.35 -14.02
N ASP B 306 27.95 -42.56 -14.42
CA ASP B 306 28.43 -43.20 -15.64
C ASP B 306 28.22 -42.30 -16.85
N ARG B 307 29.30 -42.09 -17.64
CA ARG B 307 29.27 -41.14 -18.74
C ARG B 307 28.27 -41.54 -19.82
N ARG B 308 27.83 -42.79 -19.83
CA ARG B 308 26.86 -43.26 -20.81
C ARG B 308 25.42 -42.90 -20.47
N ALA B 309 25.15 -42.45 -19.25
CA ALA B 309 23.79 -42.09 -18.87
C ALA B 309 23.47 -40.66 -19.29
N VAL B 310 23.38 -40.44 -20.60
CA VAL B 310 23.24 -39.08 -21.13
C VAL B 310 22.01 -38.35 -20.59
N PRO B 311 20.80 -38.93 -20.61
CA PRO B 311 19.61 -38.19 -20.18
C PRO B 311 19.48 -38.04 -18.69
N ALA B 312 20.44 -38.57 -17.92
CA ALA B 312 20.57 -38.26 -16.49
C ALA B 312 21.55 -37.12 -16.24
N ARG B 313 22.75 -37.19 -16.81
CA ARG B 313 23.77 -36.19 -16.51
C ARG B 313 23.41 -34.83 -17.08
N VAL B 314 22.65 -34.76 -18.17
CA VAL B 314 22.39 -33.46 -18.79
C VAL B 314 21.39 -32.64 -17.96
N PRO B 315 20.20 -33.17 -17.64
CA PRO B 315 19.26 -32.36 -16.85
C PRO B 315 19.72 -32.10 -15.41
N LEU B 316 20.60 -32.94 -14.87
CA LEU B 316 21.16 -32.68 -13.54
C LEU B 316 21.93 -31.37 -13.52
N GLY B 317 22.69 -31.09 -14.57
CA GLY B 317 23.36 -29.80 -14.67
C GLY B 317 22.40 -28.66 -14.92
N ILE B 318 21.49 -28.88 -15.88
CA ILE B 318 20.68 -27.75 -16.34
C ILE B 318 19.80 -27.22 -15.21
N THR B 319 19.18 -28.13 -14.45
CA THR B 319 18.24 -27.70 -13.42
C THR B 319 18.94 -26.88 -12.33
N THR B 320 20.22 -27.16 -12.03
CA THR B 320 20.91 -26.32 -11.07
C THR B 320 21.22 -24.93 -11.63
N VAL B 321 21.57 -24.84 -12.93
CA VAL B 321 21.69 -23.50 -13.52
C VAL B 321 20.40 -22.70 -13.33
N LEU B 322 19.28 -23.33 -13.65
CA LEU B 322 18.04 -22.58 -13.66
C LEU B 322 17.56 -22.25 -12.25
N THR B 323 17.89 -23.09 -11.25
CA THR B 323 17.59 -22.70 -9.87
C THR B 323 18.44 -21.52 -9.39
N MET B 324 19.73 -21.50 -9.75
CA MET B 324 20.61 -20.45 -9.28
C MET B 324 20.12 -19.09 -9.77
N SER B 325 19.56 -19.06 -11.00
CA SER B 325 19.02 -17.79 -11.49
C SER B 325 17.87 -17.25 -10.62
N THR B 326 17.02 -18.14 -10.12
CA THR B 326 15.92 -17.74 -9.24
C THR B 326 16.45 -17.16 -7.93
N ILE B 327 17.52 -17.77 -7.41
CA ILE B 327 18.12 -17.25 -6.18
C ILE B 327 18.62 -15.82 -6.39
N ILE B 328 19.32 -15.62 -7.51
CA ILE B 328 19.89 -14.32 -7.81
C ILE B 328 18.79 -13.27 -7.97
N THR B 329 17.69 -13.64 -8.59
CA THR B 329 16.60 -12.69 -8.77
C THR B 329 15.94 -12.33 -7.45
N GLY B 330 15.66 -13.33 -6.62
CA GLY B 330 14.92 -13.08 -5.39
C GLY B 330 15.68 -12.20 -4.40
N VAL B 331 17.01 -12.26 -4.41
CA VAL B 331 17.77 -11.32 -3.58
C VAL B 331 17.59 -9.89 -4.07
N ASN B 332 17.91 -9.62 -5.34
CA ASN B 332 18.01 -8.24 -5.79
C ASN B 332 16.68 -7.53 -5.94
N ALA B 333 15.57 -8.29 -5.93
CA ALA B 333 14.25 -7.68 -6.01
C ALA B 333 13.92 -6.83 -4.80
N SER B 334 14.70 -6.92 -3.72
CA SER B 334 14.30 -6.31 -2.46
C SER B 334 14.91 -4.94 -2.20
N MET B 335 16.01 -4.59 -2.84
CA MET B 335 16.94 -3.50 -2.57
C MET B 335 16.79 -2.36 -3.57
N PRO B 336 17.31 -1.16 -3.25
CA PRO B 336 17.34 -0.09 -4.26
C PRO B 336 18.31 -0.39 -5.39
N ARG B 337 18.01 0.19 -6.56
CA ARG B 337 18.77 -0.03 -7.79
C ARG B 337 20.03 0.83 -7.90
N VAL B 338 21.00 0.55 -7.02
CA VAL B 338 22.23 1.33 -6.96
C VAL B 338 23.15 0.96 -8.13
N SER B 339 24.09 1.85 -8.44
CA SER B 339 24.93 1.76 -9.64
C SER B 339 26.26 1.03 -9.39
N TYR B 340 26.35 0.19 -8.36
CA TYR B 340 27.60 -0.47 -7.99
C TYR B 340 27.27 -1.83 -7.39
N ILE B 341 28.29 -2.69 -7.32
CA ILE B 341 28.09 -4.08 -6.91
C ILE B 341 28.17 -4.19 -5.40
N LYS B 342 27.29 -5.02 -4.84
CA LYS B 342 27.21 -5.32 -3.41
C LYS B 342 27.89 -6.65 -3.11
N ALA B 343 28.29 -6.81 -1.85
CA ALA B 343 29.08 -7.98 -1.46
C ALA B 343 28.32 -9.29 -1.68
N VAL B 344 26.98 -9.24 -1.62
CA VAL B 344 26.20 -10.47 -1.82
C VAL B 344 26.17 -10.84 -3.31
N ASP B 345 26.22 -9.83 -4.18
CA ASP B 345 26.19 -10.07 -5.62
C ASP B 345 27.40 -10.88 -6.08
N ILE B 346 28.57 -10.57 -5.50
CA ILE B 346 29.81 -11.23 -5.86
C ILE B 346 29.69 -12.73 -5.62
N TYR B 347 29.23 -13.10 -4.43
CA TYR B 347 29.10 -14.51 -4.06
C TYR B 347 28.15 -15.23 -4.99
N LEU B 348 26.99 -14.63 -5.28
CA LEU B 348 26.04 -15.37 -6.11
C LEU B 348 26.50 -15.51 -7.56
N TRP B 349 27.14 -14.49 -8.14
CA TRP B 349 27.53 -14.65 -9.54
C TRP B 349 28.74 -15.58 -9.69
N VAL B 350 29.64 -15.60 -8.71
CA VAL B 350 30.72 -16.60 -8.73
C VAL B 350 30.15 -18.02 -8.62
N SER B 351 29.17 -18.22 -7.74
CA SER B 351 28.51 -19.51 -7.64
C SER B 351 27.85 -19.92 -8.96
N PHE B 352 27.29 -18.93 -9.68
CA PHE B 352 26.67 -19.21 -10.96
C PHE B 352 27.68 -19.71 -11.98
N VAL B 353 28.85 -19.06 -12.11
CA VAL B 353 29.81 -19.58 -13.11
C VAL B 353 30.32 -20.95 -12.72
N PHE B 354 30.50 -21.21 -11.41
CA PHE B 354 30.88 -22.57 -11.01
C PHE B 354 29.87 -23.60 -11.51
N VAL B 355 28.57 -23.29 -11.41
CA VAL B 355 27.58 -24.25 -11.86
C VAL B 355 27.53 -24.35 -13.38
N PHE B 356 27.68 -23.21 -14.07
CA PHE B 356 27.63 -23.15 -15.53
C PHE B 356 28.74 -23.98 -16.15
N LEU B 357 29.94 -23.95 -15.56
CA LEU B 357 31.08 -24.66 -16.13
C LEU B 357 30.89 -26.19 -16.08
N SER B 358 30.09 -26.69 -15.12
CA SER B 358 29.93 -28.14 -15.01
C SER B 358 29.14 -28.69 -16.19
N VAL B 359 28.44 -27.83 -16.92
CA VAL B 359 27.62 -28.26 -18.05
C VAL B 359 28.51 -28.38 -19.29
N LEU B 360 29.44 -27.43 -19.42
CA LEU B 360 30.39 -27.46 -20.52
C LEU B 360 31.34 -28.64 -20.39
N GLU B 361 31.66 -29.03 -19.16
CA GLU B 361 32.56 -30.17 -18.94
C GLU B 361 31.98 -31.47 -19.51
N TYR B 362 30.71 -31.77 -19.20
CA TYR B 362 30.09 -32.98 -19.72
C TYR B 362 29.87 -32.90 -21.22
N ALA B 363 29.59 -31.70 -21.75
CA ALA B 363 29.51 -31.60 -23.20
C ALA B 363 30.84 -32.00 -23.85
N ALA B 364 31.96 -31.60 -23.23
CA ALA B 364 33.27 -31.98 -23.77
C ALA B 364 33.46 -33.50 -23.74
N VAL B 365 33.06 -34.14 -22.64
CA VAL B 365 33.30 -35.58 -22.52
C VAL B 365 32.44 -36.37 -23.51
N ASN B 366 31.20 -35.91 -23.75
CA ASN B 366 30.35 -36.53 -24.76
C ASN B 366 30.95 -36.39 -26.16
N TYR B 367 31.44 -35.20 -26.49
CA TYR B 367 32.04 -34.99 -27.82
C TYR B 367 33.27 -35.89 -28.02
N LEU B 368 34.17 -35.93 -27.04
CA LEU B 368 35.40 -36.69 -27.22
C LEU B 368 35.12 -38.20 -27.25
N THR B 369 34.15 -38.67 -26.44
CA THR B 369 33.69 -40.04 -26.59
C THR B 369 33.20 -40.34 -28.01
N THR B 370 32.44 -39.41 -28.60
CA THR B 370 31.94 -39.68 -29.95
C THR B 370 33.07 -39.72 -30.97
N VAL B 371 34.10 -38.89 -30.77
CA VAL B 371 35.26 -38.96 -31.66
C VAL B 371 35.97 -40.31 -31.52
N GLN B 372 36.03 -40.83 -30.29
CA GLN B 372 36.63 -42.15 -30.09
C GLN B 372 35.82 -43.25 -30.78
N GLU B 373 34.50 -43.16 -30.72
CA GLU B 373 33.64 -44.09 -31.44
C GLU B 373 33.92 -44.03 -32.95
N ARG B 374 34.02 -42.82 -33.49
CA ARG B 374 34.30 -42.67 -34.93
C ARG B 374 35.67 -43.22 -35.31
N LYS B 375 36.64 -43.17 -34.39
CA LYS B 375 37.95 -43.76 -34.69
C LYS B 375 37.91 -45.29 -34.58
N GLU B 376 37.13 -45.83 -33.64
CA GLU B 376 37.12 -47.28 -33.47
C GLU B 376 36.33 -47.95 -34.58
N GLN B 377 35.34 -47.25 -35.12
CA GLN B 377 34.46 -47.77 -36.17
C GLN B 377 35.00 -47.91 -37.58
N ASP B 451 35.03 -47.57 -18.20
CA ASP B 451 36.14 -46.76 -17.69
C ASP B 451 35.70 -45.32 -17.45
N THR B 452 36.55 -44.56 -16.77
CA THR B 452 36.30 -43.16 -16.43
C THR B 452 37.22 -42.26 -17.25
N HIS B 453 36.65 -41.18 -17.79
CA HIS B 453 37.42 -40.31 -18.67
C HIS B 453 38.32 -39.43 -17.80
N ALA B 454 39.47 -39.03 -18.37
CA ALA B 454 40.42 -38.23 -17.61
C ALA B 454 39.80 -36.92 -17.14
N ILE B 455 38.83 -36.41 -17.90
CA ILE B 455 38.19 -35.14 -17.52
C ILE B 455 37.36 -35.34 -16.26
N ASP B 456 36.61 -36.45 -16.20
CA ASP B 456 35.87 -36.76 -14.98
C ASP B 456 36.80 -36.95 -13.77
N LYS B 457 37.89 -37.70 -13.99
CA LYS B 457 38.86 -38.02 -12.96
C LYS B 457 39.43 -36.78 -12.32
N TYR B 458 39.78 -35.77 -13.14
CA TYR B 458 40.36 -34.54 -12.63
C TYR B 458 39.31 -33.62 -12.02
N SER B 459 38.10 -33.60 -12.60
CA SER B 459 37.08 -32.68 -12.12
C SER B 459 36.68 -32.98 -10.68
N ARG B 460 36.61 -34.28 -10.34
CA ARG B 460 36.32 -34.71 -8.97
C ARG B 460 37.24 -34.08 -7.93
N ILE B 461 38.41 -33.63 -8.34
CA ILE B 461 39.38 -33.02 -7.44
C ILE B 461 39.36 -31.50 -7.55
N ILE B 462 39.24 -31.00 -8.77
CA ILE B 462 39.55 -29.60 -9.01
C ILE B 462 38.38 -28.71 -8.63
N PHE B 463 37.15 -29.11 -8.96
CA PHE B 463 36.03 -28.20 -8.65
C PHE B 463 35.90 -27.93 -7.15
N PRO B 464 35.94 -28.94 -6.26
CA PRO B 464 35.74 -28.64 -4.83
C PRO B 464 36.90 -27.83 -4.23
N ALA B 465 38.14 -28.14 -4.61
CA ALA B 465 39.28 -27.35 -4.13
C ALA B 465 39.10 -25.88 -4.47
N ALA B 466 38.68 -25.61 -5.71
CA ALA B 466 38.60 -24.23 -6.18
C ALA B 466 37.54 -23.45 -5.41
N TYR B 467 36.39 -24.09 -5.15
CA TYR B 467 35.37 -23.37 -4.38
C TYR B 467 35.82 -23.14 -2.93
N ILE B 468 36.56 -24.09 -2.34
CA ILE B 468 37.03 -23.87 -0.98
C ILE B 468 38.02 -22.71 -0.94
N LEU B 469 38.90 -22.61 -1.95
CA LEU B 469 39.82 -21.48 -2.02
C LEU B 469 39.06 -20.15 -2.13
N PHE B 470 38.00 -20.13 -2.94
CA PHE B 470 37.21 -18.92 -3.09
C PHE B 470 36.60 -18.50 -1.76
N ASN B 471 36.02 -19.45 -1.03
CA ASN B 471 35.38 -19.10 0.24
C ASN B 471 36.41 -18.57 1.24
N LEU B 472 37.59 -19.19 1.29
CA LEU B 472 38.62 -18.69 2.21
C LEU B 472 38.94 -17.22 1.90
N ILE B 473 39.10 -16.87 0.62
CA ILE B 473 39.42 -15.49 0.27
C ILE B 473 38.27 -14.54 0.63
N TYR B 474 37.04 -14.92 0.28
CA TYR B 474 35.89 -14.04 0.45
C TYR B 474 35.68 -13.71 1.93
N TRP B 475 35.69 -14.74 2.79
CA TRP B 475 35.48 -14.43 4.19
C TRP B 475 36.74 -13.87 4.86
N SER B 476 37.90 -13.90 4.19
CA SER B 476 39.01 -13.06 4.64
C SER B 476 38.81 -11.59 4.30
N ILE B 477 38.12 -11.28 3.19
CA ILE B 477 37.94 -9.88 2.81
C ILE B 477 36.80 -9.24 3.60
N PHE B 478 35.68 -9.94 3.73
CA PHE B 478 34.50 -9.36 4.35
C PHE B 478 34.31 -9.78 5.81
N SER B 479 35.16 -10.66 6.33
CA SER B 479 35.28 -10.98 7.76
C SER B 479 33.99 -11.38 8.48
N LEU C 78 -14.23 49.44 2.02
CA LEU C 78 -14.90 49.66 0.74
C LEU C 78 -16.22 48.89 0.66
N LEU C 79 -16.18 47.57 0.79
CA LEU C 79 -17.42 46.79 0.82
C LEU C 79 -18.05 46.88 2.20
N ARG C 80 -19.36 47.17 2.24
CA ARG C 80 -20.05 47.30 3.52
C ARG C 80 -20.44 45.93 4.02
N ILE C 81 -19.46 45.24 4.59
CA ILE C 81 -19.71 43.87 5.06
C ILE C 81 -20.47 43.83 6.39
N ASP C 82 -20.29 44.85 7.25
CA ASP C 82 -20.87 44.86 8.58
C ASP C 82 -22.36 45.19 8.60
N ASP C 83 -22.94 45.62 7.48
CA ASP C 83 -24.30 46.15 7.46
C ASP C 83 -25.39 45.09 7.33
N HIS C 84 -25.06 43.85 6.91
CA HIS C 84 -26.05 42.92 6.35
C HIS C 84 -25.99 41.55 7.02
N ASP C 85 -27.06 40.76 6.84
CA ASP C 85 -27.12 39.39 7.38
C ASP C 85 -26.91 38.42 6.23
N PHE C 86 -25.67 37.96 6.07
CA PHE C 86 -25.32 37.05 4.98
C PHE C 86 -25.59 35.58 5.31
N SER C 87 -26.40 35.29 6.33
CA SER C 87 -27.00 33.96 6.44
C SER C 87 -28.16 33.76 5.47
N MET C 88 -28.64 34.81 4.80
CA MET C 88 -29.76 34.73 3.89
C MET C 88 -29.32 35.07 2.47
N ARG C 89 -29.88 34.33 1.50
CA ARG C 89 -29.51 34.46 0.09
C ARG C 89 -30.04 35.77 -0.48
N PRO C 90 -29.50 36.23 -1.62
CA PRO C 90 -30.12 37.36 -2.31
C PRO C 90 -31.51 36.97 -2.79
N GLY C 91 -32.48 37.84 -2.52
CA GLY C 91 -33.82 37.51 -2.95
C GLY C 91 -34.61 36.61 -2.03
N PHE C 92 -34.17 36.49 -0.77
CA PHE C 92 -34.74 35.56 0.20
C PHE C 92 -36.20 35.88 0.42
N GLY C 93 -37.06 34.86 0.31
CA GLY C 93 -38.49 35.03 0.41
C GLY C 93 -39.19 35.50 -0.86
N GLY C 94 -38.49 35.49 -1.99
CA GLY C 94 -39.03 35.85 -3.27
C GLY C 94 -38.48 34.90 -4.31
N PRO C 95 -38.45 35.31 -5.59
CA PRO C 95 -38.08 34.33 -6.63
C PRO C 95 -36.66 33.79 -6.55
N ALA C 96 -36.35 32.81 -7.40
CA ALA C 96 -35.09 32.10 -7.35
C ALA C 96 -33.95 32.96 -7.89
N ILE C 97 -32.75 32.71 -7.37
CA ILE C 97 -31.57 33.44 -7.84
C ILE C 97 -30.90 32.63 -8.94
N PRO C 98 -30.58 33.25 -10.08
CA PRO C 98 -29.85 32.54 -11.15
C PRO C 98 -28.35 32.52 -10.87
N VAL C 99 -27.74 31.33 -11.02
CA VAL C 99 -26.31 31.15 -10.88
C VAL C 99 -25.77 30.44 -12.11
N GLY C 100 -24.81 31.09 -12.80
CA GLY C 100 -24.18 30.50 -13.97
C GLY C 100 -22.80 29.93 -13.69
N VAL C 101 -22.42 28.90 -14.47
CA VAL C 101 -21.22 28.10 -14.23
C VAL C 101 -20.42 27.93 -15.53
N ASP C 102 -19.08 28.01 -15.43
CA ASP C 102 -18.21 27.42 -16.47
C ASP C 102 -16.95 26.81 -15.85
N VAL C 103 -16.23 26.03 -16.65
CA VAL C 103 -15.25 25.04 -16.17
C VAL C 103 -14.07 24.95 -17.12
N GLN C 104 -12.86 24.78 -16.59
CA GLN C 104 -11.70 24.28 -17.35
C GLN C 104 -11.06 23.07 -16.67
N VAL C 105 -10.90 21.99 -17.43
CA VAL C 105 -10.23 20.77 -16.97
C VAL C 105 -8.72 20.93 -17.10
N GLU C 106 -8.00 20.68 -16.01
CA GLU C 106 -6.54 20.76 -16.03
C GLU C 106 -5.89 19.39 -16.26
N SER C 107 -6.42 18.33 -15.65
CA SER C 107 -5.86 17.00 -15.89
C SER C 107 -6.86 15.91 -15.54
N LEU C 108 -6.76 14.79 -16.26
CA LEU C 108 -7.41 13.52 -15.91
C LEU C 108 -6.30 12.63 -15.37
N ASP C 109 -6.35 12.34 -14.07
CA ASP C 109 -5.19 11.90 -13.29
C ASP C 109 -4.97 10.38 -13.24
N SER C 110 -6.02 9.56 -13.11
CA SER C 110 -5.85 8.11 -13.04
C SER C 110 -7.21 7.41 -13.16
N ILE C 111 -7.16 6.10 -13.41
CA ILE C 111 -8.34 5.27 -13.61
C ILE C 111 -8.09 3.89 -13.00
N SER C 112 -9.13 3.29 -12.42
CA SER C 112 -9.04 1.96 -11.80
C SER C 112 -10.19 1.08 -12.23
N GLU C 113 -9.87 -0.09 -12.77
CA GLU C 113 -10.90 -1.10 -13.06
C GLU C 113 -11.34 -1.81 -11.79
N VAL C 114 -10.41 -2.00 -10.85
CA VAL C 114 -10.70 -2.76 -9.63
C VAL C 114 -11.61 -1.96 -8.72
N ASP C 115 -11.44 -0.64 -8.67
CA ASP C 115 -12.31 0.21 -7.87
C ASP C 115 -13.44 0.84 -8.67
N MET C 116 -13.34 0.81 -10.00
CA MET C 116 -14.31 1.40 -10.91
C MET C 116 -14.50 2.90 -10.65
N ASP C 117 -13.41 3.66 -10.83
CA ASP C 117 -13.48 5.10 -10.60
C ASP C 117 -12.37 5.81 -11.37
N PHE C 118 -12.43 7.15 -11.39
CA PHE C 118 -11.45 8.00 -12.05
C PHE C 118 -11.25 9.27 -11.24
N THR C 119 -10.11 9.94 -11.43
CA THR C 119 -9.75 11.16 -10.70
C THR C 119 -9.49 12.32 -11.66
N MET C 120 -10.00 13.51 -11.33
CA MET C 120 -9.92 14.68 -12.21
C MET C 120 -9.57 15.94 -11.41
N THR C 121 -8.77 16.83 -12.01
CA THR C 121 -8.44 18.13 -11.42
C THR C 121 -8.91 19.26 -12.32
N LEU C 122 -9.58 20.27 -11.76
CA LEU C 122 -10.24 21.27 -12.60
C LEU C 122 -10.33 22.64 -11.92
N TYR C 123 -10.62 23.66 -12.72
CA TYR C 123 -10.96 25.01 -12.25
C TYR C 123 -12.46 25.24 -12.44
N LEU C 124 -13.14 25.72 -11.40
CA LEU C 124 -14.60 25.85 -11.37
C LEU C 124 -15.02 27.28 -11.00
N ARG C 125 -15.98 27.85 -11.74
CA ARG C 125 -16.28 29.27 -11.69
C ARG C 125 -17.77 29.55 -11.58
N HIS C 126 -18.15 30.60 -10.80
CA HIS C 126 -19.54 30.95 -10.50
C HIS C 126 -19.81 32.42 -10.79
N TYR C 127 -21.04 32.70 -11.25
CA TYR C 127 -21.44 34.07 -11.60
C TYR C 127 -22.83 34.43 -11.07
N TRP C 128 -22.96 35.53 -10.32
CA TRP C 128 -24.25 36.01 -9.82
C TRP C 128 -24.15 37.49 -9.46
N LYS C 129 -25.31 38.07 -9.09
CA LYS C 129 -25.44 39.46 -8.65
C LYS C 129 -26.02 39.58 -7.24
N ASP C 130 -25.41 40.44 -6.42
CA ASP C 130 -25.90 40.76 -5.07
C ASP C 130 -25.64 42.24 -4.80
N GLU C 131 -26.72 43.01 -4.68
CA GLU C 131 -26.64 44.46 -4.52
C GLU C 131 -26.12 44.86 -3.15
N ARG C 132 -25.99 43.91 -2.22
CA ARG C 132 -25.44 44.24 -0.91
C ARG C 132 -23.94 44.46 -1.02
N LEU C 133 -23.34 44.06 -2.14
CA LEU C 133 -21.92 44.22 -2.43
C LEU C 133 -21.60 45.37 -3.40
N SER C 134 -22.55 46.28 -3.63
CA SER C 134 -22.31 47.42 -4.51
C SER C 134 -21.39 48.44 -3.86
N PHE C 135 -20.60 49.14 -4.69
CA PHE C 135 -19.70 50.19 -4.19
C PHE C 135 -19.51 51.28 -5.24
N PRO C 136 -19.10 52.50 -4.84
CA PRO C 136 -19.04 53.59 -5.81
C PRO C 136 -17.67 53.72 -6.47
N SER C 137 -17.67 54.09 -7.75
CA SER C 137 -16.44 54.32 -8.50
C SER C 137 -16.77 55.08 -9.78
N THR C 138 -15.74 55.70 -10.37
CA THR C 138 -15.92 56.41 -11.63
C THR C 138 -15.53 55.59 -12.86
N ASN C 139 -14.79 54.49 -12.68
CA ASN C 139 -14.22 53.75 -13.80
C ASN C 139 -15.14 52.66 -14.36
N ASN C 140 -16.11 52.18 -13.58
CA ASN C 140 -17.03 51.12 -13.95
C ASN C 140 -16.34 49.77 -14.21
N LEU C 141 -15.16 49.55 -13.61
CA LEU C 141 -14.35 48.35 -13.83
C LEU C 141 -14.43 47.39 -12.65
N SER C 142 -14.01 46.14 -12.90
CA SER C 142 -14.03 45.09 -11.90
C SER C 142 -12.77 45.12 -11.03
N MET C 143 -12.91 44.76 -9.74
CA MET C 143 -11.83 44.83 -8.76
C MET C 143 -11.62 43.48 -8.07
N THR C 144 -10.35 43.11 -7.83
CA THR C 144 -10.01 41.90 -7.08
C THR C 144 -9.75 42.15 -5.59
N PHE C 145 -10.18 41.20 -4.75
CA PHE C 145 -10.10 41.29 -3.29
C PHE C 145 -9.34 40.09 -2.72
N ASP C 146 -8.90 40.22 -1.45
CA ASP C 146 -7.84 39.36 -0.90
C ASP C 146 -8.17 37.88 -0.92
N GLY C 147 -9.40 37.51 -0.59
CA GLY C 147 -9.79 36.13 -0.46
C GLY C 147 -10.28 35.73 0.91
N ARG C 148 -9.92 36.48 1.95
CA ARG C 148 -10.41 36.20 3.29
C ARG C 148 -11.84 36.67 3.48
N LEU C 149 -12.38 37.45 2.53
CA LEU C 149 -13.75 37.93 2.63
C LEU C 149 -14.77 36.86 2.26
N VAL C 150 -14.34 35.77 1.61
CA VAL C 150 -15.26 34.78 1.08
C VAL C 150 -16.08 34.14 2.19
N LYS C 151 -15.53 34.15 3.40
CA LYS C 151 -16.09 33.53 4.60
C LYS C 151 -17.03 34.47 5.34
N LYS C 152 -17.17 35.71 4.85
CA LYS C 152 -18.03 36.71 5.47
C LYS C 152 -19.33 36.92 4.70
N ILE C 153 -19.25 36.99 3.37
CA ILE C 153 -20.36 37.11 2.44
C ILE C 153 -21.06 35.77 2.18
N TRP C 154 -22.19 35.83 1.46
CA TRP C 154 -22.92 34.65 0.99
C TRP C 154 -22.29 34.10 -0.29
N VAL C 155 -22.31 32.78 -0.43
CA VAL C 155 -21.72 32.10 -1.57
C VAL C 155 -22.53 30.85 -1.93
N PRO C 156 -22.68 30.48 -3.21
CA PRO C 156 -23.44 29.27 -3.57
C PRO C 156 -22.78 27.97 -3.08
N ASP C 157 -23.59 26.89 -3.03
CA ASP C 157 -23.22 25.67 -2.29
C ASP C 157 -23.11 24.39 -3.13
N MET C 158 -22.28 24.39 -4.17
CA MET C 158 -22.23 23.26 -5.09
C MET C 158 -21.48 22.07 -4.50
N PHE C 159 -21.90 20.86 -4.90
CA PHE C 159 -21.23 19.62 -4.51
C PHE C 159 -21.21 18.65 -5.70
N PHE C 160 -20.27 17.71 -5.65
CA PHE C 160 -20.08 16.73 -6.71
C PHE C 160 -20.84 15.44 -6.38
N VAL C 161 -21.90 15.15 -7.14
CA VAL C 161 -22.75 14.00 -6.87
C VAL C 161 -22.06 12.69 -7.27
N HIS C 162 -22.33 11.65 -6.49
CA HIS C 162 -21.78 10.29 -6.60
C HIS C 162 -20.25 10.26 -6.49
N SER C 163 -19.65 11.19 -5.78
CA SER C 163 -18.19 11.24 -5.65
C SER C 163 -17.71 10.49 -4.41
N LYS C 164 -16.49 9.98 -4.48
CA LYS C 164 -15.90 9.20 -3.39
C LYS C 164 -15.15 10.10 -2.41
N ARG C 165 -14.33 11.03 -2.93
CA ARG C 165 -13.59 11.98 -2.11
C ARG C 165 -13.17 13.17 -2.97
N SER C 166 -12.89 14.32 -2.33
CA SER C 166 -12.39 15.51 -3.02
C SER C 166 -11.72 16.46 -2.03
N PHE C 167 -10.91 17.40 -2.56
CA PHE C 167 -10.42 18.51 -1.73
C PHE C 167 -10.14 19.79 -2.55
N ILE C 168 -10.01 20.90 -1.82
CA ILE C 168 -9.58 22.20 -2.37
C ILE C 168 -8.12 22.43 -2.00
N HIS C 169 -7.31 22.89 -2.96
CA HIS C 169 -5.88 23.09 -2.74
C HIS C 169 -5.59 24.34 -1.89
N ASP C 170 -4.52 24.26 -1.05
CA ASP C 170 -4.27 25.31 -0.06
C ASP C 170 -2.79 25.65 0.19
N THR C 171 -1.90 25.53 -0.79
CA THR C 171 -0.53 26.00 -0.71
C THR C 171 -0.28 26.93 -1.90
N THR C 172 0.20 28.15 -1.66
CA THR C 172 0.72 28.68 -0.40
C THR C 172 -0.39 29.24 0.49
N THR C 173 -1.56 29.45 -0.10
CA THR C 173 -2.79 29.81 0.59
C THR C 173 -3.94 29.10 -0.11
N ASP C 174 -5.17 29.43 0.26
CA ASP C 174 -6.33 28.81 -0.37
C ASP C 174 -6.35 29.24 -1.83
N ASN C 175 -6.53 28.30 -2.74
CA ASN C 175 -6.54 28.62 -4.17
C ASN C 175 -7.94 29.09 -4.57
N VAL C 176 -8.23 30.34 -4.24
CA VAL C 176 -9.57 30.94 -4.34
C VAL C 176 -9.46 32.36 -4.87
N MET C 177 -10.45 32.80 -5.64
CA MET C 177 -10.46 34.13 -6.26
C MET C 177 -11.83 34.79 -6.17
N LEU C 178 -11.86 36.08 -5.86
CA LEU C 178 -13.11 36.83 -5.74
C LEU C 178 -12.96 38.18 -6.44
N ARG C 179 -13.84 38.43 -7.43
CA ARG C 179 -13.85 39.70 -8.17
C ARG C 179 -15.25 40.32 -8.16
N VAL C 180 -15.38 41.63 -7.95
CA VAL C 180 -16.67 42.32 -7.82
C VAL C 180 -16.68 43.61 -8.64
N GLN C 181 -17.83 43.89 -9.28
CA GLN C 181 -18.13 45.10 -10.04
C GLN C 181 -18.97 46.07 -9.21
N PRO C 182 -18.84 47.37 -9.48
CA PRO C 182 -19.58 48.39 -8.72
C PRO C 182 -21.09 48.19 -8.57
N ASP C 183 -21.79 47.63 -9.56
CA ASP C 183 -23.21 47.29 -9.42
C ASP C 183 -23.51 46.00 -8.64
N GLY C 184 -22.52 45.33 -8.06
CA GLY C 184 -22.73 44.10 -7.31
C GLY C 184 -22.67 42.79 -8.06
N LYS C 185 -22.22 42.77 -9.33
CA LYS C 185 -21.97 41.50 -9.99
C LYS C 185 -20.70 40.83 -9.44
N VAL C 186 -20.77 39.51 -9.25
CA VAL C 186 -19.71 38.77 -8.57
C VAL C 186 -19.16 37.66 -9.47
N LEU C 187 -17.85 37.47 -9.46
CA LEU C 187 -17.20 36.30 -10.06
C LEU C 187 -16.36 35.61 -8.98
N TYR C 188 -16.51 34.29 -8.87
CA TYR C 188 -15.91 33.48 -7.81
C TYR C 188 -15.31 32.22 -8.43
N SER C 189 -14.07 31.88 -8.05
CA SER C 189 -13.36 30.77 -8.68
C SER C 189 -12.50 29.99 -7.68
N LEU C 190 -12.41 28.67 -7.87
CA LEU C 190 -11.53 27.83 -7.04
C LEU C 190 -11.09 26.58 -7.81
N ARG C 191 -9.94 26.02 -7.38
CA ARG C 191 -9.27 24.83 -7.92
C ARG C 191 -9.48 23.60 -7.04
N VAL C 192 -9.91 22.47 -7.63
CA VAL C 192 -10.28 21.25 -6.88
C VAL C 192 -9.86 19.96 -7.60
N THR C 193 -9.68 18.90 -6.82
CA THR C 193 -9.47 17.54 -7.31
C THR C 193 -10.59 16.62 -6.81
N VAL C 194 -11.11 15.76 -7.69
CA VAL C 194 -12.27 14.93 -7.41
C VAL C 194 -12.02 13.48 -7.83
N THR C 195 -12.50 12.52 -7.05
CA THR C 195 -12.53 11.11 -7.44
C THR C 195 -13.99 10.64 -7.50
N ALA C 196 -14.38 10.05 -8.63
CA ALA C 196 -15.80 9.82 -8.94
C ALA C 196 -16.06 8.42 -9.47
N MET C 197 -17.29 7.97 -9.24
CA MET C 197 -17.75 6.62 -9.59
C MET C 197 -17.99 6.47 -11.10
N CYS C 198 -17.64 5.29 -11.64
CA CYS C 198 -17.87 5.00 -13.06
C CYS C 198 -18.05 3.50 -13.27
N ASN C 199 -19.24 3.11 -13.69
CA ASN C 199 -19.58 1.70 -13.93
C ASN C 199 -19.02 1.23 -15.27
N MET C 200 -18.33 0.09 -15.27
CA MET C 200 -17.55 -0.39 -16.40
C MET C 200 -17.99 -1.77 -16.86
N ASP C 201 -17.97 -2.01 -18.17
CA ASP C 201 -18.35 -3.28 -18.78
C ASP C 201 -17.11 -3.87 -19.46
N PHE C 202 -16.76 -5.10 -19.10
CA PHE C 202 -15.53 -5.73 -19.56
C PHE C 202 -15.76 -6.94 -20.46
N SER C 203 -16.95 -7.07 -21.04
CA SER C 203 -17.24 -8.25 -21.86
C SER C 203 -16.36 -8.29 -23.11
N ARG C 204 -15.90 -7.14 -23.60
CA ARG C 204 -15.05 -7.07 -24.77
C ARG C 204 -13.59 -6.76 -24.44
N PHE C 205 -13.23 -6.79 -23.17
CA PHE C 205 -11.88 -6.46 -22.72
C PHE C 205 -10.86 -7.42 -23.32
N PRO C 206 -9.70 -6.93 -23.80
CA PRO C 206 -9.15 -5.56 -23.76
C PRO C 206 -9.51 -4.66 -24.95
N LEU C 207 -10.48 -5.05 -25.78
CA LEU C 207 -10.87 -4.24 -26.93
C LEU C 207 -12.10 -3.37 -26.65
N ASP C 208 -12.20 -2.81 -25.45
CA ASP C 208 -13.39 -2.18 -24.92
C ASP C 208 -13.35 -0.66 -25.07
N THR C 209 -14.53 -0.04 -25.03
CA THR C 209 -14.73 1.41 -24.97
C THR C 209 -15.60 1.75 -23.76
N GLN C 210 -15.25 2.79 -23.01
CA GLN C 210 -16.01 3.16 -21.81
C GLN C 210 -16.47 4.62 -21.89
N THR C 211 -17.58 4.96 -21.21
CA THR C 211 -18.02 6.36 -21.21
C THR C 211 -18.25 6.81 -19.77
N CYS C 212 -17.98 8.08 -19.48
CA CYS C 212 -17.88 8.58 -18.12
C CYS C 212 -18.50 9.97 -18.00
N SER C 213 -18.84 10.36 -16.76
CA SER C 213 -19.39 11.68 -16.49
C SER C 213 -19.15 12.14 -15.05
N LEU C 214 -19.08 13.47 -14.88
CA LEU C 214 -18.97 14.16 -13.60
C LEU C 214 -20.22 15.02 -13.38
N GLU C 215 -20.82 14.92 -12.19
CA GLU C 215 -22.15 15.50 -11.90
C GLU C 215 -22.04 16.62 -10.86
N ILE C 216 -22.78 17.71 -11.07
CA ILE C 216 -22.70 18.93 -10.24
C ILE C 216 -24.10 19.40 -9.86
N GLU C 217 -24.28 19.80 -8.59
CA GLU C 217 -25.60 20.04 -8.00
C GLU C 217 -25.46 20.94 -6.77
N SER C 218 -26.55 21.66 -6.43
CA SER C 218 -26.61 22.41 -5.18
C SER C 218 -27.12 21.54 -4.04
N TYR C 219 -26.54 21.70 -2.85
CA TYR C 219 -26.92 20.79 -1.77
C TYR C 219 -28.24 21.21 -1.11
N ALA C 220 -28.38 22.49 -0.77
CA ALA C 220 -29.47 22.87 0.13
C ALA C 220 -30.69 23.49 -0.55
N TYR C 221 -30.56 23.98 -1.78
CA TYR C 221 -31.58 24.87 -2.35
C TYR C 221 -32.24 24.19 -3.55
N THR C 222 -33.57 24.15 -3.56
CA THR C 222 -34.31 23.55 -4.66
C THR C 222 -34.51 24.55 -5.80
N GLU C 223 -34.99 24.05 -6.93
CA GLU C 223 -35.24 24.90 -8.11
C GLU C 223 -36.19 26.06 -7.82
N ASP C 224 -36.91 26.04 -6.68
CA ASP C 224 -37.73 27.19 -6.30
C ASP C 224 -36.91 28.31 -5.69
N ASP C 225 -35.68 28.05 -5.26
CA ASP C 225 -34.84 29.08 -4.66
C ASP C 225 -33.55 29.36 -5.41
N LEU C 226 -33.01 28.37 -6.14
CA LEU C 226 -31.80 28.61 -6.92
C LEU C 226 -31.92 27.98 -8.30
N MET C 227 -31.49 28.71 -9.34
CA MET C 227 -31.54 28.27 -10.72
C MET C 227 -30.12 28.15 -11.27
N LEU C 228 -29.74 26.95 -11.70
CA LEU C 228 -28.37 26.62 -12.04
C LEU C 228 -28.26 26.26 -13.53
N TYR C 229 -27.33 26.89 -14.25
CA TYR C 229 -27.22 26.72 -15.70
C TYR C 229 -25.79 26.95 -16.18
N TRP C 230 -25.47 26.40 -17.35
CA TRP C 230 -24.19 26.63 -18.02
C TRP C 230 -24.14 28.06 -18.58
N LYS C 231 -23.07 28.78 -18.25
CA LYS C 231 -23.02 30.24 -18.45
C LYS C 231 -23.06 30.65 -19.91
N LYS C 232 -22.44 29.85 -20.80
CA LYS C 232 -22.32 30.22 -22.20
C LYS C 232 -22.73 29.08 -23.11
N GLY C 233 -23.67 28.24 -22.66
CA GLY C 233 -24.08 27.10 -23.45
C GLY C 233 -22.95 26.10 -23.64
N ASN C 234 -22.82 25.58 -24.86
CA ASN C 234 -21.83 24.55 -25.13
C ASN C 234 -20.39 25.08 -25.04
N ASP C 235 -20.19 26.40 -25.06
CA ASP C 235 -18.85 26.98 -24.98
C ASP C 235 -18.36 27.06 -23.53
N SER C 236 -19.08 26.47 -22.58
CA SER C 236 -18.76 26.62 -21.16
C SER C 236 -17.71 25.63 -20.66
N LEU C 237 -17.21 24.74 -21.51
CA LEU C 237 -16.19 23.77 -21.12
C LEU C 237 -14.94 23.92 -21.99
N LYS C 238 -13.80 24.10 -21.33
CA LYS C 238 -12.47 24.16 -21.91
C LYS C 238 -11.58 23.05 -21.35
N THR C 239 -10.56 22.65 -22.11
CA THR C 239 -9.69 21.54 -21.76
C THR C 239 -8.23 21.87 -22.05
N ASP C 240 -7.34 21.49 -21.11
CA ASP C 240 -5.91 21.74 -21.22
C ASP C 240 -5.28 20.89 -22.33
N GLU C 241 -4.39 21.50 -23.11
CA GLU C 241 -3.78 20.79 -24.24
C GLU C 241 -2.81 19.70 -23.80
N ARG C 242 -2.41 19.69 -22.52
CA ARG C 242 -1.46 18.70 -22.01
C ARG C 242 -2.11 17.39 -21.55
N ILE C 243 -3.44 17.26 -21.65
CA ILE C 243 -4.12 16.13 -21.02
C ILE C 243 -3.85 14.84 -21.79
N SER C 244 -3.49 13.78 -21.07
CA SER C 244 -3.03 12.53 -21.67
C SER C 244 -3.12 11.39 -20.65
N LEU C 245 -3.32 10.17 -21.16
CA LEU C 245 -3.23 8.92 -20.38
C LEU C 245 -2.39 7.92 -21.17
N SER C 246 -1.55 7.15 -20.49
CA SER C 246 -0.67 6.25 -21.22
C SER C 246 -1.41 5.07 -21.86
N GLN C 247 -2.59 4.73 -21.36
CA GLN C 247 -3.29 3.51 -21.77
C GLN C 247 -4.54 3.78 -22.60
N PHE C 248 -5.05 5.01 -22.63
CA PHE C 248 -6.32 5.32 -23.27
C PHE C 248 -6.17 6.50 -24.23
N LEU C 249 -6.94 6.44 -25.33
CA LEU C 249 -7.27 7.62 -26.12
C LEU C 249 -8.51 8.28 -25.54
N ILE C 250 -8.46 9.61 -25.32
CA ILE C 250 -9.57 10.37 -24.75
C ILE C 250 -10.26 11.16 -25.86
N GLN C 251 -11.61 11.14 -25.87
CA GLN C 251 -12.39 11.79 -26.91
C GLN C 251 -13.77 12.21 -26.41
N GLU C 252 -14.39 13.12 -27.18
CA GLU C 252 -15.84 13.41 -27.12
C GLU C 252 -16.28 14.11 -25.83
N PHE C 253 -15.54 15.14 -25.42
CA PHE C 253 -15.94 15.98 -24.28
C PHE C 253 -17.16 16.83 -24.63
N HIS C 254 -18.24 16.75 -23.83
CA HIS C 254 -19.41 17.62 -24.01
C HIS C 254 -20.24 17.68 -22.72
N THR C 255 -21.18 18.65 -22.66
CA THR C 255 -21.96 18.97 -21.45
C THR C 255 -23.47 18.85 -21.67
N THR C 256 -24.20 18.47 -20.62
CA THR C 256 -25.67 18.32 -20.65
C THR C 256 -26.30 18.73 -19.31
N THR C 257 -27.64 18.73 -19.25
CA THR C 257 -28.43 19.12 -18.08
C THR C 257 -29.63 18.19 -17.87
N LYS C 258 -30.04 18.01 -16.61
CA LYS C 258 -31.22 17.20 -16.27
C LYS C 258 -31.75 17.59 -14.89
N LEU C 259 -33.04 17.37 -14.67
CA LEU C 259 -33.67 17.58 -13.36
C LEU C 259 -33.67 16.30 -12.53
N ALA C 260 -33.47 16.45 -11.21
CA ALA C 260 -33.38 15.33 -10.28
C ALA C 260 -34.35 15.52 -9.11
N PHE C 261 -34.81 14.40 -8.54
CA PHE C 261 -35.85 14.39 -7.51
C PHE C 261 -35.41 13.55 -6.30
N TYR C 262 -35.59 14.10 -5.10
CA TYR C 262 -35.38 13.37 -3.85
C TYR C 262 -36.70 13.39 -3.08
N SER C 263 -37.13 12.20 -2.63
CA SER C 263 -38.49 12.05 -2.09
C SER C 263 -38.74 12.95 -0.89
N SER C 264 -37.76 13.09 -0.01
CA SER C 264 -37.97 13.82 1.22
C SER C 264 -37.79 15.33 1.06
N THR C 265 -37.12 15.79 0.00
CA THR C 265 -36.65 17.18 -0.03
C THR C 265 -36.95 17.97 -1.31
N GLY C 266 -37.23 17.34 -2.45
CA GLY C 266 -37.66 18.11 -3.61
C GLY C 266 -36.89 17.99 -4.92
N TRP C 267 -37.04 18.98 -5.81
CA TRP C 267 -36.52 18.95 -7.17
C TRP C 267 -35.29 19.85 -7.32
N TYR C 268 -34.30 19.41 -8.10
CA TYR C 268 -33.02 20.10 -8.23
C TYR C 268 -32.48 20.05 -9.66
N ASN C 269 -31.71 21.08 -10.07
CA ASN C 269 -31.06 21.10 -11.37
C ASN C 269 -29.69 20.44 -11.24
N ARG C 270 -29.32 19.60 -12.22
CA ARG C 270 -28.04 18.91 -12.23
C ARG C 270 -27.33 19.09 -13.57
N LEU C 271 -26.04 19.46 -13.53
CA LEU C 271 -25.21 19.63 -14.71
C LEU C 271 -24.27 18.44 -14.88
N TYR C 272 -23.92 18.14 -16.15
CA TYR C 272 -23.14 16.97 -16.50
C TYR C 272 -21.96 17.33 -17.39
N ILE C 273 -20.80 16.72 -17.13
CA ILE C 273 -19.64 16.73 -18.02
C ILE C 273 -19.40 15.30 -18.50
N ASN C 274 -19.36 15.08 -19.81
CA ASN C 274 -19.31 13.73 -20.38
C ASN C 274 -18.07 13.50 -21.24
N PHE C 275 -17.55 12.26 -21.27
CA PHE C 275 -16.40 11.94 -22.12
C PHE C 275 -16.27 10.43 -22.37
N THR C 276 -15.47 10.08 -23.40
CA THR C 276 -15.28 8.70 -23.89
C THR C 276 -13.81 8.30 -23.85
N LEU C 277 -13.54 7.02 -23.53
CA LEU C 277 -12.20 6.42 -23.50
C LEU C 277 -12.09 5.17 -24.37
N ARG C 278 -10.94 4.99 -25.03
CA ARG C 278 -10.64 3.82 -25.86
C ARG C 278 -9.26 3.28 -25.53
N ARG C 279 -9.17 1.98 -25.25
CA ARG C 279 -7.93 1.36 -24.75
C ARG C 279 -6.98 1.02 -25.91
N HIS C 280 -5.68 1.20 -25.68
CA HIS C 280 -4.66 0.74 -26.64
C HIS C 280 -4.40 -0.75 -26.45
N ILE C 281 -4.38 -1.52 -27.55
CA ILE C 281 -4.26 -2.98 -27.43
C ILE C 281 -2.83 -3.51 -27.51
N PHE C 282 -1.85 -2.69 -27.91
CA PHE C 282 -0.50 -3.17 -28.20
C PHE C 282 0.08 -4.03 -27.07
N PHE C 283 -0.01 -3.52 -25.84
CA PHE C 283 0.55 -4.21 -24.67
C PHE C 283 0.02 -5.63 -24.56
N PHE C 284 -1.29 -5.80 -24.76
CA PHE C 284 -1.88 -7.13 -24.59
C PHE C 284 -1.49 -8.06 -25.72
N LEU C 285 -1.44 -7.59 -26.97
CA LEU C 285 -0.92 -8.47 -28.02
C LEU C 285 0.41 -9.06 -27.57
N LEU C 286 1.37 -8.18 -27.25
CA LEU C 286 2.74 -8.61 -26.96
C LEU C 286 2.83 -9.45 -25.68
N GLN C 287 2.02 -9.12 -24.69
CA GLN C 287 2.11 -9.69 -23.35
C GLN C 287 1.24 -10.92 -23.16
N THR C 288 0.24 -11.17 -24.03
CA THR C 288 -0.70 -12.26 -23.80
C THR C 288 -1.01 -13.06 -25.07
N TYR C 289 -1.35 -12.42 -26.20
CA TYR C 289 -1.83 -13.23 -27.31
C TYR C 289 -0.66 -13.94 -27.99
N PHE C 290 0.49 -13.28 -28.12
CA PHE C 290 1.61 -13.92 -28.81
C PHE C 290 2.14 -15.14 -28.07
N PRO C 291 2.43 -15.08 -26.75
CA PRO C 291 2.99 -16.28 -26.09
C PRO C 291 2.04 -17.48 -26.05
N ALA C 292 0.73 -17.25 -25.92
CA ALA C 292 -0.22 -18.34 -26.07
C ALA C 292 -0.07 -19.00 -27.44
N THR C 293 -0.05 -18.19 -28.49
CA THR C 293 0.09 -18.72 -29.84
C THR C 293 1.35 -19.56 -29.97
N LEU C 294 2.45 -19.10 -29.35
CA LEU C 294 3.71 -19.80 -29.47
C LEU C 294 3.68 -21.15 -28.76
N MET C 295 3.00 -21.23 -27.61
CA MET C 295 2.84 -22.54 -26.97
C MET C 295 2.07 -23.50 -27.87
N VAL C 296 1.01 -23.00 -28.52
CA VAL C 296 0.24 -23.89 -29.40
C VAL C 296 1.12 -24.42 -30.54
N MET C 297 1.94 -23.55 -31.12
CA MET C 297 2.83 -23.97 -32.19
C MET C 297 3.91 -24.93 -31.71
N LEU C 298 4.38 -24.80 -30.47
CA LEU C 298 5.31 -25.79 -29.95
C LEU C 298 4.67 -27.17 -29.89
N SER C 299 3.39 -27.24 -29.47
CA SER C 299 2.78 -28.56 -29.32
C SER C 299 2.72 -29.32 -30.64
N TRP C 300 2.76 -28.61 -31.76
CA TRP C 300 2.68 -29.24 -33.08
C TRP C 300 3.97 -29.97 -33.46
N VAL C 301 5.12 -29.52 -32.95
CA VAL C 301 6.39 -30.20 -33.23
C VAL C 301 6.35 -31.70 -32.96
N SER C 302 5.56 -32.12 -31.98
CA SER C 302 5.50 -33.53 -31.59
C SER C 302 5.15 -34.43 -32.77
N PHE C 303 4.28 -33.96 -33.67
CA PHE C 303 3.80 -34.77 -34.79
C PHE C 303 4.91 -35.13 -35.78
N TRP C 304 6.09 -34.50 -35.69
CA TRP C 304 7.18 -34.71 -36.62
C TRP C 304 8.30 -35.55 -36.01
N ILE C 305 8.04 -36.23 -34.89
CA ILE C 305 9.07 -36.89 -34.10
C ILE C 305 8.73 -38.38 -34.07
N ASP C 306 9.76 -39.22 -34.18
CA ASP C 306 9.61 -40.68 -34.26
C ASP C 306 8.77 -41.20 -33.09
N ARG C 307 7.74 -42.00 -33.42
CA ARG C 307 6.78 -42.48 -32.42
C ARG C 307 7.43 -43.35 -31.36
N ARG C 308 8.63 -43.87 -31.63
CA ARG C 308 9.33 -44.71 -30.68
C ARG C 308 10.06 -43.92 -29.60
N ALA C 309 10.21 -42.60 -29.76
CA ALA C 309 10.91 -41.80 -28.75
C ALA C 309 9.96 -41.40 -27.64
N VAL C 310 9.53 -42.37 -26.85
CA VAL C 310 8.49 -42.13 -25.85
C VAL C 310 8.85 -41.03 -24.85
N PRO C 311 10.05 -41.06 -24.22
CA PRO C 311 10.37 -40.08 -23.18
C PRO C 311 10.73 -38.72 -23.73
N ALA C 312 10.70 -38.52 -25.05
CA ALA C 312 10.75 -37.22 -25.67
C ALA C 312 9.36 -36.66 -25.98
N ARG C 313 8.51 -37.45 -26.63
CA ARG C 313 7.22 -36.94 -27.05
C ARG C 313 6.29 -36.67 -25.87
N VAL C 314 6.46 -37.39 -24.76
CA VAL C 314 5.50 -37.21 -23.66
C VAL C 314 5.75 -35.90 -22.90
N PRO C 315 6.97 -35.62 -22.43
CA PRO C 315 7.19 -34.34 -21.73
C PRO C 315 7.05 -33.11 -22.62
N LEU C 316 7.26 -33.26 -23.94
CA LEU C 316 7.06 -32.14 -24.85
C LEU C 316 5.61 -31.65 -24.81
N GLY C 317 4.65 -32.57 -24.74
CA GLY C 317 3.27 -32.17 -24.58
C GLY C 317 2.98 -31.61 -23.20
N ILE C 318 3.47 -32.33 -22.18
CA ILE C 318 3.04 -31.99 -20.82
C ILE C 318 3.50 -30.57 -20.46
N THR C 319 4.75 -30.23 -20.79
CA THR C 319 5.29 -28.93 -20.38
C THR C 319 4.52 -27.79 -21.01
N THR C 320 4.00 -27.95 -22.23
CA THR C 320 3.19 -26.88 -22.81
C THR C 320 1.84 -26.75 -22.11
N VAL C 321 1.21 -27.87 -21.70
CA VAL C 321 0.01 -27.76 -20.88
C VAL C 321 0.29 -26.91 -19.64
N LEU C 322 1.38 -27.24 -18.95
CA LEU C 322 1.61 -26.60 -17.67
C LEU C 322 2.04 -25.15 -17.82
N THR C 323 2.69 -24.78 -18.93
CA THR C 323 2.95 -23.37 -19.19
C THR C 323 1.66 -22.57 -19.47
N MET C 324 0.75 -23.16 -20.26
CA MET C 324 -0.46 -22.44 -20.63
C MET C 324 -1.26 -22.09 -19.39
N SER C 325 -1.25 -22.98 -18.39
CA SER C 325 -1.96 -22.66 -17.14
C SER C 325 -1.40 -21.41 -16.44
N THR C 326 -0.08 -21.22 -16.48
CA THR C 326 0.53 -20.03 -15.89
C THR C 326 0.11 -18.77 -16.62
N ILE C 327 0.02 -18.87 -17.94
CA ILE C 327 -0.43 -17.71 -18.73
C ILE C 327 -1.85 -17.30 -18.33
N ILE C 328 -2.73 -18.31 -18.21
CA ILE C 328 -4.11 -18.05 -17.87
C ILE C 328 -4.22 -17.43 -16.49
N THR C 329 -3.40 -17.89 -15.54
CA THR C 329 -3.46 -17.33 -14.20
C THR C 329 -2.97 -15.89 -14.16
N GLY C 330 -1.84 -15.61 -14.83
CA GLY C 330 -1.26 -14.29 -14.75
C GLY C 330 -2.13 -13.20 -15.36
N VAL C 331 -2.93 -13.54 -16.36
CA VAL C 331 -3.88 -12.55 -16.87
C VAL C 331 -4.94 -12.21 -15.82
N ASN C 332 -5.66 -13.23 -15.33
CA ASN C 332 -6.86 -12.96 -14.54
C ASN C 332 -6.56 -12.44 -13.14
N ALA C 333 -5.30 -12.55 -12.69
CA ALA C 333 -4.93 -12.03 -11.38
C ALA C 333 -5.03 -10.52 -11.30
N SER C 334 -5.20 -9.83 -12.42
CA SER C 334 -5.06 -8.38 -12.44
C SER C 334 -6.39 -7.61 -12.37
N MET C 335 -7.50 -8.25 -12.72
CA MET C 335 -8.81 -7.68 -13.01
C MET C 335 -9.81 -7.94 -11.88
N PRO C 336 -10.93 -7.20 -11.84
CA PRO C 336 -11.99 -7.54 -10.88
C PRO C 336 -12.67 -8.86 -11.20
N ARG C 337 -13.20 -9.49 -10.16
CA ARG C 337 -13.83 -10.82 -10.23
C ARG C 337 -15.30 -10.77 -10.72
N VAL C 338 -15.47 -10.36 -11.98
CA VAL C 338 -16.82 -10.22 -12.56
C VAL C 338 -17.42 -11.60 -12.86
N SER C 339 -18.75 -11.63 -12.98
CA SER C 339 -19.52 -12.88 -13.08
C SER C 339 -19.77 -13.32 -14.51
N TYR C 340 -18.94 -12.89 -15.47
CA TYR C 340 -19.15 -13.17 -16.89
C TYR C 340 -17.81 -13.26 -17.59
N ILE C 341 -17.81 -13.85 -18.78
CA ILE C 341 -16.56 -14.14 -19.49
C ILE C 341 -16.14 -12.92 -20.32
N LYS C 342 -14.83 -12.67 -20.33
CA LYS C 342 -14.21 -11.59 -21.08
C LYS C 342 -13.59 -12.14 -22.36
N ALA C 343 -13.40 -11.24 -23.34
CA ALA C 343 -12.94 -11.67 -24.66
C ALA C 343 -11.56 -12.31 -24.61
N VAL C 344 -10.72 -11.95 -23.63
CA VAL C 344 -9.39 -12.54 -23.54
C VAL C 344 -9.48 -13.97 -22.99
N ASP C 345 -10.48 -14.23 -22.14
CA ASP C 345 -10.64 -15.55 -21.55
C ASP C 345 -10.94 -16.60 -22.62
N ILE C 346 -11.75 -16.22 -23.60
CA ILE C 346 -12.15 -17.13 -24.67
C ILE C 346 -10.92 -17.63 -25.41
N TYR C 347 -10.05 -16.70 -25.81
CA TYR C 347 -8.85 -17.04 -26.56
C TYR C 347 -7.95 -17.98 -25.76
N LEU C 348 -7.73 -17.66 -24.48
CA LEU C 348 -6.79 -18.50 -23.73
C LEU C 348 -7.36 -19.90 -23.45
N TRP C 349 -8.66 -20.04 -23.17
CA TRP C 349 -9.14 -21.39 -22.87
C TRP C 349 -9.27 -22.24 -24.14
N VAL C 350 -9.57 -21.63 -25.29
CA VAL C 350 -9.53 -22.38 -26.54
C VAL C 350 -8.10 -22.86 -26.85
N SER C 351 -7.12 -21.97 -26.63
CA SER C 351 -5.72 -22.38 -26.82
C SER C 351 -5.35 -23.54 -25.89
N PHE C 352 -5.89 -23.54 -24.67
CA PHE C 352 -5.63 -24.63 -23.73
C PHE C 352 -6.16 -25.95 -24.24
N VAL C 353 -7.40 -26.01 -24.74
CA VAL C 353 -7.90 -27.31 -25.21
C VAL C 353 -7.10 -27.77 -26.44
N PHE C 354 -6.70 -26.84 -27.31
CA PHE C 354 -5.85 -27.25 -28.44
C PHE C 354 -4.58 -27.95 -27.94
N VAL C 355 -3.97 -27.42 -26.87
CA VAL C 355 -2.74 -28.05 -26.38
C VAL C 355 -3.03 -29.37 -25.67
N PHE C 356 -4.14 -29.42 -24.92
CA PHE C 356 -4.51 -30.61 -24.16
C PHE C 356 -4.78 -31.80 -25.08
N LEU C 357 -5.41 -31.55 -26.23
CA LEU C 357 -5.75 -32.64 -27.15
C LEU C 357 -4.50 -33.28 -27.77
N SER C 358 -3.39 -32.54 -27.86
CA SER C 358 -2.20 -33.12 -28.48
C SER C 358 -1.58 -34.21 -27.61
N VAL C 359 -1.96 -34.25 -26.34
CA VAL C 359 -1.42 -35.23 -25.40
C VAL C 359 -2.21 -36.52 -25.52
N LEU C 360 -3.53 -36.38 -25.70
CA LEU C 360 -4.38 -37.55 -25.90
C LEU C 360 -4.09 -38.23 -27.23
N GLU C 361 -3.70 -37.45 -28.23
CA GLU C 361 -3.37 -38.02 -29.54
C GLU C 361 -2.20 -39.01 -29.45
N TYR C 362 -1.11 -38.60 -28.81
CA TYR C 362 0.04 -39.50 -28.69
C TYR C 362 -0.26 -40.67 -27.77
N ALA C 363 -1.08 -40.47 -26.74
CA ALA C 363 -1.48 -41.63 -25.95
C ALA C 363 -2.20 -42.67 -26.82
N ALA C 364 -3.05 -42.20 -27.75
CA ALA C 364 -3.72 -43.14 -28.65
C ALA C 364 -2.73 -43.89 -29.53
N VAL C 365 -1.73 -43.19 -30.05
CA VAL C 365 -0.79 -43.84 -30.97
C VAL C 365 0.06 -44.88 -30.24
N ASN C 366 0.46 -44.57 -29.00
CA ASN C 366 1.19 -45.54 -28.19
C ASN C 366 0.36 -46.79 -27.89
N TYR C 367 -0.91 -46.60 -27.54
CA TYR C 367 -1.78 -47.75 -27.26
C TYR C 367 -1.96 -48.62 -28.50
N LEU C 368 -2.25 -48.02 -29.65
CA LEU C 368 -2.50 -48.83 -30.84
C LEU C 368 -1.23 -49.53 -31.33
N THR C 369 -0.08 -48.86 -31.23
CA THR C 369 1.18 -49.55 -31.46
C THR C 369 1.34 -50.77 -30.57
N THR C 370 0.98 -50.66 -29.29
CA THR C 370 1.17 -51.80 -28.41
C THR C 370 0.22 -52.94 -28.79
N VAL C 371 -0.98 -52.61 -29.24
CA VAL C 371 -1.90 -53.65 -29.72
C VAL C 371 -1.32 -54.35 -30.95
N GLN C 372 -0.67 -53.58 -31.82
CA GLN C 372 -0.03 -54.19 -33.00
C GLN C 372 1.10 -55.12 -32.60
N GLU C 373 1.89 -54.73 -31.59
CA GLU C 373 2.93 -55.60 -31.06
C GLU C 373 2.34 -56.91 -30.53
N ARG C 374 1.24 -56.80 -29.77
CA ARG C 374 0.60 -58.00 -29.23
C ARG C 374 0.03 -58.89 -30.32
N LYS C 375 -0.38 -58.31 -31.45
CA LYS C 375 -0.86 -59.14 -32.56
C LYS C 375 0.31 -59.80 -33.31
N GLU C 376 1.44 -59.09 -33.44
CA GLU C 376 2.55 -59.65 -34.20
C GLU C 376 3.26 -60.74 -33.42
N GLN C 377 3.24 -60.64 -32.09
CA GLN C 377 3.91 -61.57 -31.19
C GLN C 377 3.31 -62.95 -31.00
N ASP C 451 7.97 -46.45 -40.03
CA ASP C 451 6.81 -45.87 -40.70
C ASP C 451 6.09 -44.86 -39.79
N THR C 452 5.17 -44.11 -40.40
CA THR C 452 4.40 -43.09 -39.69
C THR C 452 2.95 -43.54 -39.55
N HIS C 453 2.38 -43.35 -38.38
CA HIS C 453 1.04 -43.84 -38.11
C HIS C 453 0.04 -42.88 -38.76
N ALA C 454 -1.12 -43.42 -39.16
CA ALA C 454 -2.11 -42.60 -39.84
C ALA C 454 -2.56 -41.42 -38.98
N ILE C 455 -2.51 -41.59 -37.66
CA ILE C 455 -2.94 -40.52 -36.76
C ILE C 455 -1.95 -39.36 -36.84
N ASP C 456 -0.66 -39.68 -36.84
CA ASP C 456 0.36 -38.64 -37.02
C ASP C 456 0.21 -37.93 -38.36
N LYS C 457 0.02 -38.72 -39.42
CA LYS C 457 -0.09 -38.23 -40.78
C LYS C 457 -1.21 -37.20 -40.92
N TYR C 458 -2.37 -37.49 -40.31
CA TYR C 458 -3.51 -36.59 -40.39
C TYR C 458 -3.37 -35.38 -39.46
N SER C 459 -2.75 -35.59 -38.29
CA SER C 459 -2.66 -34.51 -37.32
C SER C 459 -1.82 -33.35 -37.84
N ARG C 460 -0.74 -33.69 -38.57
CA ARG C 460 0.12 -32.68 -39.21
C ARG C 460 -0.67 -31.70 -40.08
N ILE C 461 -1.86 -32.09 -40.54
CA ILE C 461 -2.69 -31.25 -41.40
C ILE C 461 -3.81 -30.59 -40.61
N ILE C 462 -4.40 -31.35 -39.70
CA ILE C 462 -5.69 -30.94 -39.15
C ILE C 462 -5.51 -29.92 -38.03
N PHE C 463 -4.51 -30.12 -37.16
CA PHE C 463 -4.39 -29.17 -36.05
C PHE C 463 -4.13 -27.74 -36.53
N PRO C 464 -3.19 -27.49 -37.46
CA PRO C 464 -2.92 -26.09 -37.85
C PRO C 464 -4.08 -25.44 -38.61
N ALA C 465 -4.74 -26.20 -39.50
CA ALA C 465 -5.91 -25.66 -40.19
C ALA C 465 -6.96 -25.20 -39.20
N ALA C 466 -7.22 -26.02 -38.17
CA ALA C 466 -8.29 -25.72 -37.23
C ALA C 466 -7.99 -24.45 -36.43
N TYR C 467 -6.74 -24.28 -36.01
CA TYR C 467 -6.42 -23.05 -35.29
C TYR C 467 -6.49 -21.82 -36.19
N ILE C 468 -6.12 -21.95 -37.47
CA ILE C 468 -6.24 -20.81 -38.36
C ILE C 468 -7.71 -20.42 -38.56
N LEU C 469 -8.58 -21.42 -38.68
CA LEU C 469 -10.02 -21.14 -38.78
C LEU C 469 -10.53 -20.41 -37.54
N PHE C 470 -10.08 -20.86 -36.36
CA PHE C 470 -10.50 -20.20 -35.12
C PHE C 470 -10.09 -18.74 -35.10
N ASN C 471 -8.83 -18.46 -35.47
CA ASN C 471 -8.37 -17.08 -35.44
C ASN C 471 -9.15 -16.20 -36.42
N LEU C 472 -9.43 -16.72 -37.61
CA LEU C 472 -10.22 -15.94 -38.56
C LEU C 472 -11.57 -15.56 -37.97
N ILE C 473 -12.25 -16.50 -37.32
CA ILE C 473 -13.56 -16.20 -36.72
C ILE C 473 -13.44 -15.18 -35.59
N TYR C 474 -12.46 -15.37 -34.71
CA TYR C 474 -12.33 -14.54 -33.50
C TYR C 474 -12.06 -13.09 -33.89
N TRP C 475 -11.10 -12.87 -34.79
CA TRP C 475 -10.84 -11.49 -35.16
C TRP C 475 -11.87 -10.92 -36.13
N SER C 476 -12.75 -11.77 -36.70
CA SER C 476 -13.96 -11.23 -37.33
C SER C 476 -14.99 -10.76 -36.32
N ILE C 477 -15.07 -11.38 -35.14
CA ILE C 477 -16.07 -10.97 -34.15
C ILE C 477 -15.62 -9.75 -33.38
N PHE C 478 -14.36 -9.73 -32.95
CA PHE C 478 -13.89 -8.65 -32.08
C PHE C 478 -13.07 -7.59 -32.83
N SER C 479 -12.84 -7.78 -34.13
CA SER C 479 -12.33 -6.74 -35.04
C SER C 479 -11.03 -6.04 -34.62
N LEU D 78 -33.20 37.66 11.47
CA LEU D 78 -34.50 36.98 11.49
C LEU D 78 -34.60 36.02 12.68
N LEU D 79 -33.71 35.03 12.76
CA LEU D 79 -33.69 34.14 13.92
C LEU D 79 -32.99 34.83 15.09
N ARG D 80 -33.63 34.78 16.26
CA ARG D 80 -33.06 35.44 17.45
C ARG D 80 -32.03 34.52 18.07
N ILE D 81 -30.85 34.50 17.48
CA ILE D 81 -29.80 33.60 17.96
C ILE D 81 -29.11 34.13 19.23
N ASP D 82 -29.03 35.46 19.38
CA ASP D 82 -28.30 36.07 20.50
C ASP D 82 -29.05 35.99 21.83
N ASP D 83 -30.33 35.60 21.84
CA ASP D 83 -31.17 35.71 23.03
C ASP D 83 -31.05 34.53 24.00
N HIS D 84 -30.48 33.39 23.58
CA HIS D 84 -30.70 32.11 24.26
C HIS D 84 -29.39 31.38 24.56
N ASP D 85 -29.45 30.41 25.48
CA ASP D 85 -28.28 29.59 25.83
C ASP D 85 -28.45 28.23 25.19
N PHE D 86 -27.82 28.05 24.02
CA PHE D 86 -27.92 26.80 23.27
C PHE D 86 -26.92 25.73 23.72
N SER D 87 -26.34 25.88 24.91
CA SER D 87 -25.69 24.74 25.55
C SER D 87 -26.69 23.77 26.18
N MET D 88 -27.96 24.14 26.27
CA MET D 88 -29.00 23.32 26.88
C MET D 88 -30.04 22.92 25.86
N ARG D 89 -30.51 21.65 25.96
CA ARG D 89 -31.45 21.08 25.02
C ARG D 89 -32.84 21.70 25.18
N PRO D 90 -33.71 21.57 24.18
CA PRO D 90 -35.11 21.95 24.38
C PRO D 90 -35.75 21.06 25.44
N GLY D 91 -36.43 21.69 26.39
CA GLY D 91 -37.05 20.88 27.41
C GLY D 91 -36.15 20.49 28.57
N PHE D 92 -35.02 21.18 28.73
CA PHE D 92 -33.99 20.83 29.70
C PHE D 92 -34.58 20.88 31.11
N GLY D 93 -34.37 19.80 31.87
CA GLY D 93 -34.95 19.67 33.19
C GLY D 93 -36.39 19.20 33.24
N GLY D 94 -36.92 18.72 32.12
CA GLY D 94 -38.25 18.19 32.04
C GLY D 94 -38.22 16.98 31.11
N PRO D 95 -39.36 16.61 30.51
CA PRO D 95 -39.39 15.34 29.77
C PRO D 95 -38.48 15.27 28.55
N ALA D 96 -38.39 14.08 27.96
CA ALA D 96 -37.45 13.82 26.87
C ALA D 96 -37.90 14.47 25.57
N ILE D 97 -36.94 14.83 24.73
CA ILE D 97 -37.26 15.43 23.44
C ILE D 97 -37.32 14.33 22.38
N PRO D 98 -38.38 14.28 21.57
CA PRO D 98 -38.44 13.28 20.49
C PRO D 98 -37.67 13.75 19.26
N VAL D 99 -36.85 12.86 18.70
CA VAL D 99 -36.10 13.12 17.49
C VAL D 99 -36.36 12.00 16.49
N GLY D 100 -36.87 12.36 15.31
CA GLY D 100 -37.12 11.38 14.26
C GLY D 100 -36.06 11.40 13.15
N VAL D 101 -35.86 10.23 12.53
CA VAL D 101 -34.76 9.98 11.58
C VAL D 101 -35.28 9.32 10.31
N ASP D 102 -34.77 9.73 9.14
CA ASP D 102 -34.83 8.89 7.94
C ASP D 102 -33.56 9.04 7.10
N VAL D 103 -33.38 8.12 6.13
CA VAL D 103 -32.08 7.82 5.51
C VAL D 103 -32.27 7.48 4.03
N GLN D 104 -31.33 7.92 3.19
CA GLN D 104 -31.15 7.37 1.84
C GLN D 104 -29.71 6.91 1.62
N VAL D 105 -29.55 5.66 1.19
CA VAL D 105 -28.24 5.09 0.84
C VAL D 105 -27.86 5.49 -0.58
N GLU D 106 -26.66 6.05 -0.74
CA GLU D 106 -26.18 6.42 -2.06
C GLU D 106 -25.28 5.34 -2.68
N SER D 107 -24.42 4.71 -1.90
CA SER D 107 -23.59 3.64 -2.45
C SER D 107 -23.08 2.72 -1.34
N LEU D 108 -22.88 1.45 -1.69
CA LEU D 108 -22.13 0.48 -0.91
C LEU D 108 -20.79 0.29 -1.62
N ASP D 109 -19.72 0.77 -1.00
CA ASP D 109 -18.47 1.11 -1.68
C ASP D 109 -17.46 -0.04 -1.79
N SER D 110 -17.27 -0.86 -0.75
CA SER D 110 -16.29 -1.95 -0.80
C SER D 110 -16.47 -2.88 0.39
N ILE D 111 -15.85 -4.06 0.30
CA ILE D 111 -15.95 -5.12 1.32
C ILE D 111 -14.61 -5.83 1.41
N SER D 112 -14.22 -6.24 2.63
CA SER D 112 -12.97 -6.94 2.87
C SER D 112 -13.18 -8.14 3.77
N GLU D 113 -12.76 -9.32 3.29
CA GLU D 113 -12.75 -10.52 4.13
C GLU D 113 -11.59 -10.49 5.12
N VAL D 114 -10.46 -9.92 4.70
CA VAL D 114 -9.25 -9.93 5.52
C VAL D 114 -9.41 -8.98 6.71
N ASP D 115 -10.10 -7.86 6.51
CA ASP D 115 -10.35 -6.93 7.60
C ASP D 115 -11.72 -7.13 8.24
N MET D 116 -12.62 -7.85 7.57
CA MET D 116 -13.98 -8.10 8.02
C MET D 116 -14.75 -6.79 8.24
N ASP D 117 -14.93 -6.04 7.15
CA ASP D 117 -15.65 -4.76 7.24
C ASP D 117 -16.20 -4.36 5.87
N PHE D 118 -17.02 -3.31 5.87
CA PHE D 118 -17.62 -2.77 4.66
C PHE D 118 -17.73 -1.25 4.78
N THR D 119 -17.83 -0.56 3.64
CA THR D 119 -17.90 0.90 3.58
C THR D 119 -19.17 1.36 2.88
N MET D 120 -19.84 2.39 3.43
CA MET D 120 -21.13 2.87 2.92
C MET D 120 -21.17 4.40 2.90
N THR D 121 -21.83 4.97 1.87
CA THR D 121 -22.04 6.42 1.78
C THR D 121 -23.53 6.72 1.76
N LEU D 122 -23.98 7.69 2.55
CA LEU D 122 -25.42 7.88 2.75
C LEU D 122 -25.78 9.34 3.06
N TYR D 123 -27.08 9.65 2.92
CA TYR D 123 -27.66 10.92 3.38
C TYR D 123 -28.50 10.65 4.63
N LEU D 124 -28.30 11.46 5.68
CA LEU D 124 -28.90 11.26 6.98
C LEU D 124 -29.64 12.51 7.46
N ARG D 125 -30.87 12.33 7.98
CA ARG D 125 -31.80 13.44 8.20
C ARG D 125 -32.44 13.39 9.59
N HIS D 126 -32.65 14.57 10.22
CA HIS D 126 -33.16 14.70 11.58
C HIS D 126 -34.35 15.66 11.63
N TYR D 127 -35.30 15.37 12.51
CA TYR D 127 -36.51 16.18 12.67
C TYR D 127 -36.87 16.45 14.13
N TRP D 128 -37.04 17.70 14.53
CA TRP D 128 -37.45 18.08 15.89
C TRP D 128 -38.03 19.50 15.89
N LYS D 129 -38.55 19.90 17.06
CA LYS D 129 -39.11 21.23 17.30
C LYS D 129 -38.40 21.96 18.44
N ASP D 130 -38.09 23.25 18.21
CA ASP D 130 -37.49 24.14 19.22
C ASP D 130 -38.09 25.53 19.05
N GLU D 131 -38.87 25.97 20.04
CA GLU D 131 -39.58 27.24 19.97
C GLU D 131 -38.65 28.43 20.08
N ARG D 132 -37.37 28.21 20.41
CA ARG D 132 -36.43 29.32 20.48
C ARG D 132 -36.08 29.78 19.07
N LEU D 133 -36.41 28.97 18.06
CA LEU D 133 -36.17 29.28 16.65
C LEU D 133 -37.42 29.74 15.90
N SER D 134 -38.49 30.12 16.60
CA SER D 134 -39.70 30.61 15.95
C SER D 134 -39.49 32.00 15.36
N PHE D 135 -40.19 32.29 14.26
CA PHE D 135 -40.13 33.61 13.62
C PHE D 135 -41.46 33.95 12.94
N PRO D 136 -41.73 35.25 12.70
CA PRO D 136 -43.06 35.61 12.17
C PRO D 136 -43.08 35.66 10.65
N SER D 137 -44.21 35.26 10.07
CA SER D 137 -44.42 35.31 8.62
C SER D 137 -45.90 35.14 8.33
N THR D 138 -46.30 35.55 7.13
CA THR D 138 -47.68 35.40 6.70
C THR D 138 -47.93 34.15 5.85
N ASN D 139 -46.87 33.52 5.31
CA ASN D 139 -47.02 32.45 4.35
C ASN D 139 -47.11 31.06 4.97
N ASN D 140 -46.64 30.88 6.20
CA ASN D 140 -46.62 29.60 6.92
C ASN D 140 -45.74 28.54 6.24
N LEU D 141 -44.75 28.96 5.45
CA LEU D 141 -43.89 28.05 4.69
C LEU D 141 -42.51 27.91 5.33
N SER D 142 -41.79 26.87 4.89
CA SER D 142 -40.46 26.56 5.39
C SER D 142 -39.38 27.36 4.63
N MET D 143 -38.30 27.73 5.34
CA MET D 143 -37.25 28.58 4.80
C MET D 143 -35.88 27.92 4.98
N THR D 144 -35.02 28.04 3.95
CA THR D 144 -33.62 27.56 4.02
C THR D 144 -32.62 28.64 4.44
N PHE D 145 -31.62 28.24 5.23
CA PHE D 145 -30.61 29.12 5.80
C PHE D 145 -29.20 28.65 5.41
N ASP D 146 -28.21 29.54 5.57
CA ASP D 146 -26.91 29.39 4.90
C ASP D 146 -26.17 28.12 5.25
N GLY D 147 -26.18 27.73 6.52
CA GLY D 147 -25.42 26.60 6.98
C GLY D 147 -24.38 26.93 8.03
N ARG D 148 -23.95 28.19 8.14
CA ARG D 148 -23.02 28.57 9.18
C ARG D 148 -23.70 28.73 10.53
N LEU D 149 -25.03 28.71 10.55
CA LEU D 149 -25.76 28.84 11.81
C LEU D 149 -25.78 27.55 12.62
N VAL D 150 -25.44 26.42 11.99
CA VAL D 150 -25.58 25.11 12.63
C VAL D 150 -24.70 25.03 13.88
N LYS D 151 -23.65 25.82 13.91
CA LYS D 151 -22.64 25.86 14.96
C LYS D 151 -23.03 26.81 16.10
N LYS D 152 -24.16 27.50 15.95
CA LYS D 152 -24.62 28.45 16.95
C LYS D 152 -25.78 27.89 17.77
N ILE D 153 -26.75 27.24 17.11
CA ILE D 153 -27.91 26.57 17.69
C ILE D 153 -27.57 25.19 18.28
N TRP D 154 -28.53 24.59 18.97
CA TRP D 154 -28.44 23.22 19.48
C TRP D 154 -28.80 22.22 18.38
N VAL D 155 -28.12 21.08 18.39
CA VAL D 155 -28.31 20.03 17.40
C VAL D 155 -28.12 18.65 18.02
N PRO D 156 -28.87 17.62 17.60
CA PRO D 156 -28.69 16.27 18.19
C PRO D 156 -27.33 15.65 17.87
N ASP D 157 -26.96 14.63 18.66
CA ASP D 157 -25.58 14.13 18.71
C ASP D 157 -25.37 12.67 18.30
N MET D 158 -25.79 12.29 17.09
CA MET D 158 -25.76 10.88 16.70
C MET D 158 -24.36 10.41 16.34
N PHE D 159 -24.08 9.12 16.59
CA PHE D 159 -22.82 8.49 16.22
C PHE D 159 -23.09 7.07 15.73
N PHE D 160 -22.15 6.56 14.94
CA PHE D 160 -22.25 5.22 14.36
C PHE D 160 -21.54 4.19 15.25
N VAL D 161 -22.30 3.30 15.87
CA VAL D 161 -21.75 2.32 16.81
C VAL D 161 -20.99 1.23 16.07
N HIS D 162 -19.92 0.75 16.70
CA HIS D 162 -18.99 -0.28 16.21
C HIS D 162 -18.32 0.09 14.90
N SER D 163 -18.14 1.38 14.62
CA SER D 163 -17.53 1.82 13.37
C SER D 163 -16.02 2.00 13.51
N LYS D 164 -15.31 1.83 12.40
CA LYS D 164 -13.85 1.93 12.39
C LYS D 164 -13.40 3.37 12.10
N ARG D 165 -14.00 4.02 11.10
CA ARG D 165 -13.71 5.41 10.75
C ARG D 165 -14.88 5.98 9.95
N SER D 166 -14.98 7.31 9.91
CA SER D 166 -16.00 8.02 9.12
C SER D 166 -15.60 9.48 8.90
N PHE D 167 -16.23 10.13 7.91
CA PHE D 167 -16.12 11.58 7.78
C PHE D 167 -17.35 12.22 7.11
N ILE D 168 -17.44 13.56 7.26
CA ILE D 168 -18.44 14.40 6.58
C ILE D 168 -17.77 15.12 5.42
N HIS D 169 -18.42 15.14 4.25
CA HIS D 169 -17.84 15.75 3.05
C HIS D 169 -17.86 17.28 3.11
N ASP D 170 -16.82 17.92 2.51
CA ASP D 170 -16.65 19.37 2.69
C ASP D 170 -16.10 20.12 1.45
N THR D 171 -16.40 19.68 0.22
CA THR D 171 -16.11 20.43 -1.00
C THR D 171 -17.41 20.56 -1.78
N THR D 172 -17.78 21.79 -2.17
CA THR D 172 -17.00 23.03 -2.10
C THR D 172 -17.11 23.72 -0.74
N THR D 173 -18.10 23.29 0.04
CA THR D 173 -18.28 23.68 1.44
C THR D 173 -18.80 22.46 2.19
N ASP D 174 -19.18 22.66 3.45
CA ASP D 174 -19.71 21.55 4.23
C ASP D 174 -21.02 21.10 3.61
N ASN D 175 -21.17 19.79 3.41
CA ASN D 175 -22.38 19.26 2.77
C ASN D 175 -23.48 19.10 3.83
N VAL D 176 -24.09 20.23 4.19
CA VAL D 176 -25.01 20.34 5.32
C VAL D 176 -26.19 21.23 4.92
N MET D 177 -27.38 20.94 5.46
CA MET D 177 -28.61 21.66 5.14
C MET D 177 -29.46 21.92 6.38
N LEU D 178 -30.01 23.13 6.48
CA LEU D 178 -30.84 23.51 7.63
C LEU D 178 -32.08 24.25 7.13
N ARG D 179 -33.27 23.70 7.47
CA ARG D 179 -34.55 24.32 7.10
C ARG D 179 -35.44 24.51 8.33
N VAL D 180 -36.11 25.65 8.48
CA VAL D 180 -36.91 25.98 9.67
C VAL D 180 -38.26 26.56 9.27
N GLN D 181 -39.31 26.17 10.00
CA GLN D 181 -40.68 26.66 9.88
C GLN D 181 -40.98 27.70 10.96
N PRO D 182 -41.90 28.62 10.67
CA PRO D 182 -42.24 29.71 11.61
C PRO D 182 -42.58 29.28 13.05
N ASP D 183 -43.23 28.12 13.27
CA ASP D 183 -43.46 27.61 14.62
C ASP D 183 -42.25 26.94 15.29
N GLY D 184 -41.06 26.94 14.68
CA GLY D 184 -39.89 26.32 15.24
C GLY D 184 -39.62 24.86 14.92
N LYS D 185 -40.34 24.25 13.98
CA LYS D 185 -39.96 22.92 13.52
C LYS D 185 -38.70 22.97 12.65
N VAL D 186 -37.81 22.00 12.85
CA VAL D 186 -36.49 22.02 12.22
C VAL D 186 -36.27 20.75 11.39
N LEU D 187 -35.65 20.90 10.22
CA LEU D 187 -35.13 19.79 9.43
C LEU D 187 -33.65 20.01 9.18
N TYR D 188 -32.85 18.98 9.42
CA TYR D 188 -31.38 19.05 9.38
C TYR D 188 -30.85 17.83 8.63
N SER D 189 -29.91 18.04 7.69
CA SER D 189 -29.43 16.96 6.83
C SER D 189 -27.94 17.08 6.53
N LEU D 190 -27.25 15.94 6.43
CA LEU D 190 -25.84 15.91 6.04
C LEU D 190 -25.47 14.59 5.35
N ARG D 191 -24.40 14.64 4.54
CA ARG D 191 -23.84 13.54 3.75
C ARG D 191 -22.55 12.98 4.38
N VAL D 192 -22.47 11.65 4.56
CA VAL D 192 -21.36 11.00 5.27
C VAL D 192 -20.96 9.67 4.65
N THR D 193 -19.69 9.27 4.88
CA THR D 193 -19.16 7.96 4.53
C THR D 193 -18.68 7.24 5.79
N VAL D 194 -18.98 5.95 5.91
CA VAL D 194 -18.73 5.17 7.12
C VAL D 194 -18.09 3.82 6.77
N THR D 195 -17.14 3.38 7.59
CA THR D 195 -16.60 2.02 7.51
C THR D 195 -16.90 1.27 8.81
N ALA D 196 -17.51 0.09 8.70
CA ALA D 196 -18.13 -0.59 9.84
C ALA D 196 -17.77 -2.06 9.91
N MET D 197 -17.81 -2.59 11.14
CA MET D 197 -17.43 -3.96 11.45
C MET D 197 -18.50 -4.96 11.02
N CYS D 198 -18.06 -6.13 10.52
CA CYS D 198 -18.99 -7.19 10.12
C CYS D 198 -18.32 -8.55 10.25
N ASN D 199 -18.83 -9.38 11.16
CA ASN D 199 -18.30 -10.71 11.42
C ASN D 199 -18.77 -11.70 10.35
N MET D 200 -17.83 -12.46 9.78
CA MET D 200 -18.06 -13.29 8.60
C MET D 200 -17.72 -14.75 8.87
N ASP D 201 -18.51 -15.66 8.29
CA ASP D 201 -18.34 -17.11 8.41
C ASP D 201 -18.01 -17.67 7.04
N PHE D 202 -16.89 -18.38 6.93
CA PHE D 202 -16.38 -18.85 5.65
C PHE D 202 -16.40 -20.38 5.52
N SER D 203 -17.18 -21.07 6.35
CA SER D 203 -17.18 -22.54 6.29
C SER D 203 -17.71 -23.06 4.96
N ARG D 204 -18.56 -22.30 4.29
CA ARG D 204 -19.12 -22.69 2.99
C ARG D 204 -18.52 -21.92 1.82
N PHE D 205 -17.46 -21.17 2.06
CA PHE D 205 -16.83 -20.35 1.02
C PHE D 205 -16.29 -21.22 -0.11
N PRO D 206 -16.50 -20.83 -1.39
CA PRO D 206 -17.07 -19.58 -1.93
C PRO D 206 -18.59 -19.59 -2.16
N LEU D 207 -19.31 -20.58 -1.63
CA LEU D 207 -20.75 -20.64 -1.82
C LEU D 207 -21.53 -20.08 -0.63
N ASP D 208 -21.05 -18.99 -0.05
CA ASP D 208 -21.49 -18.46 1.22
C ASP D 208 -22.50 -17.31 1.06
N THR D 209 -23.28 -17.06 2.12
CA THR D 209 -24.17 -15.91 2.25
C THR D 209 -23.82 -15.17 3.54
N GLN D 210 -23.78 -13.83 3.51
CA GLN D 210 -23.44 -13.05 4.70
C GLN D 210 -24.52 -12.02 5.01
N THR D 211 -24.66 -11.64 6.29
CA THR D 211 -25.65 -10.61 6.62
C THR D 211 -24.98 -9.52 7.44
N CYS D 212 -25.43 -8.26 7.27
CA CYS D 212 -24.71 -7.09 7.76
C CYS D 212 -25.69 -6.05 8.31
N SER D 213 -25.17 -5.14 9.13
CA SER D 213 -25.95 -4.04 9.68
C SER D 213 -25.11 -2.83 10.08
N LEU D 214 -25.75 -1.66 10.03
CA LEU D 214 -25.22 -0.37 10.45
C LEU D 214 -26.03 0.16 11.64
N GLU D 215 -25.36 0.59 12.71
CA GLU D 215 -25.99 0.91 13.99
C GLU D 215 -25.88 2.41 14.30
N ILE D 216 -26.95 3.01 14.83
CA ILE D 216 -27.04 4.46 15.07
C ILE D 216 -27.58 4.73 16.48
N GLU D 217 -26.98 5.71 17.17
CA GLU D 217 -27.20 5.93 18.60
C GLU D 217 -26.81 7.35 18.98
N SER D 218 -27.40 7.88 20.06
CA SER D 218 -26.98 9.16 20.63
C SER D 218 -25.84 8.96 21.62
N TYR D 219 -24.87 9.88 21.62
CA TYR D 219 -23.71 9.65 22.48
C TYR D 219 -23.97 10.05 23.93
N ALA D 220 -24.54 11.24 24.16
CA ALA D 220 -24.54 11.79 25.51
C ALA D 220 -25.85 11.63 26.27
N TYR D 221 -26.97 11.38 25.61
CA TYR D 221 -28.29 11.55 26.23
C TYR D 221 -28.99 10.20 26.32
N THR D 222 -29.47 9.85 27.52
CA THR D 222 -30.18 8.60 27.72
C THR D 222 -31.65 8.75 27.36
N GLU D 223 -32.36 7.60 27.33
CA GLU D 223 -33.78 7.59 27.00
C GLU D 223 -34.63 8.45 27.93
N ASP D 224 -34.08 8.90 29.06
CA ASP D 224 -34.78 9.84 29.92
C ASP D 224 -34.71 11.28 29.40
N ASP D 225 -33.79 11.58 28.49
CA ASP D 225 -33.65 12.93 27.96
C ASP D 225 -33.87 13.04 26.46
N LEU D 226 -33.60 11.96 25.70
CA LEU D 226 -33.84 12.00 24.25
C LEU D 226 -34.50 10.71 23.80
N MET D 227 -35.51 10.83 22.93
CA MET D 227 -36.25 9.70 22.39
C MET D 227 -36.03 9.63 20.88
N LEU D 228 -35.48 8.51 20.40
CA LEU D 228 -35.01 8.37 19.03
C LEU D 228 -35.83 7.28 18.30
N TYR D 229 -36.36 7.62 17.11
CA TYR D 229 -37.26 6.70 16.39
C TYR D 229 -37.19 6.96 14.88
N TRP D 230 -37.57 5.93 14.12
CA TRP D 230 -37.72 6.05 12.66
C TRP D 230 -38.94 6.90 12.31
N LYS D 231 -38.73 7.91 11.46
CA LYS D 231 -39.71 8.98 11.27
C LYS D 231 -41.02 8.49 10.63
N LYS D 232 -40.94 7.51 9.73
CA LYS D 232 -42.11 7.06 8.98
C LYS D 232 -42.23 5.55 9.01
N GLY D 233 -41.78 4.92 10.09
CA GLY D 233 -41.82 3.46 10.16
C GLY D 233 -40.93 2.82 9.11
N ASN D 234 -41.45 1.76 8.49
CA ASN D 234 -40.66 1.01 7.52
C ASN D 234 -40.37 1.81 6.25
N ASP D 235 -41.09 2.91 6.01
CA ASP D 235 -40.87 3.73 4.81
C ASP D 235 -39.70 4.69 4.99
N SER D 236 -38.94 4.58 6.08
CA SER D 236 -37.89 5.56 6.41
C SER D 236 -36.56 5.26 5.73
N LEU D 237 -36.45 4.19 4.94
CA LEU D 237 -35.22 3.86 4.24
C LEU D 237 -35.45 3.79 2.73
N LYS D 238 -34.66 4.56 1.98
CA LYS D 238 -34.61 4.60 0.53
C LYS D 238 -33.22 4.21 0.04
N THR D 239 -33.14 3.70 -1.19
CA THR D 239 -31.90 3.20 -1.77
C THR D 239 -31.75 3.64 -3.22
N ASP D 240 -30.53 4.04 -3.59
CA ASP D 240 -30.22 4.51 -4.94
C ASP D 240 -30.27 3.36 -5.95
N GLU D 241 -30.84 3.62 -7.13
CA GLU D 241 -31.00 2.57 -8.12
C GLU D 241 -29.68 2.17 -8.77
N ARG D 242 -28.61 2.95 -8.57
CA ARG D 242 -27.30 2.64 -9.14
C ARG D 242 -26.45 1.69 -8.30
N ILE D 243 -26.93 1.23 -7.14
CA ILE D 243 -26.07 0.51 -6.20
C ILE D 243 -25.76 -0.89 -6.73
N SER D 244 -24.48 -1.26 -6.69
CA SER D 244 -23.99 -2.49 -7.31
C SER D 244 -22.63 -2.87 -6.74
N LEU D 245 -22.34 -4.17 -6.73
CA LEU D 245 -21.02 -4.73 -6.41
C LEU D 245 -20.67 -5.78 -7.47
N SER D 246 -19.40 -5.83 -7.89
CA SER D 246 -19.07 -6.76 -8.96
C SER D 246 -19.11 -8.22 -8.52
N GLN D 247 -18.99 -8.50 -7.22
CA GLN D 247 -18.83 -9.86 -6.73
C GLN D 247 -20.05 -10.39 -5.97
N PHE D 248 -20.99 -9.53 -5.58
CA PHE D 248 -22.12 -9.92 -4.73
C PHE D 248 -23.44 -9.46 -5.35
N LEU D 249 -24.46 -10.28 -5.13
CA LEU D 249 -25.85 -9.85 -5.24
C LEU D 249 -26.31 -9.27 -3.89
N ILE D 250 -26.91 -8.07 -3.91
CA ILE D 250 -27.37 -7.39 -2.69
C ILE D 250 -28.89 -7.54 -2.59
N GLN D 251 -29.39 -7.86 -1.38
CA GLN D 251 -30.83 -8.08 -1.17
C GLN D 251 -31.24 -7.79 0.27
N GLU D 252 -32.55 -7.62 0.46
CA GLU D 252 -33.22 -7.69 1.78
C GLU D 252 -32.89 -6.51 2.70
N PHE D 253 -32.93 -5.29 2.17
CA PHE D 253 -32.76 -4.09 2.99
C PHE D 253 -33.98 -3.86 3.90
N HIS D 254 -33.76 -3.73 5.21
CA HIS D 254 -34.84 -3.42 6.15
C HIS D 254 -34.27 -2.83 7.47
N THR D 255 -35.15 -2.23 8.28
CA THR D 255 -34.79 -1.49 9.49
C THR D 255 -35.45 -2.05 10.76
N THR D 256 -34.73 -1.94 11.90
CA THR D 256 -35.22 -2.42 13.21
C THR D 256 -34.75 -1.50 14.33
N THR D 257 -35.21 -1.77 15.58
CA THR D 257 -34.89 -0.99 16.78
C THR D 257 -34.66 -1.90 17.98
N LYS D 258 -33.80 -1.45 18.92
CA LYS D 258 -33.53 -2.17 20.16
C LYS D 258 -32.97 -1.22 21.22
N LEU D 259 -33.17 -1.58 22.49
CA LEU D 259 -32.60 -0.82 23.62
C LEU D 259 -31.25 -1.40 24.04
N ALA D 260 -30.32 -0.52 24.43
CA ALA D 260 -28.97 -0.88 24.81
C ALA D 260 -28.60 -0.31 26.17
N PHE D 261 -27.71 -0.99 26.89
CA PHE D 261 -27.36 -0.67 28.28
C PHE D 261 -25.84 -0.59 28.44
N TYR D 262 -25.38 0.47 29.11
CA TYR D 262 -23.98 0.61 29.50
C TYR D 262 -23.93 0.75 31.02
N SER D 263 -23.08 -0.05 31.67
CA SER D 263 -23.11 -0.19 33.12
C SER D 263 -22.88 1.13 33.84
N SER D 264 -21.96 1.95 33.32
CA SER D 264 -21.61 3.17 34.03
C SER D 264 -22.54 4.33 33.72
N THR D 265 -23.32 4.28 32.64
CA THR D 265 -23.99 5.48 32.13
C THR D 265 -25.48 5.35 31.82
N GLY D 266 -26.03 4.15 31.59
CA GLY D 266 -27.47 4.04 31.45
C GLY D 266 -28.05 3.39 30.19
N TRP D 267 -29.32 3.68 29.88
CA TRP D 267 -30.08 3.02 28.82
C TRP D 267 -30.26 3.95 27.62
N TYR D 268 -30.18 3.39 26.40
CA TYR D 268 -30.19 4.16 25.16
C TYR D 268 -30.99 3.46 24.05
N ASN D 269 -31.59 4.24 23.15
CA ASN D 269 -32.28 3.68 21.98
C ASN D 269 -31.28 3.53 20.83
N ARG D 270 -31.35 2.41 20.12
CA ARG D 270 -30.46 2.14 19.00
C ARG D 270 -31.26 1.72 17.76
N LEU D 271 -30.96 2.33 16.61
CA LEU D 271 -31.59 2.00 15.34
C LEU D 271 -30.65 1.16 14.47
N TYR D 272 -31.25 0.31 13.62
CA TYR D 272 -30.51 -0.66 12.81
C TYR D 272 -30.92 -0.59 11.34
N ILE D 273 -29.92 -0.67 10.45
CA ILE D 273 -30.13 -0.88 9.02
C ILE D 273 -29.54 -2.24 8.65
N ASN D 274 -30.33 -3.13 8.05
CA ASN D 274 -29.90 -4.52 7.82
C ASN D 274 -29.93 -4.89 6.34
N PHE D 275 -29.01 -5.79 5.91
CA PHE D 275 -28.99 -6.25 4.52
C PHE D 275 -28.23 -7.57 4.37
N THR D 276 -28.45 -8.25 3.21
CA THR D 276 -27.92 -9.58 2.89
C THR D 276 -27.10 -9.54 1.60
N LEU D 277 -26.01 -10.33 1.56
CA LEU D 277 -25.13 -10.49 0.39
C LEU D 277 -24.98 -11.95 -0.03
N ARG D 278 -24.90 -12.19 -1.34
CA ARG D 278 -24.69 -13.52 -1.92
C ARG D 278 -23.61 -13.47 -3.01
N ARG D 279 -22.61 -14.33 -2.90
CA ARG D 279 -21.42 -14.29 -3.76
C ARG D 279 -21.68 -14.97 -5.11
N HIS D 280 -21.13 -14.41 -6.18
CA HIS D 280 -21.17 -15.08 -7.50
C HIS D 280 -20.05 -16.11 -7.58
N ILE D 281 -20.38 -17.32 -8.05
CA ILE D 281 -19.38 -18.41 -8.04
C ILE D 281 -18.58 -18.55 -9.33
N PHE D 282 -18.99 -17.89 -10.43
CA PHE D 282 -18.40 -18.13 -11.75
C PHE D 282 -16.87 -18.07 -11.73
N PHE D 283 -16.32 -17.00 -11.13
CA PHE D 283 -14.88 -16.78 -11.10
C PHE D 283 -14.16 -17.99 -10.52
N PHE D 284 -14.69 -18.53 -9.41
CA PHE D 284 -14.00 -19.63 -8.75
C PHE D 284 -14.10 -20.92 -9.55
N LEU D 285 -15.26 -21.23 -10.16
CA LEU D 285 -15.28 -22.39 -11.05
C LEU D 285 -14.12 -22.32 -12.03
N LEU D 286 -14.05 -21.20 -12.79
CA LEU D 286 -13.07 -21.09 -13.86
C LEU D 286 -11.64 -21.04 -13.35
N GLN D 287 -11.42 -20.42 -12.20
CA GLN D 287 -10.10 -20.12 -11.67
C GLN D 287 -9.56 -21.20 -10.74
N THR D 288 -10.40 -22.11 -10.23
CA THR D 288 -9.96 -23.07 -9.23
C THR D 288 -10.51 -24.48 -9.47
N TYR D 289 -11.82 -24.66 -9.70
CA TYR D 289 -12.30 -26.04 -9.71
C TYR D 289 -11.93 -26.71 -11.03
N PHE D 290 -11.98 -25.99 -12.15
CA PHE D 290 -11.68 -26.63 -13.43
C PHE D 290 -10.21 -27.08 -13.52
N PRO D 291 -9.21 -26.26 -13.21
CA PRO D 291 -7.81 -26.72 -13.37
C PRO D 291 -7.44 -27.88 -12.45
N ALA D 292 -7.97 -27.92 -11.22
CA ALA D 292 -7.79 -29.10 -10.38
C ALA D 292 -8.31 -30.35 -11.08
N THR D 293 -9.54 -30.27 -11.60
CA THR D 293 -10.13 -31.40 -12.29
C THR D 293 -9.26 -31.86 -13.45
N LEU D 294 -8.68 -30.90 -14.17
CA LEU D 294 -7.87 -31.25 -15.34
C LEU D 294 -6.56 -31.95 -14.94
N MET D 295 -5.96 -31.53 -13.83
CA MET D 295 -4.79 -32.28 -13.33
C MET D 295 -5.16 -33.72 -13.00
N VAL D 296 -6.32 -33.91 -12.36
CA VAL D 296 -6.70 -35.28 -12.01
C VAL D 296 -6.87 -36.14 -13.27
N MET D 297 -7.48 -35.56 -14.30
CA MET D 297 -7.67 -36.29 -15.56
C MET D 297 -6.35 -36.56 -16.28
N LEU D 298 -5.37 -35.66 -16.15
CA LEU D 298 -4.05 -35.96 -16.72
C LEU D 298 -3.44 -37.19 -16.05
N SER D 299 -3.58 -37.30 -14.73
CA SER D 299 -2.91 -38.42 -14.04
C SER D 299 -3.42 -39.77 -14.54
N TRP D 300 -4.64 -39.80 -15.10
CA TRP D 300 -5.23 -41.06 -15.56
C TRP D 300 -4.59 -41.56 -16.86
N VAL D 301 -4.05 -40.65 -17.69
CA VAL D 301 -3.38 -41.06 -18.93
C VAL D 301 -2.31 -42.13 -18.71
N SER D 302 -1.65 -42.11 -17.54
CA SER D 302 -0.57 -43.05 -17.26
C SER D 302 -1.02 -44.50 -17.42
N PHE D 303 -2.26 -44.81 -17.05
CA PHE D 303 -2.75 -46.18 -17.08
C PHE D 303 -2.83 -46.76 -18.50
N TRP D 304 -2.69 -45.95 -19.53
CA TRP D 304 -2.82 -46.37 -20.92
C TRP D 304 -1.47 -46.45 -21.62
N ILE D 305 -0.36 -46.45 -20.86
CA ILE D 305 0.98 -46.32 -21.41
C ILE D 305 1.75 -47.57 -21.03
N ASP D 306 2.56 -48.08 -21.96
CA ASP D 306 3.31 -49.33 -21.79
C ASP D 306 4.14 -49.30 -20.50
N ARG D 307 3.99 -50.36 -19.70
CA ARG D 307 4.61 -50.41 -18.37
C ARG D 307 6.14 -50.39 -18.46
N ARG D 308 6.70 -50.68 -19.62
CA ARG D 308 8.14 -50.68 -19.80
C ARG D 308 8.72 -49.28 -20.02
N ALA D 309 7.89 -48.27 -20.29
CA ALA D 309 8.39 -46.92 -20.51
C ALA D 309 8.58 -46.19 -19.19
N VAL D 310 9.56 -46.65 -18.41
CA VAL D 310 9.74 -46.13 -17.04
C VAL D 310 9.94 -44.62 -16.99
N PRO D 311 10.85 -44.03 -17.78
CA PRO D 311 11.14 -42.59 -17.66
C PRO D 311 10.07 -41.72 -18.28
N ALA D 312 9.01 -42.30 -18.84
CA ALA D 312 7.80 -41.58 -19.22
C ALA D 312 6.73 -41.61 -18.13
N ARG D 313 6.42 -42.80 -17.61
CA ARG D 313 5.33 -42.90 -16.66
C ARG D 313 5.67 -42.25 -15.33
N VAL D 314 6.94 -42.19 -14.96
CA VAL D 314 7.27 -41.65 -13.63
C VAL D 314 7.12 -40.13 -13.59
N PRO D 315 7.75 -39.36 -14.49
CA PRO D 315 7.57 -37.91 -14.42
C PRO D 315 6.16 -37.43 -14.75
N LEU D 316 5.39 -38.23 -15.50
CA LEU D 316 3.99 -37.88 -15.77
C LEU D 316 3.19 -37.79 -14.47
N GLY D 317 3.43 -38.70 -13.55
CA GLY D 317 2.78 -38.61 -12.25
C GLY D 317 3.32 -37.47 -11.41
N ILE D 318 4.66 -37.36 -11.37
CA ILE D 318 5.26 -36.45 -10.41
C ILE D 318 4.86 -35.01 -10.72
N THR D 319 4.88 -34.63 -12.01
CA THR D 319 4.62 -33.25 -12.37
C THR D 319 3.19 -32.84 -12.00
N THR D 320 2.23 -33.76 -12.06
CA THR D 320 0.88 -33.40 -11.64
C THR D 320 0.80 -33.22 -10.13
N VAL D 321 1.51 -34.05 -9.34
CA VAL D 321 1.57 -33.77 -7.90
C VAL D 321 2.07 -32.35 -7.65
N LEU D 322 3.16 -31.99 -8.31
CA LEU D 322 3.78 -30.71 -7.98
C LEU D 322 2.97 -29.53 -8.50
N THR D 323 2.21 -29.70 -9.59
CA THR D 323 1.29 -28.64 -10.00
C THR D 323 0.12 -28.45 -9.01
N MET D 324 -0.43 -29.56 -8.50
CA MET D 324 -1.57 -29.47 -7.61
C MET D 324 -1.20 -28.68 -6.36
N SER D 325 0.04 -28.85 -5.90
CA SER D 325 0.48 -28.07 -4.72
C SER D 325 0.44 -26.55 -4.98
N THR D 326 0.81 -26.12 -6.18
CA THR D 326 0.76 -24.69 -6.53
C THR D 326 -0.67 -24.18 -6.54
N ILE D 327 -1.60 -25.01 -7.01
CA ILE D 327 -3.00 -24.61 -7.01
C ILE D 327 -3.49 -24.38 -5.59
N ILE D 328 -3.15 -25.33 -4.71
CA ILE D 328 -3.58 -25.24 -3.31
C ILE D 328 -3.01 -24.01 -2.64
N THR D 329 -1.75 -23.68 -2.94
CA THR D 329 -1.14 -22.50 -2.33
C THR D 329 -1.80 -21.21 -2.82
N GLY D 330 -2.01 -21.11 -4.12
CA GLY D 330 -2.51 -19.86 -4.68
C GLY D 330 -3.91 -19.52 -4.22
N VAL D 331 -4.74 -20.52 -3.92
CA VAL D 331 -6.04 -20.22 -3.33
C VAL D 331 -5.90 -19.61 -1.94
N ASN D 332 -5.21 -20.33 -1.03
CA ASN D 332 -5.26 -19.95 0.37
C ASN D 332 -4.45 -18.70 0.70
N ALA D 333 -3.59 -18.25 -0.22
CA ALA D 333 -2.83 -17.03 -0.01
C ALA D 333 -3.71 -15.79 0.05
N SER D 334 -4.99 -15.89 -0.33
CA SER D 334 -5.80 -14.70 -0.52
C SER D 334 -6.70 -14.35 0.67
N MET D 335 -6.99 -15.30 1.55
CA MET D 335 -8.03 -15.31 2.57
C MET D 335 -7.45 -15.12 3.97
N PRO D 336 -8.28 -14.77 4.96
CA PRO D 336 -7.79 -14.75 6.35
C PRO D 336 -7.50 -16.14 6.89
N ARG D 337 -6.59 -16.20 7.84
CA ARG D 337 -6.09 -17.45 8.43
C ARG D 337 -7.01 -18.01 9.53
N VAL D 338 -8.21 -18.42 9.13
CA VAL D 338 -9.22 -18.92 10.07
C VAL D 338 -8.84 -20.33 10.54
N SER D 339 -9.41 -20.73 11.69
CA SER D 339 -9.03 -21.96 12.38
C SER D 339 -9.88 -23.16 12.00
N TYR D 340 -10.51 -23.15 10.82
CA TYR D 340 -11.43 -24.20 10.41
C TYR D 340 -11.37 -24.35 8.90
N ILE D 341 -11.87 -25.48 8.41
CA ILE D 341 -11.74 -25.82 6.99
C ILE D 341 -12.88 -25.21 6.18
N LYS D 342 -12.56 -24.71 4.99
CA LYS D 342 -13.50 -24.12 4.06
C LYS D 342 -13.85 -25.11 2.97
N ALA D 343 -15.01 -24.89 2.33
CA ALA D 343 -15.52 -25.85 1.36
C ALA D 343 -14.58 -26.04 0.17
N VAL D 344 -13.79 -25.01 -0.16
CA VAL D 344 -12.88 -25.13 -1.30
C VAL D 344 -11.67 -26.00 -0.92
N ASP D 345 -11.28 -25.97 0.36
CA ASP D 345 -10.14 -26.74 0.83
C ASP D 345 -10.39 -28.24 0.67
N ILE D 346 -11.63 -28.66 0.95
CA ILE D 346 -12.00 -30.06 0.89
C ILE D 346 -11.77 -30.60 -0.52
N TYR D 347 -12.27 -29.86 -1.51
CA TYR D 347 -12.15 -30.29 -2.91
C TYR D 347 -10.69 -30.39 -3.32
N LEU D 348 -9.88 -29.38 -2.97
CA LEU D 348 -8.50 -29.45 -3.45
C LEU D 348 -7.68 -30.54 -2.76
N TRP D 349 -7.89 -30.79 -1.47
CA TRP D 349 -7.06 -31.82 -0.84
C TRP D 349 -7.50 -33.23 -1.24
N VAL D 350 -8.80 -33.43 -1.50
CA VAL D 350 -9.24 -34.72 -2.05
C VAL D 350 -8.64 -34.95 -3.45
N SER D 351 -8.62 -33.90 -4.28
CA SER D 351 -7.99 -34.01 -5.59
C SER D 351 -6.51 -34.35 -5.47
N PHE D 352 -5.84 -33.80 -4.45
CA PHE D 352 -4.44 -34.10 -4.23
C PHE D 352 -4.21 -35.57 -3.92
N VAL D 353 -5.00 -36.17 -3.00
CA VAL D 353 -4.75 -37.59 -2.72
C VAL D 353 -5.05 -38.45 -3.95
N PHE D 354 -6.08 -38.09 -4.73
CA PHE D 354 -6.32 -38.84 -5.97
C PHE D 354 -5.07 -38.84 -6.85
N VAL D 355 -4.39 -37.70 -6.96
CA VAL D 355 -3.21 -37.65 -7.83
C VAL D 355 -2.03 -38.39 -7.19
N PHE D 356 -1.88 -38.26 -5.87
CA PHE D 356 -0.77 -38.89 -5.15
C PHE D 356 -0.83 -40.42 -5.26
N LEU D 357 -2.04 -40.99 -5.21
CA LEU D 357 -2.17 -42.44 -5.26
C LEU D 357 -1.75 -43.03 -6.62
N SER D 358 -1.84 -42.22 -7.69
CA SER D 358 -1.50 -42.76 -9.01
C SER D 358 0.00 -43.02 -9.13
N VAL D 359 0.80 -42.44 -8.23
CA VAL D 359 2.25 -42.58 -8.26
C VAL D 359 2.63 -43.88 -7.54
N LEU D 360 1.92 -44.16 -6.45
CA LEU D 360 2.15 -45.39 -5.72
C LEU D 360 1.71 -46.61 -6.52
N GLU D 361 0.68 -46.45 -7.35
CA GLU D 361 0.21 -47.55 -8.20
C GLU D 361 1.29 -48.03 -9.18
N TYR D 362 1.93 -47.10 -9.89
CA TYR D 362 2.98 -47.49 -10.83
C TYR D 362 4.21 -48.00 -10.09
N ALA D 363 4.52 -47.46 -8.91
CA ALA D 363 5.62 -48.06 -8.15
C ALA D 363 5.34 -49.53 -7.85
N ALA D 364 4.09 -49.87 -7.52
CA ALA D 364 3.75 -51.26 -7.26
C ALA D 364 3.95 -52.12 -8.51
N VAL D 365 3.53 -51.62 -9.66
CA VAL D 365 3.61 -52.44 -10.88
C VAL D 365 5.07 -52.67 -11.29
N ASN D 366 5.92 -51.65 -11.11
CA ASN D 366 7.35 -51.82 -11.37
C ASN D 366 7.98 -52.85 -10.43
N TYR D 367 7.64 -52.80 -9.15
CA TYR D 367 8.20 -53.76 -8.20
C TYR D 367 7.77 -55.19 -8.53
N LEU D 368 6.48 -55.39 -8.81
CA LEU D 368 6.01 -56.76 -9.05
C LEU D 368 6.55 -57.30 -10.38
N THR D 369 6.67 -56.45 -11.40
CA THR D 369 7.39 -56.84 -12.61
C THR D 369 8.80 -57.30 -12.31
N THR D 370 9.51 -56.59 -11.44
CA THR D 370 10.89 -56.99 -11.16
C THR D 370 10.94 -58.32 -10.43
N VAL D 371 9.96 -58.58 -9.56
CA VAL D 371 9.90 -59.88 -8.90
C VAL D 371 9.65 -60.99 -9.93
N GLN D 372 8.81 -60.70 -10.93
CA GLN D 372 8.58 -61.70 -11.98
C GLN D 372 9.85 -61.97 -12.79
N GLU D 373 10.63 -60.91 -13.08
CA GLU D 373 11.92 -61.09 -13.74
C GLU D 373 12.85 -61.99 -12.91
N ARG D 374 12.91 -61.73 -11.60
CA ARG D 374 13.76 -62.55 -10.73
C ARG D 374 13.30 -63.99 -10.66
N LYS D 375 11.99 -64.24 -10.81
CA LYS D 375 11.53 -65.62 -10.83
C LYS D 375 11.81 -66.30 -12.18
N GLU D 376 11.73 -65.54 -13.28
CA GLU D 376 11.94 -66.16 -14.58
C GLU D 376 13.41 -66.45 -14.83
N GLN D 377 14.28 -65.64 -14.23
CA GLN D 377 15.73 -65.74 -14.40
C GLN D 377 16.46 -66.89 -13.71
N ASP D 451 2.00 -57.51 -22.59
CA ASP D 451 0.75 -57.67 -21.87
C ASP D 451 0.52 -56.54 -20.87
N THR D 452 -0.70 -56.47 -20.34
CA THR D 452 -1.09 -55.43 -19.39
C THR D 452 -1.28 -56.06 -18.01
N HIS D 453 -0.76 -55.38 -16.98
CA HIS D 453 -0.79 -55.93 -15.64
C HIS D 453 -2.20 -55.74 -15.07
N ALA D 454 -2.59 -56.66 -14.19
CA ALA D 454 -3.94 -56.60 -13.63
C ALA D 454 -4.19 -55.28 -12.90
N ILE D 455 -3.12 -54.68 -12.35
CA ILE D 455 -3.29 -53.42 -11.63
C ILE D 455 -3.66 -52.31 -12.59
N ASP D 456 -2.98 -52.28 -13.75
CA ASP D 456 -3.34 -51.30 -14.79
C ASP D 456 -4.77 -51.50 -15.27
N LYS D 457 -5.13 -52.77 -15.52
CA LYS D 457 -6.44 -53.14 -16.05
C LYS D 457 -7.57 -52.64 -15.15
N TYR D 458 -7.40 -52.80 -13.83
CA TYR D 458 -8.42 -52.39 -12.88
C TYR D 458 -8.41 -50.88 -12.66
N SER D 459 -7.23 -50.25 -12.68
CA SER D 459 -7.14 -48.83 -12.39
C SER D 459 -7.88 -48.00 -13.43
N ARG D 460 -7.80 -48.42 -14.70
CA ARG D 460 -8.53 -47.77 -15.79
C ARG D 460 -10.02 -47.64 -15.51
N ILE D 461 -10.57 -48.47 -14.64
CA ILE D 461 -11.99 -48.45 -14.30
C ILE D 461 -12.23 -47.75 -12.98
N ILE D 462 -11.36 -48.00 -12.00
CA ILE D 462 -11.70 -47.65 -10.63
C ILE D 462 -11.44 -46.18 -10.36
N PHE D 463 -10.33 -45.63 -10.85
CA PHE D 463 -10.06 -44.24 -10.51
C PHE D 463 -11.14 -43.29 -11.03
N PRO D 464 -11.60 -43.38 -12.29
CA PRO D 464 -12.60 -42.41 -12.76
C PRO D 464 -13.96 -42.57 -12.09
N ALA D 465 -14.40 -43.81 -11.84
CA ALA D 465 -15.65 -44.03 -11.12
C ALA D 465 -15.61 -43.35 -9.77
N ALA D 466 -14.49 -43.50 -9.05
CA ALA D 466 -14.41 -43.00 -7.68
C ALA D 466 -14.48 -41.47 -7.67
N TYR D 467 -13.81 -40.81 -8.61
CA TYR D 467 -13.90 -39.36 -8.64
C TYR D 467 -15.30 -38.88 -9.01
N ILE D 468 -15.98 -39.60 -9.90
CA ILE D 468 -17.35 -39.20 -10.24
C ILE D 468 -18.26 -39.32 -9.03
N LEU D 469 -18.09 -40.40 -8.25
CA LEU D 469 -18.87 -40.56 -7.03
C LEU D 469 -18.61 -39.40 -6.05
N PHE D 470 -17.34 -39.01 -5.91
CA PHE D 470 -17.00 -37.90 -5.02
C PHE D 470 -17.70 -36.63 -5.45
N ASN D 471 -17.66 -36.32 -6.76
CA ASN D 471 -18.27 -35.08 -7.22
C ASN D 471 -19.78 -35.09 -6.99
N LEU D 472 -20.43 -36.23 -7.23
CA LEU D 472 -21.87 -36.30 -6.97
C LEU D 472 -22.18 -35.97 -5.51
N ILE D 473 -21.41 -36.53 -4.58
CA ILE D 473 -21.66 -36.26 -3.15
C ILE D 473 -21.42 -34.78 -2.82
N TYR D 474 -20.30 -34.23 -3.30
CA TYR D 474 -19.89 -32.87 -2.93
C TYR D 474 -20.93 -31.86 -3.40
N TRP D 475 -21.33 -31.95 -4.67
CA TRP D 475 -22.32 -30.99 -5.12
C TRP D 475 -23.73 -31.31 -4.64
N SER D 476 -23.96 -32.49 -4.07
CA SER D 476 -25.19 -32.68 -3.29
C SER D 476 -25.14 -31.98 -1.94
N ILE D 477 -23.96 -31.85 -1.33
CA ILE D 477 -23.87 -31.21 -0.02
C ILE D 477 -23.88 -29.70 -0.13
N PHE D 478 -23.11 -29.16 -1.07
CA PHE D 478 -22.95 -27.71 -1.18
C PHE D 478 -23.81 -27.08 -2.27
N SER D 479 -24.54 -27.89 -3.04
CA SER D 479 -25.60 -27.45 -3.96
C SER D 479 -25.23 -26.35 -4.96
N LEU E 78 -26.63 29.04 33.16
CA LEU E 78 -26.70 28.22 34.36
C LEU E 78 -25.32 28.08 35.02
N LEU E 79 -24.34 27.54 34.30
CA LEU E 79 -22.98 27.45 34.83
C LEU E 79 -22.29 28.81 34.68
N ARG E 80 -21.67 29.27 35.77
CA ARG E 80 -21.00 30.57 35.75
C ARG E 80 -19.63 30.42 35.13
N ILE E 81 -19.58 30.34 33.82
CA ILE E 81 -18.31 30.13 33.13
C ILE E 81 -17.47 31.40 33.03
N ASP E 82 -18.12 32.57 32.98
CA ASP E 82 -17.40 33.84 32.79
C ASP E 82 -16.70 34.34 34.04
N ASP E 83 -16.93 33.73 35.21
CA ASP E 83 -16.46 34.29 36.47
C ASP E 83 -15.04 33.90 36.84
N HIS E 84 -14.44 32.88 36.20
CA HIS E 84 -13.28 32.18 36.76
C HIS E 84 -12.15 32.05 35.74
N ASP E 85 -10.94 31.75 36.25
CA ASP E 85 -9.76 31.56 35.38
C ASP E 85 -9.48 30.06 35.31
N PHE E 86 -9.96 29.42 34.25
CA PHE E 86 -9.79 27.99 34.06
C PHE E 86 -8.47 27.61 33.41
N SER E 87 -7.49 28.50 33.39
CA SER E 87 -6.11 28.09 33.14
C SER E 87 -5.47 27.43 34.36
N MET E 88 -6.11 27.49 35.54
CA MET E 88 -5.56 26.93 36.76
C MET E 88 -6.45 25.80 37.27
N ARG E 89 -5.82 24.74 37.79
CA ARG E 89 -6.50 23.54 38.25
C ARG E 89 -7.27 23.83 39.54
N PRO E 90 -8.22 22.96 39.89
CA PRO E 90 -8.84 23.06 41.22
C PRO E 90 -7.80 22.79 42.29
N GLY E 91 -7.74 23.65 43.29
CA GLY E 91 -6.77 23.42 44.34
C GLY E 91 -5.38 23.95 44.05
N PHE E 92 -5.25 24.84 43.08
CA PHE E 92 -3.96 25.33 42.59
C PHE E 92 -3.21 26.01 43.73
N GLY E 93 -1.95 25.61 43.92
CA GLY E 93 -1.15 26.10 45.02
C GLY E 93 -1.37 25.42 46.36
N GLY E 94 -2.09 24.30 46.37
CA GLY E 94 -2.34 23.52 47.56
C GLY E 94 -2.26 22.05 47.18
N PRO E 95 -2.90 21.16 47.96
CA PRO E 95 -2.69 19.73 47.72
C PRO E 95 -3.17 19.22 46.37
N ALA E 96 -2.87 17.95 46.08
CA ALA E 96 -3.13 17.36 44.78
C ALA E 96 -4.62 17.07 44.59
N ILE E 97 -5.07 17.12 43.34
CA ILE E 97 -6.47 16.82 43.03
C ILE E 97 -6.58 15.34 42.67
N PRO E 98 -7.52 14.61 43.27
CA PRO E 98 -7.74 13.20 42.90
C PRO E 98 -8.59 13.08 41.65
N VAL E 99 -8.15 12.24 40.70
CA VAL E 99 -8.90 11.95 39.48
C VAL E 99 -9.04 10.44 39.34
N GLY E 100 -10.28 9.96 39.25
CA GLY E 100 -10.55 8.54 39.07
C GLY E 100 -10.95 8.19 37.64
N VAL E 101 -10.62 6.96 37.23
CA VAL E 101 -10.74 6.50 35.85
C VAL E 101 -11.45 5.13 35.79
N ASP E 102 -12.33 4.95 34.79
CA ASP E 102 -12.72 3.60 34.36
C ASP E 102 -12.92 3.55 32.85
N VAL E 103 -13.00 2.32 32.31
CA VAL E 103 -12.77 2.03 30.88
C VAL E 103 -13.71 0.91 30.41
N GLN E 104 -14.20 1.01 29.19
CA GLN E 104 -14.77 -0.14 28.45
C GLN E 104 -14.12 -0.30 27.08
N VAL E 105 -13.62 -1.51 26.80
CA VAL E 105 -13.04 -1.87 25.51
C VAL E 105 -14.15 -2.23 24.53
N GLU E 106 -14.14 -1.59 23.35
CA GLU E 106 -15.12 -1.91 22.33
C GLU E 106 -14.59 -2.91 21.30
N SER E 107 -13.32 -2.80 20.90
CA SER E 107 -12.78 -3.78 19.96
C SER E 107 -11.25 -3.79 20.02
N LEU E 108 -10.68 -4.96 19.75
CA LEU E 108 -9.26 -5.13 19.46
C LEU E 108 -9.16 -5.37 17.96
N ASP E 109 -8.59 -4.40 17.25
CA ASP E 109 -8.80 -4.22 15.81
C ASP E 109 -7.83 -4.98 14.90
N SER E 110 -6.53 -5.01 15.22
CA SER E 110 -5.55 -5.71 14.37
C SER E 110 -4.22 -5.84 15.10
N ILE E 111 -3.35 -6.70 14.55
CA ILE E 111 -2.04 -7.01 15.13
C ILE E 111 -1.04 -7.24 14.00
N SER E 112 0.21 -6.81 14.20
CA SER E 112 1.27 -6.95 13.21
C SER E 112 2.54 -7.47 13.85
N GLU E 113 3.05 -8.59 13.31
CA GLU E 113 4.37 -9.09 13.71
C GLU E 113 5.49 -8.26 13.11
N VAL E 114 5.29 -7.78 11.89
CA VAL E 114 6.33 -7.05 11.17
C VAL E 114 6.56 -5.68 11.78
N ASP E 115 5.50 -5.04 12.26
CA ASP E 115 5.63 -3.75 12.93
C ASP E 115 5.67 -3.87 14.45
N MET E 116 5.29 -5.03 14.99
CA MET E 116 5.25 -5.29 16.43
C MET E 116 4.34 -4.29 17.15
N ASP E 117 3.05 -4.32 16.80
CA ASP E 117 2.09 -3.41 17.43
C ASP E 117 0.68 -3.97 17.31
N PHE E 118 -0.26 -3.31 18.01
CA PHE E 118 -1.67 -3.67 18.00
C PHE E 118 -2.53 -2.41 18.07
N THR E 119 -3.79 -2.51 17.63
CA THR E 119 -4.72 -1.37 17.60
C THR E 119 -5.97 -1.68 18.42
N MET E 120 -6.44 -0.70 19.22
CA MET E 120 -7.57 -0.89 20.13
C MET E 120 -8.51 0.32 20.09
N THR E 121 -9.82 0.07 20.21
CA THR E 121 -10.83 1.13 20.29
C THR E 121 -11.58 1.02 21.62
N LEU E 122 -11.76 2.14 22.32
CA LEU E 122 -12.28 2.07 23.68
C LEU E 122 -13.05 3.33 24.08
N TYR E 123 -13.82 3.22 25.16
CA TYR E 123 -14.47 4.35 25.83
C TYR E 123 -13.73 4.64 27.15
N LEU E 124 -13.40 5.91 27.39
CA LEU E 124 -12.57 6.33 28.52
C LEU E 124 -13.25 7.42 29.33
N ARG E 125 -13.24 7.29 30.66
CA ARG E 125 -14.08 8.09 31.55
C ARG E 125 -13.31 8.67 32.74
N HIS E 126 -13.64 9.91 33.14
CA HIS E 126 -12.93 10.65 34.20
C HIS E 126 -13.92 11.19 35.24
N TYR E 127 -13.46 11.21 36.50
CA TYR E 127 -14.29 11.67 37.62
C TYR E 127 -13.55 12.61 38.56
N TRP E 128 -14.07 13.80 38.83
CA TRP E 128 -13.48 14.76 39.78
C TRP E 128 -14.54 15.77 40.24
N LYS E 129 -14.14 16.61 41.20
CA LYS E 129 -14.96 17.69 41.76
C LYS E 129 -14.32 19.07 41.57
N ASP E 130 -15.13 20.05 41.14
CA ASP E 130 -14.70 21.45 41.01
C ASP E 130 -15.88 22.34 41.41
N GLU E 131 -15.73 23.06 42.52
CA GLU E 131 -16.79 23.88 43.07
C GLU E 131 -17.07 25.12 42.23
N ARG E 132 -16.23 25.41 41.24
CA ARG E 132 -16.47 26.55 40.37
C ARG E 132 -17.62 26.23 39.41
N LEU E 133 -17.99 24.95 39.31
CA LEU E 133 -19.08 24.47 38.47
C LEU E 133 -20.36 24.15 39.24
N SER E 134 -20.49 24.60 40.49
CA SER E 134 -21.70 24.36 41.27
C SER E 134 -22.86 25.21 40.76
N PHE E 135 -24.09 24.68 40.91
CA PHE E 135 -25.30 25.40 40.51
C PHE E 135 -26.48 25.01 41.39
N PRO E 136 -27.52 25.84 41.47
CA PRO E 136 -28.62 25.54 42.41
C PRO E 136 -29.74 24.75 41.76
N SER E 137 -30.35 23.85 42.55
CA SER E 137 -31.48 23.06 42.10
C SER E 137 -32.15 22.41 43.31
N THR E 138 -33.40 22.00 43.13
CA THR E 138 -34.13 21.32 44.19
C THR E 138 -34.10 19.80 44.09
N ASN E 139 -33.71 19.24 42.93
CA ASN E 139 -33.82 17.81 42.70
C ASN E 139 -32.59 17.01 43.11
N ASN E 140 -31.41 17.66 43.23
CA ASN E 140 -30.14 17.02 43.59
C ASN E 140 -29.67 15.99 42.54
N LEU E 141 -30.11 16.12 41.29
CA LEU E 141 -29.79 15.18 40.23
C LEU E 141 -28.73 15.72 39.26
N SER E 142 -28.16 14.80 38.48
CA SER E 142 -27.12 15.14 37.51
C SER E 142 -27.71 15.60 36.18
N MET E 143 -27.04 16.55 35.52
CA MET E 143 -27.52 17.16 34.28
C MET E 143 -26.49 17.04 33.15
N THR E 144 -26.96 16.77 31.93
CA THR E 144 -26.11 16.74 30.74
C THR E 144 -26.07 18.06 29.97
N PHE E 145 -24.89 18.41 29.44
CA PHE E 145 -24.64 19.66 28.73
C PHE E 145 -24.09 19.38 27.32
N ASP E 146 -24.15 20.42 26.47
CA ASP E 146 -24.06 20.23 25.00
C ASP E 146 -22.76 19.56 24.54
N GLY E 147 -21.64 19.93 25.13
CA GLY E 147 -20.35 19.45 24.69
C GLY E 147 -19.39 20.53 24.21
N ARG E 148 -19.91 21.70 23.82
CA ARG E 148 -19.05 22.80 23.41
C ARG E 148 -18.43 23.50 24.61
N LEU E 149 -18.90 23.21 25.83
CA LEU E 149 -18.36 23.84 27.03
C LEU E 149 -17.03 23.23 27.45
N VAL E 150 -16.68 22.06 26.92
CA VAL E 150 -15.50 21.32 27.38
C VAL E 150 -14.23 22.13 27.14
N LYS E 151 -14.28 23.04 26.17
CA LYS E 151 -13.17 23.87 25.73
C LYS E 151 -13.07 25.17 26.53
N LYS E 152 -14.02 25.39 27.45
CA LYS E 152 -14.04 26.61 28.26
C LYS E 152 -13.56 26.34 29.69
N ILE E 153 -14.01 25.23 30.30
CA ILE E 153 -13.63 24.75 31.63
C ILE E 153 -12.27 24.05 31.63
N TRP E 154 -11.79 23.72 32.83
CA TRP E 154 -10.58 22.92 33.04
C TRP E 154 -10.90 21.43 32.92
N VAL E 155 -9.96 20.67 32.35
CA VAL E 155 -10.12 19.23 32.14
C VAL E 155 -8.78 18.50 32.31
N PRO E 156 -8.75 17.27 32.85
CA PRO E 156 -7.47 16.56 33.00
C PRO E 156 -6.81 16.19 31.66
N ASP E 157 -5.51 15.88 31.73
CA ASP E 157 -4.67 15.84 30.53
C ASP E 157 -4.01 14.48 30.24
N MET E 158 -4.80 13.41 30.10
CA MET E 158 -4.24 12.06 29.96
C MET E 158 -3.69 11.81 28.56
N PHE E 159 -2.65 10.98 28.48
CA PHE E 159 -2.06 10.55 27.21
C PHE E 159 -1.67 9.07 27.30
N PHE E 160 -1.57 8.45 26.14
CA PHE E 160 -1.24 7.04 26.03
C PHE E 160 0.27 6.85 25.83
N VAL E 161 0.97 6.30 26.82
CA VAL E 161 2.42 6.16 26.78
C VAL E 161 2.82 5.03 25.83
N HIS E 162 3.96 5.25 25.16
CA HIS E 162 4.57 4.36 24.17
C HIS E 162 3.66 4.09 22.97
N SER E 163 2.77 5.03 22.62
CA SER E 163 1.85 4.82 21.51
C SER E 163 2.41 5.39 20.21
N LYS E 164 1.99 4.80 19.09
CA LYS E 164 2.48 5.21 17.77
C LYS E 164 1.59 6.32 17.19
N ARG E 165 0.26 6.15 17.26
CA ARG E 165 -0.71 7.14 16.77
C ARG E 165 -2.06 6.89 17.44
N SER E 166 -2.90 7.93 17.47
CA SER E 166 -4.27 7.83 18.01
C SER E 166 -5.14 8.98 17.48
N PHE E 167 -6.47 8.80 17.59
CA PHE E 167 -7.38 9.92 17.36
C PHE E 167 -8.69 9.80 18.15
N ILE E 168 -9.42 10.92 18.24
CA ILE E 168 -10.78 11.01 18.81
C ILE E 168 -11.77 11.10 17.66
N HIS E 169 -12.88 10.33 17.73
CA HIS E 169 -13.87 10.30 16.65
C HIS E 169 -14.74 11.55 16.64
N ASP E 170 -15.15 11.99 15.42
CA ASP E 170 -15.83 13.28 15.27
C ASP E 170 -16.94 13.32 14.20
N THR E 171 -17.67 12.23 13.95
CA THR E 171 -18.87 12.23 13.13
C THR E 171 -20.00 11.62 13.95
N THR E 172 -21.15 12.31 14.06
CA THR E 172 -21.53 13.52 13.32
C THR E 172 -21.01 14.80 14.00
N THR E 173 -20.57 14.66 15.24
CA THR E 173 -19.89 15.70 16.00
C THR E 173 -18.82 15.01 16.85
N ASP E 174 -18.18 15.77 17.74
CA ASP E 174 -17.16 15.18 18.59
C ASP E 174 -17.83 14.18 19.52
N ASN E 175 -17.26 12.97 19.63
CA ASN E 175 -17.87 11.94 20.46
C ASN E 175 -17.41 12.14 21.91
N VAL E 176 -18.06 13.11 22.57
CA VAL E 176 -17.67 13.61 23.89
C VAL E 176 -18.93 13.84 24.74
N MET E 177 -18.81 13.62 26.05
CA MET E 177 -19.94 13.74 26.98
C MET E 177 -19.52 14.44 28.27
N LEU E 178 -20.38 15.35 28.76
CA LEU E 178 -20.10 16.09 29.99
C LEU E 178 -21.36 16.12 30.85
N ARG E 179 -21.24 15.62 32.09
CA ARG E 179 -22.35 15.62 33.06
C ARG E 179 -21.90 16.24 34.38
N VAL E 180 -22.73 17.08 35.01
CA VAL E 180 -22.38 17.82 36.23
C VAL E 180 -23.53 17.76 37.23
N GLN E 181 -23.16 17.61 38.52
CA GLN E 181 -24.05 17.63 39.68
C GLN E 181 -24.02 18.99 40.37
N PRO E 182 -25.13 19.37 41.03
CA PRO E 182 -25.22 20.68 41.70
C PRO E 182 -24.07 21.04 42.64
N ASP E 183 -23.47 20.09 43.38
CA ASP E 183 -22.28 20.37 44.19
C ASP E 183 -20.95 20.46 43.44
N GLY E 184 -20.95 20.40 42.11
CA GLY E 184 -19.73 20.48 41.32
C GLY E 184 -19.00 19.19 41.01
N LYS E 185 -19.58 18.02 41.26
CA LYS E 185 -18.98 16.77 40.78
C LYS E 185 -19.16 16.64 39.28
N VAL E 186 -18.10 16.16 38.60
CA VAL E 186 -18.06 16.14 37.13
C VAL E 186 -17.82 14.71 36.63
N LEU E 187 -18.52 14.33 35.56
CA LEU E 187 -18.22 13.11 34.80
C LEU E 187 -17.97 13.50 33.35
N TYR E 188 -16.88 12.98 32.77
CA TYR E 188 -16.41 13.35 31.44
C TYR E 188 -16.03 12.07 30.70
N SER E 189 -16.46 11.94 29.43
CA SER E 189 -16.25 10.71 28.67
C SER E 189 -15.98 10.99 27.19
N LEU E 190 -15.12 10.16 26.58
CA LEU E 190 -14.84 10.24 25.14
C LEU E 190 -14.41 8.88 24.58
N ARG E 191 -14.62 8.72 23.26
CA ARG E 191 -14.31 7.53 22.45
C ARG E 191 -13.05 7.72 21.60
N VAL E 192 -12.11 6.77 21.66
CA VAL E 192 -10.79 6.90 21.01
C VAL E 192 -10.30 5.57 20.43
N THR E 193 -9.43 5.66 19.41
CA THR E 193 -8.69 4.54 18.83
C THR E 193 -7.20 4.77 18.99
N VAL E 194 -6.45 3.72 19.37
CA VAL E 194 -5.03 3.81 19.71
C VAL E 194 -4.25 2.69 19.03
N THR E 195 -3.04 2.99 18.56
CA THR E 195 -2.09 1.98 18.10
C THR E 195 -0.85 2.03 18.98
N ALA E 196 -0.44 0.87 19.53
CA ALA E 196 0.53 0.81 20.61
C ALA E 196 1.60 -0.26 20.39
N MET E 197 2.77 -0.01 20.98
CA MET E 197 3.95 -0.86 20.85
C MET E 197 3.83 -2.15 21.66
N CYS E 198 4.33 -3.26 21.10
CA CYS E 198 4.33 -4.54 21.81
C CYS E 198 5.47 -5.42 21.31
N ASN E 199 6.42 -5.69 22.21
CA ASN E 199 7.59 -6.50 21.90
C ASN E 199 7.25 -7.99 21.91
N MET E 200 7.64 -8.71 20.85
CA MET E 200 7.20 -10.07 20.57
C MET E 200 8.39 -11.03 20.45
N ASP E 201 8.21 -12.26 20.95
CA ASP E 201 9.23 -13.30 20.92
C ASP E 201 8.70 -14.45 20.04
N PHE E 202 9.47 -14.82 19.02
CA PHE E 202 9.03 -15.79 18.02
C PHE E 202 9.83 -17.09 18.05
N SER E 203 10.53 -17.38 19.15
CA SER E 203 11.36 -18.58 19.18
C SER E 203 10.52 -19.85 19.10
N ARG E 204 9.27 -19.80 19.53
CA ARG E 204 8.38 -20.95 19.50
C ARG E 204 7.32 -20.84 18.41
N PHE E 205 7.44 -19.86 17.52
CA PHE E 205 6.45 -19.62 16.47
C PHE E 205 6.36 -20.84 15.54
N PRO E 206 5.14 -21.27 15.14
CA PRO E 206 3.80 -20.69 15.37
C PRO E 206 3.07 -21.17 16.62
N LEU E 207 3.75 -21.84 17.55
CA LEU E 207 3.12 -22.32 18.76
C LEU E 207 3.34 -21.38 19.96
N ASP E 208 3.29 -20.08 19.73
CA ASP E 208 3.72 -19.06 20.67
C ASP E 208 2.54 -18.46 21.44
N THR E 209 2.85 -17.85 22.59
CA THR E 209 1.93 -17.05 23.39
C THR E 209 2.55 -15.67 23.63
N GLN E 210 1.75 -14.60 23.52
CA GLN E 210 2.27 -13.24 23.69
C GLN E 210 1.46 -12.49 24.75
N THR E 211 2.09 -11.51 25.42
CA THR E 211 1.34 -10.72 26.41
C THR E 211 1.54 -9.24 26.12
N CYS E 212 0.50 -8.44 26.39
CA CYS E 212 0.42 -7.06 25.90
C CYS E 212 -0.16 -6.15 26.98
N SER E 213 0.08 -4.84 26.83
CA SER E 213 -0.47 -3.83 27.73
C SER E 213 -0.59 -2.45 27.10
N LEU E 214 -1.57 -1.67 27.59
CA LEU E 214 -1.82 -0.28 27.24
C LEU E 214 -1.59 0.60 28.47
N GLU E 215 -0.84 1.69 28.31
CA GLU E 215 -0.35 2.52 29.42
C GLU E 215 -0.97 3.92 29.38
N ILE E 216 -1.36 4.44 30.56
CA ILE E 216 -2.08 5.71 30.69
C ILE E 216 -1.44 6.58 31.77
N GLU E 217 -1.30 7.89 31.49
CA GLU E 217 -0.50 8.80 32.30
C GLU E 217 -0.92 10.24 32.05
N SER E 218 -0.68 11.12 33.03
CA SER E 218 -0.88 12.57 32.85
C SER E 218 0.38 13.21 32.27
N TYR E 219 0.20 14.17 31.35
CA TYR E 219 1.38 14.71 30.69
C TYR E 219 2.08 15.77 31.55
N ALA E 220 1.32 16.72 32.11
CA ALA E 220 1.96 17.91 32.68
C ALA E 220 2.11 17.91 34.20
N TYR E 221 1.36 17.09 34.92
CA TYR E 221 1.21 17.26 36.36
C TYR E 221 1.80 16.06 37.09
N THR E 222 2.68 16.34 38.06
CA THR E 222 3.31 15.28 38.84
C THR E 222 2.41 14.86 40.01
N GLU E 223 2.80 13.77 40.67
CA GLU E 223 2.03 13.25 41.81
C GLU E 223 1.87 14.26 42.93
N ASP E 224 2.62 15.38 42.93
CA ASP E 224 2.40 16.44 43.89
C ASP E 224 1.22 17.32 43.54
N ASP E 225 0.73 17.28 42.29
CA ASP E 225 -0.40 18.11 41.88
C ASP E 225 -1.61 17.31 41.42
N LEU E 226 -1.43 16.09 40.89
CA LEU E 226 -2.56 15.29 40.47
C LEU E 226 -2.37 13.85 40.91
N MET E 227 -3.43 13.23 41.44
CA MET E 227 -3.43 11.85 41.92
C MET E 227 -4.39 11.02 41.06
N LEU E 228 -3.85 9.98 40.41
CA LEU E 228 -4.58 9.22 39.40
C LEU E 228 -4.76 7.77 39.86
N TYR E 229 -6.00 7.26 39.80
CA TYR E 229 -6.31 5.93 40.33
C TYR E 229 -7.51 5.32 39.60
N TRP E 230 -7.60 3.99 39.66
CA TRP E 230 -8.75 3.25 39.15
C TRP E 230 -9.97 3.46 40.05
N LYS E 231 -11.10 3.85 39.45
CA LYS E 231 -12.24 4.38 40.20
C LYS E 231 -12.89 3.35 41.12
N LYS E 232 -12.92 2.08 40.70
CA LYS E 232 -13.63 1.05 41.44
C LYS E 232 -12.75 -0.18 41.64
N GLY E 233 -11.45 0.00 41.72
CA GLY E 233 -10.55 -1.13 41.86
C GLY E 233 -10.58 -2.03 40.63
N ASN E 234 -10.59 -3.34 40.86
CA ASN E 234 -10.54 -4.30 39.76
C ASN E 234 -11.81 -4.28 38.91
N ASP E 235 -12.91 -3.70 39.40
CA ASP E 235 -14.16 -3.65 38.65
C ASP E 235 -14.16 -2.51 37.64
N SER E 236 -13.03 -1.82 37.43
CA SER E 236 -12.99 -0.63 36.60
C SER E 236 -12.80 -0.92 35.11
N LEU E 237 -12.68 -2.19 34.72
CA LEU E 237 -12.52 -2.56 33.31
C LEU E 237 -13.63 -3.50 32.87
N LYS E 238 -14.32 -3.12 31.80
CA LYS E 238 -15.36 -3.87 31.11
C LYS E 238 -14.96 -4.14 29.67
N THR E 239 -15.52 -5.20 29.09
CA THR E 239 -15.16 -5.64 27.74
C THR E 239 -16.40 -6.06 26.95
N ASP E 240 -16.44 -5.66 25.67
CA ASP E 240 -17.56 -5.95 24.78
C ASP E 240 -17.62 -7.43 24.43
N GLU E 241 -18.83 -8.00 24.43
CA GLU E 241 -18.98 -9.44 24.18
C GLU E 241 -18.70 -9.80 22.73
N ARG E 242 -18.61 -8.83 21.82
CA ARG E 242 -18.35 -9.09 20.41
C ARG E 242 -16.86 -9.21 20.06
N ILE E 243 -15.96 -9.05 21.01
CA ILE E 243 -14.53 -8.92 20.69
C ILE E 243 -13.96 -10.26 20.24
N SER E 244 -13.23 -10.24 19.12
CA SER E 244 -12.76 -11.45 18.47
C SER E 244 -11.62 -11.15 17.51
N LEU E 245 -10.73 -12.12 17.31
CA LEU E 245 -9.68 -12.10 16.29
C LEU E 245 -9.68 -13.44 15.57
N SER E 246 -9.47 -13.42 14.25
CA SER E 246 -9.56 -14.69 13.52
C SER E 246 -8.39 -15.63 13.80
N GLN E 247 -7.26 -15.11 14.28
CA GLN E 247 -6.04 -15.90 14.41
C GLN E 247 -5.64 -16.18 15.86
N PHE E 248 -6.23 -15.48 16.84
CA PHE E 248 -5.82 -15.59 18.24
C PHE E 248 -7.02 -15.87 19.13
N LEU E 249 -6.78 -16.64 20.18
CA LEU E 249 -7.62 -16.66 21.38
C LEU E 249 -7.18 -15.56 22.35
N ILE E 250 -8.13 -14.76 22.83
CA ILE E 250 -7.83 -13.64 23.73
C ILE E 250 -8.25 -14.05 25.15
N GLN E 251 -7.39 -13.76 26.15
CA GLN E 251 -7.64 -14.15 27.53
C GLN E 251 -6.95 -13.21 28.52
N GLU E 252 -7.41 -13.27 29.79
CA GLU E 252 -6.68 -12.76 30.95
C GLU E 252 -6.59 -11.23 31.01
N PHE E 253 -7.71 -10.55 30.76
CA PHE E 253 -7.78 -9.09 30.91
C PHE E 253 -7.72 -8.69 32.40
N HIS E 254 -6.77 -7.81 32.77
CA HIS E 254 -6.71 -7.28 34.14
C HIS E 254 -5.90 -5.97 34.17
N THR E 255 -6.00 -5.24 35.30
CA THR E 255 -5.44 -3.89 35.46
C THR E 255 -4.45 -3.79 36.63
N THR E 256 -3.44 -2.93 36.49
CA THR E 256 -2.41 -2.69 37.52
C THR E 256 -1.98 -1.23 37.55
N THR E 257 -1.10 -0.87 38.52
CA THR E 257 -0.59 0.48 38.73
C THR E 257 0.90 0.48 39.08
N LYS E 258 1.62 1.54 38.70
CA LYS E 258 3.04 1.70 39.03
C LYS E 258 3.43 3.17 38.95
N LEU E 259 4.48 3.55 39.69
CA LEU E 259 5.05 4.89 39.64
C LEU E 259 6.20 4.97 38.64
N ALA E 260 6.30 6.10 37.94
CA ALA E 260 7.30 6.33 36.91
C ALA E 260 8.07 7.62 37.16
N PHE E 261 9.33 7.66 36.69
CA PHE E 261 10.25 8.76 36.97
C PHE E 261 10.89 9.26 35.68
N TYR E 262 10.92 10.59 35.50
CA TYR E 262 11.64 11.24 34.41
C TYR E 262 12.65 12.19 35.03
N SER E 263 13.90 12.09 34.57
CA SER E 263 15.02 12.77 35.25
C SER E 263 14.83 14.29 35.30
N SER E 264 14.33 14.88 34.22
CA SER E 264 14.23 16.32 34.14
C SER E 264 12.97 16.88 34.80
N THR E 265 11.94 16.05 35.03
CA THR E 265 10.62 16.60 35.36
C THR E 265 9.91 15.98 36.56
N GLY E 266 10.26 14.77 37.01
CA GLY E 266 9.68 14.26 38.25
C GLY E 266 8.95 12.93 38.24
N TRP E 267 8.09 12.70 39.24
CA TRP E 267 7.43 11.41 39.49
C TRP E 267 5.96 11.46 39.07
N TYR E 268 5.45 10.36 38.50
CA TYR E 268 4.10 10.30 37.94
C TYR E 268 3.44 8.95 38.19
N ASN E 269 2.09 8.94 38.30
CA ASN E 269 1.34 7.70 38.44
C ASN E 269 0.98 7.18 37.06
N ARG E 270 1.11 5.86 36.85
CA ARG E 270 0.81 5.23 35.57
C ARG E 270 -0.12 4.03 35.76
N LEU E 271 -1.19 3.95 34.97
CA LEU E 271 -2.14 2.85 35.00
C LEU E 271 -1.91 1.92 33.81
N TYR E 272 -2.23 0.62 34.01
CA TYR E 272 -1.96 -0.43 33.04
C TYR E 272 -3.20 -1.27 32.76
N ILE E 273 -3.43 -1.60 31.48
CA ILE E 273 -4.40 -2.61 31.05
C ILE E 273 -3.62 -3.76 30.42
N ASN E 274 -3.82 -4.99 30.90
CA ASN E 274 -3.00 -6.13 30.49
C ASN E 274 -3.85 -7.26 29.88
N PHE E 275 -3.28 -8.00 28.91
CA PHE E 275 -3.99 -9.13 28.30
C PHE E 275 -3.03 -10.11 27.61
N THR E 276 -3.54 -11.33 27.33
CA THR E 276 -2.77 -12.46 26.77
C THR E 276 -3.41 -12.95 25.46
N LEU E 277 -2.56 -13.36 24.50
CA LEU E 277 -2.96 -13.93 23.21
C LEU E 277 -2.33 -15.30 22.95
N ARG E 278 -3.11 -16.20 22.32
CA ARG E 278 -2.65 -17.54 21.94
C ARG E 278 -3.05 -17.84 20.50
N ARG E 279 -2.08 -18.25 19.68
CA ARG E 279 -2.28 -18.41 18.24
C ARG E 279 -2.93 -19.77 17.91
N HIS E 280 -3.83 -19.78 16.93
CA HIS E 280 -4.38 -21.04 16.41
C HIS E 280 -3.40 -21.68 15.42
N ILE E 281 -3.14 -22.98 15.55
CA ILE E 281 -2.11 -23.61 14.71
C ILE E 281 -2.65 -24.27 13.43
N PHE E 282 -3.98 -24.42 13.29
CA PHE E 282 -4.56 -25.21 12.19
C PHE E 282 -4.01 -24.81 10.83
N PHE E 283 -4.01 -23.50 10.55
CA PHE E 283 -3.57 -22.98 9.26
C PHE E 283 -2.17 -23.46 8.93
N PHE E 284 -1.25 -23.40 9.90
CA PHE E 284 0.13 -23.77 9.63
C PHE E 284 0.27 -25.28 9.42
N LEU E 285 -0.41 -26.12 10.21
CA LEU E 285 -0.37 -27.55 9.89
C LEU E 285 -0.67 -27.76 8.42
N LEU E 286 -1.83 -27.27 7.98
CA LEU E 286 -2.31 -27.54 6.62
C LEU E 286 -1.42 -26.90 5.55
N GLN E 287 -0.90 -25.71 5.84
CA GLN E 287 -0.20 -24.88 4.86
C GLN E 287 1.30 -25.13 4.83
N THR E 288 1.89 -25.76 5.86
CA THR E 288 3.34 -25.89 5.94
C THR E 288 3.80 -27.27 6.39
N TYR E 289 3.25 -27.84 7.47
CA TYR E 289 3.87 -29.07 7.97
C TYR E 289 3.47 -30.25 7.09
N PHE E 290 2.23 -30.29 6.61
CA PHE E 290 1.82 -31.44 5.80
C PHE E 290 2.56 -31.53 4.47
N PRO E 291 2.68 -30.45 3.66
CA PRO E 291 3.35 -30.60 2.36
C PRO E 291 4.84 -30.94 2.48
N ALA E 292 5.54 -30.42 3.50
CA ALA E 292 6.91 -30.88 3.76
C ALA E 292 6.95 -32.39 3.97
N THR E 293 6.07 -32.88 4.84
CA THR E 293 6.01 -34.30 5.13
C THR E 293 5.80 -35.11 3.85
N LEU E 294 4.93 -34.60 2.97
CA LEU E 294 4.61 -35.34 1.75
C LEU E 294 5.80 -35.38 0.79
N MET E 295 6.59 -34.31 0.71
CA MET E 295 7.81 -34.36 -0.09
C MET E 295 8.76 -35.43 0.45
N VAL E 296 8.90 -35.50 1.78
CA VAL E 296 9.82 -36.50 2.33
C VAL E 296 9.37 -37.91 1.97
N MET E 297 8.05 -38.15 2.06
CA MET E 297 7.53 -39.48 1.70
C MET E 297 7.66 -39.78 0.22
N LEU E 298 7.59 -38.77 -0.66
CA LEU E 298 7.86 -39.03 -2.06
C LEU E 298 9.29 -39.50 -2.28
N SER E 299 10.26 -38.90 -1.56
CA SER E 299 11.65 -39.27 -1.81
C SER E 299 11.91 -40.75 -1.51
N TRP E 300 11.07 -41.36 -0.66
CA TRP E 300 11.25 -42.76 -0.29
C TRP E 300 10.86 -43.73 -1.40
N VAL E 301 9.95 -43.32 -2.28
CA VAL E 301 9.56 -44.18 -3.41
C VAL E 301 10.75 -44.67 -4.22
N SER E 302 11.81 -43.87 -4.30
CA SER E 302 12.98 -44.24 -5.11
C SER E 302 13.56 -45.59 -4.72
N PHE E 303 13.54 -45.91 -3.43
CA PHE E 303 14.14 -47.15 -2.93
C PHE E 303 13.45 -48.41 -3.46
N TRP E 304 12.28 -48.30 -4.07
CA TRP E 304 11.50 -49.43 -4.55
C TRP E 304 11.56 -49.57 -6.06
N ILE E 305 12.50 -48.91 -6.73
CA ILE E 305 12.54 -48.79 -8.18
C ILE E 305 13.85 -49.40 -8.65
N ASP E 306 13.79 -50.14 -9.77
CA ASP E 306 14.93 -50.89 -10.31
C ASP E 306 16.14 -49.97 -10.49
N ARG E 307 17.29 -50.42 -9.95
CA ARG E 307 18.49 -49.59 -9.93
C ARG E 307 19.01 -49.27 -11.33
N ARG E 308 18.55 -50.02 -12.34
CA ARG E 308 18.96 -49.78 -13.72
C ARG E 308 18.20 -48.65 -14.40
N ALA E 309 17.10 -48.17 -13.81
CA ALA E 309 16.33 -47.10 -14.41
C ALA E 309 16.92 -45.74 -14.04
N VAL E 310 18.11 -45.45 -14.56
CA VAL E 310 18.84 -44.25 -14.14
C VAL E 310 18.05 -42.96 -14.38
N PRO E 311 17.48 -42.71 -15.56
CA PRO E 311 16.82 -41.42 -15.82
C PRO E 311 15.46 -41.30 -15.17
N ALA E 312 15.01 -42.32 -14.45
CA ALA E 312 13.86 -42.22 -13.56
C ALA E 312 14.25 -41.89 -12.13
N ARG E 313 15.21 -42.63 -11.56
CA ARG E 313 15.54 -42.45 -10.16
C ARG E 313 16.23 -41.11 -9.90
N VAL E 314 16.93 -40.56 -10.90
CA VAL E 314 17.70 -39.33 -10.63
C VAL E 314 16.76 -38.11 -10.54
N PRO E 315 15.90 -37.86 -11.54
CA PRO E 315 15.02 -36.69 -11.42
C PRO E 315 13.97 -36.81 -10.31
N LEU E 316 13.61 -38.03 -9.91
CA LEU E 316 12.69 -38.22 -8.79
C LEU E 316 13.26 -37.62 -7.51
N GLY E 317 14.56 -37.79 -7.28
CA GLY E 317 15.19 -37.15 -6.14
C GLY E 317 15.31 -35.65 -6.31
N ILE E 318 15.78 -35.24 -7.49
CA ILE E 318 16.15 -33.84 -7.65
C ILE E 318 14.92 -32.95 -7.50
N THR E 319 13.79 -33.34 -8.10
CA THR E 319 12.61 -32.48 -8.08
C THR E 319 12.09 -32.28 -6.66
N THR E 320 12.23 -33.28 -5.77
CA THR E 320 11.82 -33.06 -4.39
C THR E 320 12.76 -32.11 -3.66
N VAL E 321 14.07 -32.17 -3.93
CA VAL E 321 14.97 -31.15 -3.36
C VAL E 321 14.48 -29.75 -3.75
N LEU E 322 14.20 -29.57 -5.04
CA LEU E 322 13.93 -28.22 -5.52
C LEU E 322 12.55 -27.74 -5.07
N THR E 323 11.58 -28.66 -4.85
CA THR E 323 10.32 -28.24 -4.25
C THR E 323 10.48 -27.80 -2.79
N MET E 324 11.29 -28.54 -2.02
CA MET E 324 11.44 -28.23 -0.60
C MET E 324 12.01 -26.83 -0.42
N SER E 325 12.90 -26.42 -1.33
CA SER E 325 13.43 -25.06 -1.24
C SER E 325 12.35 -23.98 -1.39
N THR E 326 11.37 -24.22 -2.27
CA THR E 326 10.25 -23.28 -2.44
C THR E 326 9.40 -23.20 -1.17
N ILE E 327 9.21 -24.33 -0.52
CA ILE E 327 8.44 -24.32 0.73
C ILE E 327 9.15 -23.46 1.78
N ILE E 328 10.45 -23.67 1.91
CA ILE E 328 11.24 -22.94 2.90
C ILE E 328 11.21 -21.44 2.62
N THR E 329 11.27 -21.05 1.35
CA THR E 329 11.24 -19.63 1.02
C THR E 329 9.87 -19.01 1.32
N GLY E 330 8.80 -19.70 0.94
CA GLY E 330 7.48 -19.11 1.10
C GLY E 330 7.08 -18.90 2.55
N VAL E 331 7.58 -19.73 3.46
CA VAL E 331 7.33 -19.47 4.87
C VAL E 331 8.02 -18.18 5.32
N ASN E 332 9.34 -18.10 5.14
CA ASN E 332 10.10 -17.04 5.78
C ASN E 332 9.90 -15.67 5.14
N ALA E 333 9.30 -15.61 3.94
CA ALA E 333 9.01 -14.35 3.30
C ALA E 333 7.99 -13.51 4.06
N SER E 334 7.30 -14.10 5.04
CA SER E 334 6.15 -13.43 5.64
C SER E 334 6.46 -12.70 6.95
N MET E 335 7.54 -13.05 7.64
CA MET E 335 7.88 -12.73 9.02
C MET E 335 8.99 -11.68 9.10
N PRO E 336 9.17 -11.03 10.26
CA PRO E 336 10.32 -10.14 10.43
C PRO E 336 11.64 -10.91 10.47
N ARG E 337 12.71 -10.22 10.06
CA ARG E 337 14.05 -10.79 9.94
C ARG E 337 14.82 -10.84 11.26
N VAL E 338 14.32 -11.67 12.18
CA VAL E 338 14.91 -11.79 13.52
C VAL E 338 16.22 -12.58 13.46
N SER E 339 17.06 -12.40 14.49
CA SER E 339 18.43 -12.91 14.51
C SER E 339 18.55 -14.29 15.16
N TYR E 340 17.47 -15.07 15.20
CA TYR E 340 17.45 -16.36 15.90
C TYR E 340 16.48 -17.29 15.19
N ILE E 341 16.60 -18.59 15.47
CA ILE E 341 15.85 -19.60 14.74
C ILE E 341 14.49 -19.80 15.40
N LYS E 342 13.47 -19.99 14.56
CA LYS E 342 12.09 -20.23 14.97
C LYS E 342 11.78 -21.72 14.86
N ALA E 343 10.75 -22.14 15.60
CA ALA E 343 10.44 -23.58 15.69
C ALA E 343 10.05 -24.15 14.34
N VAL E 344 9.50 -23.34 13.43
CA VAL E 344 9.12 -23.85 12.11
C VAL E 344 10.35 -24.07 11.23
N ASP E 345 11.39 -23.25 11.45
CA ASP E 345 12.62 -23.36 10.67
C ASP E 345 13.29 -24.70 10.89
N ILE E 346 13.28 -25.18 12.14
CA ILE E 346 13.93 -26.42 12.51
C ILE E 346 13.32 -27.58 11.71
N TYR E 347 11.99 -27.65 11.69
CA TYR E 347 11.30 -28.71 10.99
C TYR E 347 11.61 -28.69 9.50
N LEU E 348 11.57 -27.52 8.88
CA LEU E 348 11.78 -27.50 7.44
C LEU E 348 13.23 -27.83 7.05
N TRP E 349 14.23 -27.37 7.82
CA TRP E 349 15.59 -27.66 7.40
C TRP E 349 15.97 -29.12 7.68
N VAL E 350 15.42 -29.72 8.74
CA VAL E 350 15.63 -31.16 8.95
C VAL E 350 14.99 -31.96 7.81
N SER E 351 13.79 -31.57 7.39
CA SER E 351 13.15 -32.24 6.25
C SER E 351 14.00 -32.11 4.99
N PHE E 352 14.64 -30.96 4.81
CA PHE E 352 15.51 -30.75 3.66
C PHE E 352 16.69 -31.72 3.65
N VAL E 353 17.40 -31.88 4.79
CA VAL E 353 18.54 -32.80 4.76
C VAL E 353 18.06 -34.24 4.52
N PHE E 354 16.90 -34.62 5.09
CA PHE E 354 16.38 -35.96 4.79
C PHE E 354 16.21 -36.16 3.29
N VAL E 355 15.71 -35.15 2.58
CA VAL E 355 15.52 -35.31 1.14
C VAL E 355 16.85 -35.29 0.39
N PHE E 356 17.78 -34.42 0.82
CA PHE E 356 19.08 -34.29 0.18
C PHE E 356 19.87 -35.59 0.24
N LEU E 357 19.79 -36.29 1.38
CA LEU E 357 20.57 -37.53 1.54
C LEU E 357 20.11 -38.64 0.60
N SER E 358 18.83 -38.60 0.17
CA SER E 358 18.35 -39.68 -0.68
C SER E 358 18.98 -39.62 -2.07
N VAL E 359 19.56 -38.47 -2.43
CA VAL E 359 20.17 -38.28 -3.73
C VAL E 359 21.60 -38.84 -3.71
N LEU E 360 22.28 -38.63 -2.57
CA LEU E 360 23.62 -39.16 -2.40
C LEU E 360 23.60 -40.69 -2.31
N GLU E 361 22.51 -41.25 -1.76
CA GLU E 361 22.41 -42.70 -1.66
C GLU E 361 22.40 -43.37 -3.03
N TYR E 362 21.58 -42.87 -3.96
CA TYR E 362 21.53 -43.46 -5.29
C TYR E 362 22.81 -43.20 -6.06
N ALA E 363 23.46 -42.05 -5.84
CA ALA E 363 24.77 -41.86 -6.47
C ALA E 363 25.75 -42.94 -6.02
N ALA E 364 25.71 -43.31 -4.74
CA ALA E 364 26.59 -44.37 -4.26
C ALA E 364 26.29 -45.70 -4.93
N VAL E 365 25.01 -46.03 -5.10
CA VAL E 365 24.66 -47.33 -5.66
C VAL E 365 25.05 -47.41 -7.14
N ASN E 366 24.91 -46.30 -7.87
CA ASN E 366 25.35 -46.25 -9.26
C ASN E 366 26.87 -46.43 -9.38
N TYR E 367 27.63 -45.75 -8.51
CA TYR E 367 29.09 -45.89 -8.55
C TYR E 367 29.53 -47.32 -8.25
N LEU E 368 28.97 -47.92 -7.20
CA LEU E 368 29.42 -49.26 -6.83
C LEU E 368 29.00 -50.30 -7.87
N THR E 369 27.81 -50.14 -8.46
CA THR E 369 27.45 -50.98 -9.61
C THR E 369 28.48 -50.85 -10.73
N THR E 370 28.94 -49.63 -11.03
CA THR E 370 29.90 -49.49 -12.13
C THR E 370 31.23 -50.15 -11.79
N VAL E 371 31.63 -50.11 -10.52
CA VAL E 371 32.85 -50.81 -10.12
C VAL E 371 32.68 -52.32 -10.29
N GLN E 372 31.48 -52.83 -10.00
CA GLN E 372 31.23 -54.26 -10.20
C GLN E 372 31.30 -54.63 -11.68
N GLU E 373 30.75 -53.77 -12.55
CA GLU E 373 30.88 -53.98 -13.99
C GLU E 373 32.35 -54.03 -14.42
N ARG E 374 33.16 -53.10 -13.91
CA ARG E 374 34.56 -53.07 -14.27
C ARG E 374 35.30 -54.31 -13.76
N LYS E 375 34.85 -54.89 -12.64
CA LYS E 375 35.48 -56.12 -12.16
C LYS E 375 35.03 -57.33 -12.98
N GLU E 376 33.77 -57.35 -13.42
CA GLU E 376 33.29 -58.52 -14.15
C GLU E 376 33.83 -58.54 -15.56
N GLN E 377 34.10 -57.38 -16.13
CA GLN E 377 34.59 -57.21 -17.49
C GLN E 377 36.03 -57.59 -17.80
N ASP E 451 18.72 -58.20 -9.12
CA ASP E 451 18.86 -58.23 -7.66
C ASP E 451 18.80 -56.82 -7.07
N THR E 452 18.69 -56.75 -5.76
CA THR E 452 18.61 -55.48 -5.02
C THR E 452 19.88 -55.26 -4.23
N HIS E 453 20.41 -54.04 -4.28
CA HIS E 453 21.68 -53.76 -3.64
C HIS E 453 21.45 -53.62 -2.13
N ALA E 454 22.48 -53.95 -1.35
CA ALA E 454 22.33 -53.91 0.10
C ALA E 454 21.98 -52.50 0.59
N ILE E 455 22.41 -51.48 -0.15
CA ILE E 455 22.12 -50.11 0.25
C ILE E 455 20.63 -49.82 0.10
N ASP E 456 20.04 -50.27 -1.00
CA ASP E 456 18.58 -50.15 -1.19
C ASP E 456 17.82 -50.90 -0.10
N LYS E 457 18.25 -52.13 0.18
CA LYS E 457 17.62 -53.02 1.14
C LYS E 457 17.53 -52.38 2.51
N TYR E 458 18.64 -51.74 2.94
CA TYR E 458 18.68 -51.13 4.26
C TYR E 458 17.94 -49.78 4.30
N SER E 459 18.01 -49.03 3.19
CA SER E 459 17.41 -47.71 3.17
C SER E 459 15.89 -47.78 3.35
N ARG E 460 15.27 -48.79 2.73
CA ARG E 460 13.83 -49.03 2.89
C ARG E 460 13.38 -49.11 4.35
N ILE E 461 14.30 -49.42 5.25
CA ILE E 461 14.00 -49.55 6.68
C ILE E 461 14.42 -48.31 7.44
N ILE E 462 15.60 -47.78 7.10
CA ILE E 462 16.24 -46.83 7.99
C ILE E 462 15.66 -45.43 7.81
N PHE E 463 15.40 -45.01 6.56
CA PHE E 463 14.92 -43.64 6.40
C PHE E 463 13.58 -43.41 7.12
N PRO E 464 12.57 -44.28 6.98
CA PRO E 464 11.28 -43.98 7.63
C PRO E 464 11.35 -44.04 9.15
N ALA E 465 12.09 -45.02 9.71
CA ALA E 465 12.26 -45.08 11.16
C ALA E 465 12.84 -43.78 11.68
N ALA E 466 13.86 -43.25 11.00
CA ALA E 466 14.57 -42.07 11.50
C ALA E 466 13.65 -40.86 11.50
N TYR E 467 12.85 -40.69 10.45
CA TYR E 467 11.92 -39.56 10.46
C TYR E 467 10.85 -39.70 11.53
N ILE E 468 10.38 -40.91 11.80
CA ILE E 468 9.38 -41.09 12.86
C ILE E 468 9.98 -40.74 14.21
N LEU E 469 11.24 -41.13 14.44
CA LEU E 469 11.91 -40.76 15.69
C LEU E 469 12.02 -39.24 15.83
N PHE E 470 12.36 -38.57 14.73
CA PHE E 470 12.47 -37.11 14.76
C PHE E 470 11.14 -36.47 15.15
N ASN E 471 10.05 -36.93 14.53
CA ASN E 471 8.75 -36.34 14.83
C ASN E 471 8.35 -36.55 16.28
N LEU E 472 8.61 -37.75 16.81
CA LEU E 472 8.30 -38.00 18.21
C LEU E 472 9.03 -37.00 19.12
N ILE E 473 10.32 -36.76 18.86
CA ILE E 473 11.07 -35.82 19.69
C ILE E 473 10.53 -34.39 19.56
N TYR E 474 10.28 -33.96 18.32
CA TYR E 474 9.90 -32.57 18.05
C TYR E 474 8.57 -32.25 18.73
N TRP E 475 7.57 -33.11 18.54
CA TRP E 475 6.30 -32.81 19.19
C TRP E 475 6.30 -33.13 20.67
N SER E 476 7.33 -33.82 21.19
CA SER E 476 7.54 -33.82 22.64
C SER E 476 8.11 -32.50 23.16
N ILE E 477 8.90 -31.79 22.36
CA ILE E 477 9.49 -30.54 22.83
C ILE E 477 8.51 -29.39 22.72
N PHE E 478 7.81 -29.30 21.59
CA PHE E 478 6.93 -28.15 21.35
C PHE E 478 5.46 -28.44 21.60
N SER E 479 5.12 -29.68 21.95
CA SER E 479 3.81 -30.07 22.49
C SER E 479 2.58 -29.66 21.67
#